data_3VJC
#
_entry.id   3VJC
#
_cell.length_a   85.873
_cell.length_b   153.153
_cell.length_c   91.855
_cell.angle_alpha   90.00
_cell.angle_beta   91.72
_cell.angle_gamma   90.00
#
_symmetry.space_group_name_H-M   'P 1 21 1'
#
loop_
_entity.id
_entity.type
_entity.pdbx_description
1 polymer 'Squalene synthase'
2 non-polymer 'Zaragozic acid A'
3 non-polymer 'PHOSPHATE ION'
4 non-polymer 'MAGNESIUM ION'
5 water water
#
_entity_poly.entity_id   1
_entity_poly.type   'polypeptide(L)'
_entity_poly.pdbx_seq_one_letter_code
;GSHMDQDSLSSSLKTCYKYLNQTSRSFAAVIQALDGEMRNAVCIFYLVLRALDTLEDDMTISVEKKVPLLHNFHSFLYQP
DWRFMESKEKDRQVLEDFPTISLEFRNLAEKYQTVIADICRRMGIGMAEFLDKHVTSEQEWDKYCHYVAGLVGIGLSRLF
SASEFEDPLVGEDTERANSMGLFLQKTNIIRDYLEDQQGGREFWPQEVWSRYVKKLGDFAKPENIDLAVQCLNELITNAL
HHIPDVITYLSRLRNQSVFNFCAIPQVMAIATLAACYNNQQVFKGAVKIRKGQAVTLMMDATNMPAVKAIIYQYMEEIYH
RIPDSDPSSSKTRQIISTIRTQN
;
_entity_poly.pdbx_strand_id   A,B,C,D,E,F
#
loop_
_chem_comp.id
_chem_comp.type
_chem_comp.name
_chem_comp.formula
MG non-polymer 'MAGNESIUM ION' 'Mg 2'
PO4 non-polymer 'PHOSPHATE ION' 'O4 P -3'
ZGA non-polymer 'Zaragozic acid A' 'C35 H46 O14'
#
# COMPACT_ATOMS: atom_id res chain seq x y z
N LEU A 9 2.06 28.49 19.20
CA LEU A 9 2.69 29.38 20.21
C LEU A 9 2.81 30.82 19.67
N SER A 10 3.01 31.01 18.36
CA SER A 10 3.00 32.34 17.72
C SER A 10 1.68 33.10 17.86
N SER A 11 1.75 34.34 18.36
CA SER A 11 0.53 35.13 18.54
C SER A 11 -0.17 35.47 17.22
N SER A 12 0.56 35.79 16.16
CA SER A 12 -0.06 36.02 14.84
C SER A 12 -0.70 34.75 14.29
N LEU A 13 -0.09 33.59 14.47
CA LEU A 13 -0.72 32.36 13.98
C LEU A 13 -1.98 32.02 14.77
N LYS A 14 -1.92 32.20 16.09
CA LYS A 14 -3.09 32.04 16.93
C LYS A 14 -4.25 32.92 16.43
N THR A 15 -3.92 34.16 16.10
CA THR A 15 -4.89 35.09 15.52
C THR A 15 -5.46 34.59 14.20
N CYS A 16 -4.61 34.04 13.32
CA CYS A 16 -5.13 33.45 12.08
C CYS A 16 -6.12 32.30 12.32
N TYR A 17 -5.84 31.43 13.28
CA TYR A 17 -6.79 30.37 13.61
C TYR A 17 -8.07 30.90 14.24
N LYS A 18 -7.98 32.00 14.99
CA LYS A 18 -9.17 32.70 15.47
C LYS A 18 -10.03 33.17 14.30
N TYR A 19 -9.41 33.87 13.36
CA TYR A 19 -10.13 34.31 12.16
C TYR A 19 -10.65 33.13 11.35
N LEU A 20 -9.89 32.03 11.21
CA LEU A 20 -10.43 30.87 10.50
C LEU A 20 -11.76 30.42 11.10
N ASN A 21 -11.78 30.32 12.43
CA ASN A 21 -12.99 29.97 13.17
C ASN A 21 -14.12 30.98 13.27
N GLN A 22 -13.79 32.28 13.28
CA GLN A 22 -14.82 33.32 13.21
C GLN A 22 -15.53 33.28 11.86
N THR A 23 -14.81 32.91 10.79
CA THR A 23 -15.38 33.02 9.46
C THR A 23 -15.95 31.70 8.92
N SER A 24 -15.29 30.58 9.16
CA SER A 24 -15.67 29.32 8.55
C SER A 24 -16.40 28.41 9.54
N ARG A 25 -17.68 28.15 9.30
CA ARG A 25 -18.40 27.16 10.11
C ARG A 25 -18.14 25.73 9.63
N SER A 26 -17.86 25.53 8.35
CA SER A 26 -17.84 24.17 7.82
C SER A 26 -16.49 23.67 7.30
N PHE A 27 -15.51 24.54 7.03
CA PHE A 27 -14.19 24.09 6.61
C PHE A 27 -13.13 24.07 7.73
N ALA A 28 -13.31 24.89 8.76
CA ALA A 28 -12.26 25.07 9.76
C ALA A 28 -11.78 23.77 10.40
N ALA A 29 -12.72 22.91 10.77
CA ALA A 29 -12.39 21.70 11.51
C ALA A 29 -11.62 20.73 10.62
N VAL A 30 -12.03 20.56 9.36
CA VAL A 30 -11.28 19.69 8.46
C VAL A 30 -9.95 20.28 8.02
N ILE A 31 -9.86 21.61 7.94
CA ILE A 31 -8.54 22.24 7.74
C ILE A 31 -7.61 21.99 8.93
N GLN A 32 -8.12 22.20 10.14
CA GLN A 32 -7.30 21.96 11.34
C GLN A 32 -6.88 20.50 11.51
N ALA A 33 -7.61 19.57 10.89
CA ALA A 33 -7.30 18.14 10.91
C ALA A 33 -6.24 17.74 9.89
N LEU A 34 -5.83 18.67 9.02
CA LEU A 34 -4.85 18.33 7.98
C LEU A 34 -3.46 18.04 8.55
N ASP A 35 -2.76 17.06 7.97
CA ASP A 35 -1.40 16.68 8.41
C ASP A 35 -0.33 17.74 8.18
N GLY A 36 0.58 17.85 9.16
CA GLY A 36 1.83 18.59 9.06
C GLY A 36 1.68 19.99 8.50
N GLU A 37 2.52 20.30 7.51
CA GLU A 37 2.56 21.64 6.96
C GLU A 37 1.31 22.06 6.19
N MET A 38 0.49 21.09 5.76
CA MET A 38 -0.73 21.44 5.04
C MET A 38 -1.68 22.24 5.93
N ARG A 39 -1.63 22.01 7.24
CA ARG A 39 -2.59 22.66 8.14
C ARG A 39 -2.45 24.18 8.04
N ASN A 40 -1.26 24.70 8.35
CA ASN A 40 -1.01 26.14 8.26
C ASN A 40 -1.18 26.65 6.83
N ALA A 41 -0.64 25.93 5.85
CA ALA A 41 -0.72 26.37 4.46
C ALA A 41 -2.17 26.57 3.99
N VAL A 42 -3.04 25.63 4.33
CA VAL A 42 -4.45 25.74 3.94
C VAL A 42 -5.24 26.74 4.79
N CYS A 43 -4.94 26.84 6.08
CA CYS A 43 -5.50 27.91 6.91
C CYS A 43 -5.25 29.28 6.28
N ILE A 44 -3.99 29.50 5.92
CA ILE A 44 -3.61 30.80 5.34
C ILE A 44 -4.23 30.97 3.96
N PHE A 45 -4.22 29.92 3.14
CA PHE A 45 -4.87 30.01 1.83
C PHE A 45 -6.35 30.38 1.97
N TYR A 46 -7.04 29.71 2.90
CA TYR A 46 -8.43 30.05 3.21
C TYR A 46 -8.60 31.55 3.55
N LEU A 47 -7.80 32.05 4.49
CA LEU A 47 -7.98 33.44 4.92
C LEU A 47 -7.66 34.45 3.82
N VAL A 48 -6.64 34.18 3.01
CA VAL A 48 -6.29 35.11 1.93
C VAL A 48 -7.39 35.11 0.87
N LEU A 49 -7.92 33.93 0.53
CA LEU A 49 -9.02 33.90 -0.43
C LEU A 49 -10.29 34.48 0.16
N ARG A 50 -10.49 34.30 1.47
CA ARG A 50 -11.63 34.94 2.13
C ARG A 50 -11.58 36.48 2.02
N ALA A 51 -10.39 37.03 2.17
CA ALA A 51 -10.18 38.47 2.08
C ALA A 51 -10.50 38.92 0.65
N LEU A 52 -10.02 38.16 -0.33
CA LEU A 52 -10.30 38.50 -1.73
C LEU A 52 -11.80 38.42 -2.03
N ASP A 53 -12.45 37.35 -1.56
CA ASP A 53 -13.89 37.18 -1.71
C ASP A 53 -14.70 38.33 -1.12
N THR A 54 -14.29 38.79 0.06
CA THR A 54 -14.92 39.91 0.76
C THR A 54 -14.84 41.21 -0.07
N LEU A 55 -13.71 41.47 -0.70
CA LEU A 55 -13.59 42.58 -1.65
C LEU A 55 -14.52 42.39 -2.85
N GLU A 56 -14.52 41.20 -3.45
CA GLU A 56 -15.34 40.93 -4.63
C GLU A 56 -16.81 41.25 -4.33
N ASP A 57 -17.25 40.82 -3.15
CA ASP A 57 -18.65 40.87 -2.79
C ASP A 57 -19.18 42.19 -2.27
N ASP A 58 -18.28 43.06 -1.85
CA ASP A 58 -18.69 44.31 -1.22
C ASP A 58 -19.24 45.31 -2.25
N MET A 59 -20.55 45.50 -2.24
CA MET A 59 -21.17 46.39 -3.21
C MET A 59 -21.02 47.88 -2.89
N THR A 60 -20.46 48.21 -1.74
CA THR A 60 -20.16 49.60 -1.40
C THR A 60 -18.85 50.07 -2.01
N ILE A 61 -18.06 49.16 -2.58
CA ILE A 61 -16.81 49.51 -3.24
C ILE A 61 -17.11 49.71 -4.73
N SER A 62 -16.85 50.92 -5.23
CA SER A 62 -17.11 51.22 -6.64
C SER A 62 -16.31 50.28 -7.56
N VAL A 63 -16.82 50.03 -8.75
CA VAL A 63 -16.14 49.10 -9.66
C VAL A 63 -14.73 49.61 -9.97
N GLU A 64 -14.55 50.92 -10.12
CA GLU A 64 -13.24 51.43 -10.51
C GLU A 64 -12.22 51.38 -9.36
N LYS A 65 -12.71 51.36 -8.13
CA LYS A 65 -11.84 51.13 -6.98
C LYS A 65 -11.57 49.63 -6.83
N LYS A 66 -12.58 48.82 -7.15
CA LYS A 66 -12.51 47.39 -6.92
C LYS A 66 -11.59 46.70 -7.92
N VAL A 67 -11.58 47.15 -9.17
CA VAL A 67 -10.76 46.47 -10.18
C VAL A 67 -9.28 46.42 -9.80
N PRO A 68 -8.67 47.55 -9.42
CA PRO A 68 -7.27 47.47 -9.00
C PRO A 68 -7.08 46.64 -7.73
N LEU A 69 -7.99 46.73 -6.77
CA LEU A 69 -7.87 45.88 -5.58
C LEU A 69 -7.80 44.39 -5.94
N LEU A 70 -8.65 43.96 -6.87
CA LEU A 70 -8.69 42.56 -7.28
C LEU A 70 -7.46 42.20 -8.09
N HIS A 71 -7.09 43.05 -9.05
CA HIS A 71 -5.89 42.81 -9.87
C HIS A 71 -4.62 42.73 -9.03
N ASN A 72 -4.50 43.62 -8.04
CA ASN A 72 -3.25 43.76 -7.29
C ASN A 72 -3.21 43.00 -5.95
N PHE A 73 -4.30 42.32 -5.61
CA PHE A 73 -4.36 41.61 -4.33
C PHE A 73 -3.16 40.69 -4.07
N HIS A 74 -2.77 39.90 -5.07
CA HIS A 74 -1.58 39.04 -4.93
C HIS A 74 -0.31 39.82 -4.51
N SER A 75 -0.15 41.05 -4.98
CA SER A 75 0.95 41.92 -4.54
C SER A 75 0.89 42.32 -3.07
N PHE A 76 -0.33 42.50 -2.56
CA PHE A 76 -0.50 42.93 -1.16
C PHE A 76 0.05 41.90 -0.17
N LEU A 77 0.11 40.65 -0.58
CA LEU A 77 0.70 39.56 0.23
C LEU A 77 2.14 39.86 0.66
N TYR A 78 2.83 40.63 -0.19
CA TYR A 78 4.21 41.05 0.05
C TYR A 78 4.35 42.48 0.55
N GLN A 79 3.24 43.11 0.97
CA GLN A 79 3.27 44.49 1.48
C GLN A 79 2.86 44.44 2.95
N PRO A 80 3.85 44.46 3.86
CA PRO A 80 3.52 44.09 5.23
C PRO A 80 2.49 44.98 5.92
N ASP A 81 2.36 46.23 5.49
CA ASP A 81 1.42 47.13 6.15
C ASP A 81 0.10 47.24 5.41
N TRP A 82 -0.06 46.54 4.28
CA TRP A 82 -1.31 46.64 3.53
C TRP A 82 -2.48 46.12 4.34
N ARG A 83 -3.56 46.90 4.34
CA ARG A 83 -4.83 46.52 4.96
C ARG A 83 -5.94 47.25 4.22
N PHE A 84 -7.18 46.88 4.45
CA PHE A 84 -8.28 47.63 3.84
C PHE A 84 -9.31 47.95 4.90
N MET A 85 -9.54 49.25 5.12
CA MET A 85 -10.36 49.71 6.23
C MET A 85 -11.77 50.17 5.85
N GLU A 86 -12.14 50.07 4.57
CA GLU A 86 -13.42 50.63 4.12
C GLU A 86 -14.52 49.61 3.83
N SER A 87 -14.27 48.35 4.13
CA SER A 87 -15.28 47.35 3.84
C SER A 87 -16.45 47.46 4.81
N LYS A 88 -17.64 47.14 4.32
CA LYS A 88 -18.84 47.08 5.12
C LYS A 88 -19.32 45.64 5.25
N GLU A 89 -18.51 44.68 4.83
CA GLU A 89 -18.90 43.27 4.85
C GLU A 89 -18.75 42.63 6.24
N LYS A 90 -19.50 41.57 6.51
CA LYS A 90 -19.47 40.92 7.83
C LYS A 90 -18.11 40.31 8.17
N ASP A 91 -17.34 39.91 7.16
CA ASP A 91 -16.04 39.25 7.37
C ASP A 91 -14.84 40.19 7.24
N ARG A 92 -15.11 41.49 7.37
CA ARG A 92 -14.09 42.50 7.15
C ARG A 92 -12.88 42.48 8.08
N GLN A 93 -12.95 41.77 9.21
CA GLN A 93 -11.78 41.67 10.07
C GLN A 93 -10.55 41.10 9.34
N VAL A 94 -10.73 40.19 8.38
CA VAL A 94 -9.61 39.68 7.59
C VAL A 94 -8.96 40.71 6.68
N LEU A 95 -9.70 41.72 6.23
CA LEU A 95 -9.12 42.86 5.52
C LEU A 95 -8.50 43.89 6.46
N GLU A 96 -9.17 44.17 7.58
CA GLU A 96 -8.73 45.19 8.50
C GLU A 96 -7.46 44.74 9.22
N ASP A 97 -7.31 43.44 9.43
CA ASP A 97 -6.09 42.93 10.03
C ASP A 97 -5.32 42.06 9.04
N PHE A 98 -5.35 42.44 7.77
CA PHE A 98 -4.57 41.70 6.76
C PHE A 98 -3.08 41.55 7.04
N PRO A 99 -2.40 42.55 7.66
CA PRO A 99 -0.98 42.40 8.02
C PRO A 99 -0.68 41.16 8.87
N THR A 100 -1.57 40.79 9.78
CA THR A 100 -1.37 39.55 10.53
C THR A 100 -1.42 38.31 9.64
N ILE A 101 -2.37 38.29 8.71
CA ILE A 101 -2.51 37.18 7.76
C ILE A 101 -1.32 37.14 6.79
N SER A 102 -0.91 38.27 6.22
CA SER A 102 0.19 38.28 5.25
C SER A 102 1.53 37.95 5.91
N LEU A 103 1.67 38.34 7.18
CA LEU A 103 2.85 37.96 7.93
C LEU A 103 2.94 36.44 8.02
N GLU A 104 1.82 35.79 8.33
CA GLU A 104 1.86 34.32 8.43
C GLU A 104 2.01 33.68 7.05
N PHE A 105 1.46 34.33 6.03
CA PHE A 105 1.69 33.87 4.65
C PHE A 105 3.18 33.88 4.31
N ARG A 106 3.86 34.97 4.68
CA ARG A 106 5.27 35.11 4.41
C ARG A 106 6.13 34.19 5.27
N ASN A 107 5.57 33.61 6.34
CA ASN A 107 6.27 32.58 7.12
C ASN A 107 6.15 31.16 6.55
N LEU A 108 5.27 30.97 5.58
CA LEU A 108 5.11 29.68 4.90
C LEU A 108 6.33 29.37 4.05
N ALA A 109 6.60 28.09 3.83
CA ALA A 109 7.66 27.73 2.88
C ALA A 109 7.35 28.37 1.52
N GLU A 110 8.39 28.75 0.81
CA GLU A 110 8.29 29.33 -0.53
C GLU A 110 7.43 28.53 -1.51
N LYS A 111 7.56 27.20 -1.49
CA LYS A 111 6.70 26.40 -2.38
C LYS A 111 5.20 26.65 -2.15
N TYR A 112 4.78 26.93 -0.92
CA TYR A 112 3.36 27.22 -0.68
C TYR A 112 2.98 28.66 -1.06
N GLN A 113 3.88 29.59 -0.79
CA GLN A 113 3.66 31.00 -1.16
C GLN A 113 3.44 31.09 -2.66
N THR A 114 4.27 30.38 -3.42
CA THR A 114 4.22 30.44 -4.87
C THR A 114 2.84 30.01 -5.39
N VAL A 115 2.31 28.90 -4.87
CA VAL A 115 0.97 28.44 -5.24
C VAL A 115 -0.11 29.48 -4.88
N ILE A 116 -0.06 29.95 -3.63
CA ILE A 116 -1.11 30.83 -3.11
C ILE A 116 -1.11 32.17 -3.89
N ALA A 117 0.07 32.74 -4.09
CA ALA A 117 0.17 34.00 -4.84
C ALA A 117 -0.31 33.84 -6.28
N ASP A 118 0.03 32.71 -6.91
CA ASP A 118 -0.35 32.45 -8.31
C ASP A 118 -1.88 32.39 -8.39
N ILE A 119 -2.52 31.69 -7.46
CA ILE A 119 -3.96 31.56 -7.49
C ILE A 119 -4.63 32.92 -7.26
N CYS A 120 -4.14 33.67 -6.27
CA CYS A 120 -4.67 35.00 -6.00
C CYS A 120 -4.54 35.89 -7.23
N ARG A 121 -3.39 35.84 -7.90
CA ARG A 121 -3.17 36.64 -9.12
C ARG A 121 -4.24 36.31 -10.19
N ARG A 122 -4.42 35.02 -10.48
CA ARG A 122 -5.37 34.57 -11.49
C ARG A 122 -6.83 34.79 -11.08
N MET A 123 -7.19 34.50 -9.83
CA MET A 123 -8.54 34.74 -9.35
C MET A 123 -8.95 36.22 -9.40
N GLY A 124 -8.04 37.10 -9.01
CA GLY A 124 -8.31 38.54 -9.03
C GLY A 124 -8.69 39.03 -10.40
N ILE A 125 -7.95 38.57 -11.41
CA ILE A 125 -8.26 38.93 -12.80
C ILE A 125 -9.63 38.40 -13.21
N GLY A 126 -9.91 37.14 -12.87
CA GLY A 126 -11.20 36.55 -13.22
C GLY A 126 -12.37 37.24 -12.53
N MET A 127 -12.17 37.56 -11.25
CA MET A 127 -13.20 38.26 -10.49
C MET A 127 -13.45 39.63 -11.08
N ALA A 128 -12.37 40.33 -11.46
CA ALA A 128 -12.52 41.68 -11.99
C ALA A 128 -13.27 41.66 -13.32
N GLU A 129 -13.02 40.61 -14.11
CA GLU A 129 -13.67 40.47 -15.42
C GLU A 129 -15.19 40.39 -15.29
N PHE A 130 -15.67 39.74 -14.23
CA PHE A 130 -17.11 39.55 -14.04
C PHE A 130 -17.86 40.61 -13.25
N LEU A 131 -17.19 41.68 -12.81
CA LEU A 131 -17.89 42.70 -12.05
C LEU A 131 -19.02 43.40 -12.81
N ASP A 132 -18.85 43.63 -14.11
CA ASP A 132 -19.81 44.46 -14.85
C ASP A 132 -20.90 43.61 -15.51
N LYS A 133 -20.76 42.29 -15.47
CA LYS A 133 -21.58 41.47 -16.34
C LYS A 133 -22.16 40.28 -15.59
N HIS A 134 -23.26 39.74 -16.12
CA HIS A 134 -23.85 38.52 -15.61
C HIS A 134 -23.37 37.35 -16.45
N VAL A 135 -23.56 36.15 -15.93
CA VAL A 135 -23.21 34.94 -16.63
C VAL A 135 -24.25 34.72 -17.72
N THR A 136 -23.79 34.60 -18.96
CA THR A 136 -24.70 34.33 -20.08
C THR A 136 -24.78 32.84 -20.40
N SER A 137 -23.78 32.34 -21.13
CA SER A 137 -23.80 30.96 -21.61
C SER A 137 -23.36 30.00 -20.51
N GLU A 138 -23.65 28.72 -20.70
CA GLU A 138 -23.10 27.68 -19.82
C GLU A 138 -21.57 27.67 -19.83
N GLN A 139 -20.98 27.99 -20.98
CA GLN A 139 -19.52 28.14 -21.07
C GLN A 139 -19.02 29.29 -20.17
N GLU A 140 -19.72 30.43 -20.19
CA GLU A 140 -19.42 31.51 -19.26
C GLU A 140 -19.63 31.13 -17.79
N TRP A 141 -20.63 30.29 -17.53
CA TRP A 141 -20.85 29.79 -16.16
C TRP A 141 -19.63 28.99 -15.69
N ASP A 142 -19.12 28.12 -16.53
CA ASP A 142 -17.88 27.38 -16.23
C ASP A 142 -16.67 28.26 -15.99
N LYS A 143 -16.57 29.33 -16.79
CA LYS A 143 -15.49 30.31 -16.66
C LYS A 143 -15.58 31.03 -15.32
N TYR A 144 -16.77 31.55 -15.00
CA TYR A 144 -16.94 32.23 -13.71
C TYR A 144 -16.64 31.27 -12.55
N CYS A 145 -17.17 30.06 -12.62
CA CYS A 145 -16.93 29.06 -11.56
C CYS A 145 -15.46 28.67 -11.47
N HIS A 146 -14.77 28.67 -12.62
CA HIS A 146 -13.35 28.40 -12.64
C HIS A 146 -12.61 29.46 -11.81
N TYR A 147 -12.95 30.73 -12.06
CA TYR A 147 -12.29 31.83 -11.35
C TYR A 147 -12.50 31.84 -9.85
N VAL A 148 -13.71 31.51 -9.38
CA VAL A 148 -14.03 31.68 -7.95
C VAL A 148 -14.02 30.36 -7.18
N ALA A 149 -13.83 29.22 -7.85
CA ALA A 149 -13.92 27.93 -7.15
C ALA A 149 -13.01 26.90 -7.80
N GLY A 150 -13.02 26.78 -9.13
CA GLY A 150 -12.10 25.85 -9.79
C GLY A 150 -10.65 26.12 -9.40
N LEU A 151 -10.25 27.39 -9.41
CA LEU A 151 -8.90 27.78 -9.02
C LEU A 151 -8.60 27.46 -7.55
N VAL A 152 -9.62 27.47 -6.70
CA VAL A 152 -9.43 27.03 -5.31
C VAL A 152 -9.05 25.56 -5.28
N GLY A 153 -9.76 24.73 -6.06
CA GLY A 153 -9.46 23.29 -6.09
C GLY A 153 -8.07 23.06 -6.64
N ILE A 154 -7.75 23.79 -7.70
CA ILE A 154 -6.41 23.68 -8.27
C ILE A 154 -5.32 24.10 -7.29
N GLY A 155 -5.52 25.22 -6.60
CA GLY A 155 -4.56 25.67 -5.58
C GLY A 155 -4.39 24.67 -4.46
N LEU A 156 -5.48 24.13 -3.94
CA LEU A 156 -5.44 23.14 -2.86
C LEU A 156 -4.66 21.89 -3.28
N SER A 157 -4.96 21.44 -4.50
CA SER A 157 -4.35 20.25 -5.08
C SER A 157 -2.83 20.45 -5.22
N ARG A 158 -2.40 21.62 -5.65
CA ARG A 158 -0.99 21.99 -5.71
C ARG A 158 -0.37 22.09 -4.31
N LEU A 159 -1.10 22.59 -3.32
CA LEU A 159 -0.58 22.56 -1.95
C LEU A 159 -0.40 21.12 -1.43
N PHE A 160 -1.37 20.24 -1.69
CA PHE A 160 -1.25 18.84 -1.23
C PHE A 160 0.03 18.23 -1.80
N SER A 161 0.25 18.44 -3.09
CA SER A 161 1.41 17.84 -3.74
C SER A 161 2.71 18.54 -3.31
N ALA A 162 2.69 19.86 -3.12
CA ALA A 162 3.91 20.54 -2.67
C ALA A 162 4.36 20.04 -1.30
N SER A 163 3.40 19.68 -0.46
CA SER A 163 3.69 19.17 0.89
C SER A 163 4.27 17.76 0.87
N GLU A 164 4.08 17.09 -0.26
CA GLU A 164 4.44 15.69 -0.47
C GLU A 164 3.60 14.69 0.31
N PHE A 165 2.53 15.12 0.98
CA PHE A 165 1.59 14.15 1.53
C PHE A 165 0.78 13.47 0.45
N GLU A 166 0.60 14.16 -0.68
CA GLU A 166 0.00 13.53 -1.86
C GLU A 166 1.03 13.44 -2.97
N ASP A 167 0.83 12.44 -3.84
CA ASP A 167 1.63 12.20 -5.04
C ASP A 167 1.67 13.47 -5.93
N PRO A 168 2.77 13.70 -6.67
CA PRO A 168 2.77 14.82 -7.63
C PRO A 168 1.64 14.76 -8.67
N LEU A 169 1.13 13.56 -8.96
CA LEU A 169 0.03 13.42 -9.92
C LEU A 169 -1.24 14.14 -9.46
N VAL A 170 -1.40 14.35 -8.16
CA VAL A 170 -2.59 15.05 -7.65
C VAL A 170 -2.59 16.54 -8.09
N GLY A 171 -1.48 17.22 -7.82
CA GLY A 171 -1.31 18.62 -8.21
C GLY A 171 -1.28 18.78 -9.72
N GLU A 172 -0.73 17.79 -10.41
CA GLU A 172 -0.67 17.84 -11.87
C GLU A 172 -2.04 17.84 -12.56
N ASP A 173 -3.03 17.19 -11.96
CA ASP A 173 -4.32 17.03 -12.62
C ASP A 173 -5.18 18.28 -12.37
N THR A 174 -4.90 19.33 -13.12
CA THR A 174 -5.60 20.59 -12.88
C THR A 174 -7.04 20.53 -13.39
N GLU A 175 -7.29 19.73 -14.42
CA GLU A 175 -8.63 19.62 -14.99
C GLU A 175 -9.62 19.03 -13.97
N ARG A 176 -9.23 17.94 -13.31
CA ARG A 176 -10.15 17.35 -12.34
C ARG A 176 -10.22 18.12 -11.03
N ALA A 177 -9.12 18.76 -10.65
CA ALA A 177 -9.17 19.67 -9.49
C ALA A 177 -10.12 20.82 -9.78
N ASN A 178 -10.08 21.36 -11.01
CA ASN A 178 -11.04 22.37 -11.42
C ASN A 178 -12.49 21.86 -11.30
N SER A 179 -12.75 20.65 -11.79
CA SER A 179 -14.10 20.07 -11.64
C SER A 179 -14.60 19.95 -10.20
N MET A 180 -13.71 19.59 -9.28
CA MET A 180 -14.03 19.55 -7.84
C MET A 180 -14.61 20.90 -7.43
N GLY A 181 -13.94 21.99 -7.81
CA GLY A 181 -14.40 23.32 -7.45
C GLY A 181 -15.70 23.71 -8.14
N LEU A 182 -15.81 23.47 -9.44
CA LEU A 182 -17.03 23.74 -10.21
C LEU A 182 -18.23 23.03 -9.60
N PHE A 183 -18.03 21.78 -9.17
CA PHE A 183 -19.17 21.02 -8.64
C PHE A 183 -19.73 21.69 -7.38
N LEU A 184 -18.83 22.08 -6.50
CA LEU A 184 -19.24 22.71 -5.24
C LEU A 184 -19.91 24.04 -5.52
N GLN A 185 -19.32 24.81 -6.45
CA GLN A 185 -19.79 26.16 -6.69
C GLN A 185 -21.15 26.17 -7.40
N LYS A 186 -21.31 25.30 -8.40
CA LYS A 186 -22.60 25.16 -9.09
C LYS A 186 -23.68 24.70 -8.11
N THR A 187 -23.35 23.75 -7.23
CA THR A 187 -24.32 23.31 -6.21
C THR A 187 -24.76 24.49 -5.33
N ASN A 188 -23.78 25.25 -4.87
CA ASN A 188 -24.09 26.41 -4.04
C ASN A 188 -24.97 27.41 -4.76
N ILE A 189 -24.64 27.72 -6.00
CA ILE A 189 -25.40 28.67 -6.81
C ILE A 189 -26.83 28.19 -7.05
N ILE A 190 -26.97 26.89 -7.35
CA ILE A 190 -28.31 26.30 -7.51
C ILE A 190 -29.14 26.44 -6.23
N ARG A 191 -28.57 26.01 -5.09
CA ARG A 191 -29.25 26.00 -3.79
C ARG A 191 -29.64 27.40 -3.35
N ASP A 192 -28.81 28.39 -3.66
CA ASP A 192 -28.94 29.73 -3.10
C ASP A 192 -29.68 30.70 -4.00
N TYR A 193 -30.41 30.21 -4.99
CA TYR A 193 -31.22 31.08 -5.85
C TYR A 193 -31.94 32.21 -5.10
N LEU A 194 -32.72 31.80 -4.11
CA LEU A 194 -33.58 32.75 -3.42
C LEU A 194 -32.79 33.75 -2.57
N GLU A 195 -31.85 33.27 -1.78
CA GLU A 195 -30.97 34.15 -0.99
C GLU A 195 -30.28 35.17 -1.90
N ASP A 196 -29.78 34.68 -3.04
CA ASP A 196 -29.14 35.58 -4.00
C ASP A 196 -30.08 36.62 -4.61
N GLN A 197 -31.27 36.18 -5.04
CA GLN A 197 -32.28 37.06 -5.60
C GLN A 197 -32.70 38.15 -4.60
N GLN A 198 -32.82 37.79 -3.32
CA GLN A 198 -33.11 38.77 -2.28
C GLN A 198 -31.95 39.72 -2.01
N GLY A 199 -30.73 39.30 -2.30
CA GLY A 199 -29.59 40.20 -2.23
C GLY A 199 -29.30 40.92 -3.53
N GLY A 200 -30.17 40.74 -4.53
CA GLY A 200 -29.94 41.38 -5.83
C GLY A 200 -28.75 40.80 -6.60
N ARG A 201 -28.49 39.51 -6.43
CA ARG A 201 -27.38 38.87 -7.12
C ARG A 201 -27.94 37.84 -8.10
N GLU A 202 -27.33 37.74 -9.27
CA GLU A 202 -27.76 36.80 -10.31
C GLU A 202 -26.59 35.96 -10.77
N PHE A 203 -26.68 34.66 -10.52
CA PHE A 203 -25.58 33.76 -10.86
C PHE A 203 -26.07 32.64 -11.78
N TRP A 204 -27.38 32.45 -11.92
CA TRP A 204 -27.91 31.45 -12.85
C TRP A 204 -27.62 31.90 -14.29
N PRO A 205 -27.12 31.01 -15.16
CA PRO A 205 -26.78 31.47 -16.51
C PRO A 205 -27.98 31.91 -17.36
N GLN A 206 -27.86 33.13 -17.88
CA GLN A 206 -28.91 33.75 -18.67
C GLN A 206 -29.36 32.94 -19.88
N GLU A 207 -28.44 32.27 -20.57
CA GLU A 207 -28.82 31.46 -21.71
C GLU A 207 -29.77 30.31 -21.36
N VAL A 208 -29.67 29.83 -20.12
CA VAL A 208 -30.58 28.82 -19.60
C VAL A 208 -31.85 29.45 -19.04
N TRP A 209 -31.76 30.37 -18.08
CA TRP A 209 -33.00 30.86 -17.49
C TRP A 209 -33.94 31.61 -18.45
N SER A 210 -33.37 32.27 -19.45
CA SER A 210 -34.18 33.04 -20.39
C SER A 210 -35.01 32.18 -21.35
N ARG A 211 -34.76 30.87 -21.35
CA ARG A 211 -35.61 29.96 -22.09
C ARG A 211 -36.91 29.65 -21.36
N TYR A 212 -36.99 30.09 -20.11
CA TYR A 212 -38.16 29.82 -19.29
C TYR A 212 -38.92 31.09 -18.98
N VAL A 213 -38.20 32.13 -18.55
CA VAL A 213 -38.84 33.37 -18.09
C VAL A 213 -38.10 34.59 -18.63
N LYS A 214 -38.74 35.76 -18.53
CA LYS A 214 -38.17 37.01 -19.03
C LYS A 214 -37.10 37.61 -18.11
N LYS A 215 -37.28 37.43 -16.80
CA LYS A 215 -36.29 37.84 -15.80
C LYS A 215 -36.02 36.73 -14.80
N LEU A 216 -34.79 36.63 -14.30
CA LEU A 216 -34.43 35.58 -13.35
C LEU A 216 -35.27 35.64 -12.07
N GLY A 217 -35.60 36.85 -11.65
CA GLY A 217 -36.46 37.08 -10.49
C GLY A 217 -37.85 36.49 -10.64
N ASP A 218 -38.27 36.26 -11.88
CA ASP A 218 -39.57 35.67 -12.16
C ASP A 218 -39.75 34.28 -11.53
N PHE A 219 -38.66 33.56 -11.28
CA PHE A 219 -38.77 32.25 -10.61
C PHE A 219 -39.23 32.33 -9.15
N ALA A 220 -39.05 33.48 -8.52
CA ALA A 220 -39.55 33.69 -7.16
C ALA A 220 -41.07 33.85 -7.07
N LYS A 221 -41.70 34.18 -8.18
CA LYS A 221 -43.16 34.35 -8.25
C LYS A 221 -43.83 32.99 -8.35
N PRO A 222 -44.84 32.73 -7.49
CA PRO A 222 -45.52 31.44 -7.43
C PRO A 222 -46.18 30.97 -8.72
N GLU A 223 -46.57 31.89 -9.61
CA GLU A 223 -47.15 31.47 -10.88
C GLU A 223 -46.15 30.85 -11.84
N ASN A 224 -44.86 31.07 -11.60
CA ASN A 224 -43.82 30.52 -12.46
C ASN A 224 -43.17 29.25 -11.91
N ILE A 225 -43.76 28.63 -10.89
CA ILE A 225 -43.13 27.51 -10.19
C ILE A 225 -42.78 26.31 -11.07
N ASP A 226 -43.68 25.91 -11.96
CA ASP A 226 -43.38 24.77 -12.83
C ASP A 226 -42.18 25.03 -13.72
N LEU A 227 -42.13 26.23 -14.30
CA LEU A 227 -40.99 26.63 -15.13
C LEU A 227 -39.69 26.70 -14.33
N ALA A 228 -39.80 27.23 -13.12
CA ALA A 228 -38.64 27.38 -12.24
C ALA A 228 -38.03 26.03 -11.92
N VAL A 229 -38.89 25.04 -11.62
CA VAL A 229 -38.46 23.70 -11.29
C VAL A 229 -37.81 23.04 -12.50
N GLN A 230 -38.35 23.27 -13.70
CA GLN A 230 -37.74 22.76 -14.94
C GLN A 230 -36.34 23.32 -15.14
N CYS A 231 -36.19 24.62 -14.93
CA CYS A 231 -34.88 25.26 -15.02
C CYS A 231 -33.93 24.74 -13.93
N LEU A 232 -34.41 24.67 -12.70
CA LEU A 232 -33.67 24.01 -11.63
C LEU A 232 -33.12 22.64 -12.07
N ASN A 233 -34.00 21.81 -12.62
CA ASN A 233 -33.60 20.47 -13.02
C ASN A 233 -32.59 20.50 -14.15
N GLU A 234 -32.73 21.45 -15.07
CA GLU A 234 -31.74 21.62 -16.13
C GLU A 234 -30.36 21.98 -15.53
N LEU A 235 -30.30 22.94 -14.61
CA LEU A 235 -29.01 23.25 -13.99
C LEU A 235 -28.40 22.12 -13.15
N ILE A 236 -29.25 21.39 -12.43
CA ILE A 236 -28.75 20.23 -11.66
C ILE A 236 -28.11 19.22 -12.62
N THR A 237 -28.77 18.99 -13.75
CA THR A 237 -28.27 18.03 -14.74
C THR A 237 -26.90 18.46 -15.26
N ASN A 238 -26.75 19.76 -15.50
CA ASN A 238 -25.45 20.34 -15.83
C ASN A 238 -24.41 20.02 -14.75
N ALA A 239 -24.71 20.31 -13.49
CA ALA A 239 -23.75 20.08 -12.42
C ALA A 239 -23.34 18.62 -12.25
N LEU A 240 -24.26 17.67 -12.51
CA LEU A 240 -23.97 16.24 -12.34
C LEU A 240 -22.85 15.80 -13.26
N HIS A 241 -22.65 16.54 -14.36
CA HIS A 241 -21.54 16.22 -15.29
C HIS A 241 -20.15 16.21 -14.69
N HIS A 242 -19.94 16.89 -13.56
CA HIS A 242 -18.64 16.90 -12.88
C HIS A 242 -18.36 15.68 -12.01
N ILE A 243 -19.37 14.86 -11.77
CA ILE A 243 -19.21 13.74 -10.82
C ILE A 243 -18.16 12.71 -11.27
N PRO A 244 -18.11 12.33 -12.56
CA PRO A 244 -17.03 11.40 -12.89
C PRO A 244 -15.62 11.92 -12.58
N ASP A 245 -15.37 13.20 -12.87
CA ASP A 245 -14.08 13.79 -12.53
C ASP A 245 -13.88 13.82 -11.01
N VAL A 246 -14.94 14.12 -10.26
CA VAL A 246 -14.86 14.13 -8.78
C VAL A 246 -14.42 12.76 -8.28
N ILE A 247 -15.08 11.70 -8.78
CA ILE A 247 -14.72 10.34 -8.39
C ILE A 247 -13.27 9.99 -8.75
N THR A 248 -12.85 10.35 -9.95
CA THR A 248 -11.48 10.08 -10.36
C THR A 248 -10.50 10.86 -9.49
N TYR A 249 -10.77 12.14 -9.23
CA TYR A 249 -9.87 12.94 -8.37
C TYR A 249 -9.71 12.32 -6.98
N LEU A 250 -10.83 11.99 -6.37
CA LEU A 250 -10.82 11.45 -4.99
C LEU A 250 -10.14 10.07 -4.93
N SER A 251 -10.33 9.29 -5.98
CA SER A 251 -9.73 7.95 -6.10
C SER A 251 -8.20 7.96 -6.09
N ARG A 252 -7.59 9.08 -6.46
CA ARG A 252 -6.15 9.16 -6.52
C ARG A 252 -5.57 9.47 -5.14
N LEU A 253 -6.35 10.05 -4.21
CA LEU A 253 -5.79 10.52 -2.95
C LEU A 253 -5.31 9.36 -2.05
N ARG A 254 -4.18 9.56 -1.39
CA ARG A 254 -3.62 8.55 -0.50
C ARG A 254 -3.46 8.97 0.95
N ASN A 255 -3.64 10.25 1.25
CA ASN A 255 -3.50 10.75 2.62
C ASN A 255 -4.91 10.86 3.24
N GLN A 256 -5.15 10.23 4.38
CA GLN A 256 -6.46 10.24 5.04
C GLN A 256 -6.96 11.65 5.36
N SER A 257 -6.09 12.52 5.88
CA SER A 257 -6.54 13.87 6.26
C SER A 257 -6.98 14.68 5.03
N VAL A 258 -6.23 14.54 3.95
CA VAL A 258 -6.57 15.16 2.67
C VAL A 258 -7.85 14.55 2.10
N PHE A 259 -7.95 13.22 2.16
CA PHE A 259 -9.17 12.54 1.71
C PHE A 259 -10.40 13.10 2.42
N ASN A 260 -10.38 13.21 3.76
CA ASN A 260 -11.57 13.66 4.48
C ASN A 260 -11.92 15.09 4.07
N PHE A 261 -10.91 15.94 4.05
CA PHE A 261 -11.08 17.33 3.62
C PHE A 261 -11.71 17.44 2.23
N CYS A 262 -11.28 16.62 1.28
CA CYS A 262 -11.83 16.69 -0.09
C CYS A 262 -13.17 15.97 -0.30
N ALA A 263 -13.34 14.79 0.28
CA ALA A 263 -14.48 13.94 -0.03
C ALA A 263 -15.75 14.42 0.69
N ILE A 264 -15.61 14.90 1.91
CA ILE A 264 -16.80 15.25 2.68
C ILE A 264 -17.62 16.36 2.01
N PRO A 265 -16.96 17.45 1.58
CA PRO A 265 -17.76 18.48 0.91
C PRO A 265 -18.39 18.00 -0.39
N GLN A 266 -17.71 17.13 -1.15
CA GLN A 266 -18.31 16.62 -2.38
C GLN A 266 -19.57 15.80 -2.12
N VAL A 267 -19.54 14.98 -1.07
CA VAL A 267 -20.67 14.14 -0.71
C VAL A 267 -21.83 15.04 -0.24
N MET A 268 -21.48 16.05 0.56
CA MET A 268 -22.50 16.97 1.03
C MET A 268 -23.15 17.73 -0.13
N ALA A 269 -22.36 18.07 -1.16
CA ALA A 269 -22.90 18.75 -2.34
C ALA A 269 -23.80 17.80 -3.11
N ILE A 270 -23.39 16.54 -3.27
CA ILE A 270 -24.26 15.58 -3.93
C ILE A 270 -25.57 15.39 -3.17
N ALA A 271 -25.49 15.28 -1.85
CA ALA A 271 -26.67 15.20 -0.99
C ALA A 271 -27.57 16.43 -1.17
N THR A 272 -26.94 17.59 -1.35
CA THR A 272 -27.67 18.84 -1.58
C THR A 272 -28.37 18.85 -2.95
N LEU A 273 -27.67 18.45 -4.00
CA LEU A 273 -28.32 18.34 -5.32
C LEU A 273 -29.50 17.37 -5.28
N ALA A 274 -29.37 16.26 -4.57
CA ALA A 274 -30.46 15.30 -4.48
C ALA A 274 -31.69 15.85 -3.76
N ALA A 275 -31.47 16.60 -2.68
CA ALA A 275 -32.55 17.25 -1.93
C ALA A 275 -33.22 18.33 -2.77
N CYS A 276 -32.43 19.01 -3.60
CA CYS A 276 -32.93 20.08 -4.45
C CYS A 276 -33.62 19.61 -5.73
N TYR A 277 -33.27 18.42 -6.20
CA TYR A 277 -33.82 17.95 -7.49
C TYR A 277 -35.36 17.96 -7.53
N ASN A 278 -35.92 18.61 -8.54
CA ASN A 278 -37.37 18.62 -8.72
C ASN A 278 -38.11 19.14 -7.48
N ASN A 279 -37.48 20.04 -6.74
CA ASN A 279 -38.01 20.48 -5.46
C ASN A 279 -38.43 21.95 -5.47
N GLN A 280 -39.74 22.18 -5.40
CA GLN A 280 -40.31 23.53 -5.38
C GLN A 280 -39.77 24.41 -4.25
N GLN A 281 -39.38 23.81 -3.13
CA GLN A 281 -38.87 24.55 -1.98
C GLN A 281 -37.62 25.39 -2.27
N VAL A 282 -36.88 25.04 -3.32
CA VAL A 282 -35.74 25.86 -3.71
C VAL A 282 -36.15 27.31 -3.93
N PHE A 283 -37.37 27.49 -4.42
CA PHE A 283 -37.86 28.82 -4.76
C PHE A 283 -38.62 29.49 -3.63
N LYS A 284 -38.68 28.83 -2.48
CA LYS A 284 -39.39 29.37 -1.32
C LYS A 284 -38.46 29.49 -0.11
N GLY A 285 -37.26 28.93 -0.21
CA GLY A 285 -36.21 29.17 0.78
C GLY A 285 -35.19 28.05 0.92
N ALA A 286 -35.10 27.55 2.14
CA ALA A 286 -34.14 26.52 2.57
C ALA A 286 -34.63 25.10 2.33
N VAL A 287 -33.74 24.31 1.75
CA VAL A 287 -33.98 22.88 1.52
C VAL A 287 -33.25 22.01 2.56
N LYS A 288 -34.04 21.24 3.31
CA LYS A 288 -33.54 20.26 4.27
C LYS A 288 -32.87 19.08 3.58
N ILE A 289 -31.54 18.99 3.73
CA ILE A 289 -30.78 17.80 3.35
C ILE A 289 -31.25 16.66 4.24
N ARG A 290 -32.08 15.78 3.69
CA ARG A 290 -32.78 14.76 4.47
C ARG A 290 -31.90 13.62 5.02
N LYS A 291 -32.51 12.68 5.72
CA LYS A 291 -31.82 11.49 6.22
C LYS A 291 -31.93 10.37 5.18
N GLY A 292 -30.80 9.75 4.86
CA GLY A 292 -30.72 8.78 3.76
C GLY A 292 -31.18 7.36 4.09
N GLN A 293 -31.10 6.49 3.08
CA GLN A 293 -31.55 5.10 3.20
C GLN A 293 -30.69 4.22 4.11
N ALA A 294 -31.20 3.02 4.39
CA ALA A 294 -30.59 2.06 5.33
C ALA A 294 -29.11 1.77 5.07
N VAL A 295 -28.78 1.49 3.81
CA VAL A 295 -27.40 1.21 3.41
C VAL A 295 -26.47 2.41 3.61
N THR A 296 -26.99 3.62 3.40
CA THR A 296 -26.23 4.87 3.45
C THR A 296 -25.66 5.13 4.84
N LEU A 297 -26.46 4.84 5.86
CA LEU A 297 -26.14 5.20 7.25
C LEU A 297 -25.19 4.18 7.85
N MET A 298 -24.95 3.12 7.09
CA MET A 298 -24.01 2.06 7.45
C MET A 298 -22.57 2.44 7.12
N MET A 299 -22.39 3.54 6.39
CA MET A 299 -21.05 3.97 6.05
C MET A 299 -20.85 5.48 6.14
N ASP A 300 -19.62 5.89 6.42
CA ASP A 300 -19.29 7.30 6.45
C ASP A 300 -18.47 7.61 5.20
N ALA A 301 -18.05 8.86 5.03
CA ALA A 301 -17.41 9.31 3.80
C ALA A 301 -15.88 9.32 3.86
N THR A 302 -15.29 8.31 4.50
CA THR A 302 -13.87 8.40 4.83
C THR A 302 -13.04 7.31 4.15
N ASN A 303 -13.65 6.43 3.35
CA ASN A 303 -12.87 5.58 2.46
C ASN A 303 -13.50 5.65 1.08
N MET A 304 -12.71 5.44 0.04
CA MET A 304 -13.24 5.65 -1.32
C MET A 304 -14.44 4.75 -1.68
N PRO A 305 -14.39 3.44 -1.34
CA PRO A 305 -15.56 2.67 -1.77
C PRO A 305 -16.85 3.10 -1.07
N ALA A 306 -16.76 3.49 0.20
CA ALA A 306 -17.94 4.02 0.90
C ALA A 306 -18.45 5.31 0.25
N VAL A 307 -17.53 6.21 -0.11
CA VAL A 307 -17.91 7.44 -0.81
C VAL A 307 -18.62 7.11 -2.13
N LYS A 308 -18.08 6.17 -2.90
CA LYS A 308 -18.76 5.73 -4.13
C LYS A 308 -20.17 5.23 -3.86
N ALA A 309 -20.31 4.37 -2.84
CA ALA A 309 -21.61 3.79 -2.54
C ALA A 309 -22.63 4.89 -2.15
N ILE A 310 -22.20 5.85 -1.33
CA ILE A 310 -23.04 6.99 -0.95
C ILE A 310 -23.47 7.76 -2.20
N ILE A 311 -22.52 8.07 -3.07
CA ILE A 311 -22.81 8.76 -4.34
C ILE A 311 -23.85 8.00 -5.16
N TYR A 312 -23.66 6.69 -5.32
CA TYR A 312 -24.64 5.92 -6.08
C TYR A 312 -26.02 5.90 -5.44
N GLN A 313 -26.10 5.85 -4.12
CA GLN A 313 -27.40 5.92 -3.44
C GLN A 313 -28.11 7.24 -3.78
N TYR A 314 -27.34 8.33 -3.78
CA TYR A 314 -27.93 9.64 -4.10
C TYR A 314 -28.33 9.74 -5.58
N MET A 315 -27.52 9.18 -6.47
CA MET A 315 -27.90 9.11 -7.88
C MET A 315 -29.22 8.39 -8.12
N GLU A 316 -29.47 7.32 -7.37
CA GLU A 316 -30.74 6.61 -7.53
C GLU A 316 -31.89 7.41 -6.93
N GLU A 317 -31.63 8.14 -5.85
CA GLU A 317 -32.61 9.02 -5.24
C GLU A 317 -33.07 10.08 -6.24
N ILE A 318 -32.14 10.59 -7.04
CA ILE A 318 -32.52 11.50 -8.13
C ILE A 318 -33.26 10.75 -9.24
N TYR A 319 -32.64 9.69 -9.75
CA TYR A 319 -33.12 8.97 -10.93
C TYR A 319 -34.59 8.57 -10.76
N HIS A 320 -34.91 8.05 -9.57
CA HIS A 320 -36.23 7.52 -9.30
C HIS A 320 -37.27 8.63 -9.40
N ARG A 321 -36.84 9.86 -9.15
CA ARG A 321 -37.76 11.00 -9.13
C ARG A 321 -37.82 11.83 -10.41
N ILE A 322 -37.03 11.49 -11.41
CA ILE A 322 -37.11 12.21 -12.69
C ILE A 322 -38.53 12.12 -13.27
N PRO A 323 -39.18 13.28 -13.51
CA PRO A 323 -40.51 13.20 -14.12
C PRO A 323 -40.40 13.04 -15.62
N ASP A 324 -41.17 12.11 -16.19
CA ASP A 324 -41.23 11.97 -17.64
C ASP A 324 -41.44 13.29 -18.39
N SER A 325 -42.27 14.16 -17.84
CA SER A 325 -42.61 15.41 -18.53
C SER A 325 -41.51 16.47 -18.43
N ASP A 326 -40.53 16.29 -17.55
CA ASP A 326 -39.45 17.27 -17.45
C ASP A 326 -38.68 17.39 -18.75
N PRO A 327 -38.43 18.63 -19.22
CA PRO A 327 -37.75 18.80 -20.51
C PRO A 327 -36.31 18.26 -20.54
N SER A 328 -35.69 18.11 -19.37
CA SER A 328 -34.33 17.56 -19.29
C SER A 328 -34.31 16.07 -18.93
N SER A 329 -35.46 15.41 -18.86
CA SER A 329 -35.50 14.08 -18.27
C SER A 329 -34.54 13.09 -18.93
N SER A 330 -34.50 13.01 -20.26
CA SER A 330 -33.56 12.07 -20.87
C SER A 330 -32.09 12.42 -20.60
N LYS A 331 -31.79 13.71 -20.51
CA LYS A 331 -30.43 14.15 -20.22
C LYS A 331 -30.03 13.84 -18.80
N THR A 332 -30.97 13.99 -17.86
CA THR A 332 -30.65 13.65 -16.48
C THR A 332 -30.43 12.13 -16.38
N ARG A 333 -31.29 11.33 -17.01
CA ARG A 333 -31.06 9.89 -17.01
C ARG A 333 -29.72 9.56 -17.66
N GLN A 334 -29.39 10.24 -18.75
CA GLN A 334 -28.16 9.97 -19.48
C GLN A 334 -26.90 10.15 -18.63
N ILE A 335 -26.81 11.29 -17.96
CA ILE A 335 -25.61 11.58 -17.15
C ILE A 335 -25.53 10.62 -15.95
N ILE A 336 -26.66 10.34 -15.33
CA ILE A 336 -26.63 9.37 -14.22
C ILE A 336 -26.15 8.00 -14.70
N SER A 337 -26.69 7.58 -15.84
CA SER A 337 -26.27 6.34 -16.49
C SER A 337 -24.76 6.27 -16.77
N THR A 338 -24.21 7.37 -17.28
CA THR A 338 -22.76 7.50 -17.44
C THR A 338 -21.99 7.38 -16.13
N ILE A 339 -22.43 8.10 -15.10
CA ILE A 339 -21.84 7.99 -13.76
C ILE A 339 -21.84 6.55 -13.26
N ARG A 340 -22.95 5.85 -13.46
CA ARG A 340 -23.07 4.44 -13.07
C ARG A 340 -22.14 3.47 -13.80
N THR A 341 -21.83 3.76 -15.05
CA THR A 341 -21.07 2.76 -15.80
C THR A 341 -19.59 3.09 -15.88
N GLN A 342 -19.21 4.32 -15.57
CA GLN A 342 -17.82 4.77 -15.64
C GLN A 342 -16.84 3.66 -15.26
N SER B 10 -11.58 -23.20 27.74
CA SER B 10 -11.65 -22.77 29.16
C SER B 10 -13.08 -22.30 29.47
N SER B 11 -13.75 -23.01 30.37
CA SER B 11 -15.06 -22.60 30.86
C SER B 11 -14.95 -21.36 31.76
N SER B 12 -13.83 -21.21 32.46
CA SER B 12 -13.65 -20.01 33.27
C SER B 12 -13.46 -18.76 32.40
N LEU B 13 -12.74 -18.89 31.29
CA LEU B 13 -12.61 -17.75 30.36
C LEU B 13 -13.96 -17.39 29.73
N LYS B 14 -14.74 -18.41 29.39
CA LYS B 14 -16.10 -18.17 28.89
C LYS B 14 -16.93 -17.38 29.90
N THR B 15 -16.85 -17.76 31.16
CA THR B 15 -17.53 -17.05 32.23
C THR B 15 -17.07 -15.58 32.34
N CYS B 16 -15.77 -15.32 32.19
CA CYS B 16 -15.29 -13.94 32.30
C CYS B 16 -15.93 -13.10 31.19
N TYR B 17 -16.01 -13.66 29.99
CA TYR B 17 -16.63 -12.87 28.91
C TYR B 17 -18.12 -12.67 29.16
N LYS B 18 -18.78 -13.64 29.76
CA LYS B 18 -20.18 -13.46 30.11
C LYS B 18 -20.28 -12.27 31.06
N TYR B 19 -19.47 -12.27 32.12
CA TYR B 19 -19.51 -11.17 33.07
C TYR B 19 -19.16 -9.84 32.37
N LEU B 20 -18.20 -9.86 31.45
CA LEU B 20 -17.84 -8.61 30.76
C LEU B 20 -19.06 -8.01 30.04
N ASN B 21 -19.72 -8.83 29.23
CA ASN B 21 -20.95 -8.44 28.54
C ASN B 21 -22.12 -8.05 29.43
N GLN B 22 -22.33 -8.77 30.53
CA GLN B 22 -23.42 -8.42 31.45
C GLN B 22 -23.19 -7.11 32.19
N THR B 23 -21.93 -6.76 32.46
CA THR B 23 -21.67 -5.56 33.26
C THR B 23 -21.44 -4.29 32.46
N SER B 24 -20.63 -4.38 31.40
CA SER B 24 -20.13 -3.19 30.72
C SER B 24 -20.93 -2.86 29.49
N ARG B 25 -21.84 -1.90 29.59
CA ARG B 25 -22.60 -1.47 28.42
C ARG B 25 -21.73 -0.75 27.42
N SER B 26 -20.72 -0.01 27.88
CA SER B 26 -19.97 0.84 26.98
C SER B 26 -18.65 0.26 26.46
N PHE B 27 -18.06 -0.68 27.20
CA PHE B 27 -16.73 -1.18 26.84
C PHE B 27 -16.71 -2.63 26.39
N ALA B 28 -17.73 -3.43 26.70
CA ALA B 28 -17.65 -4.85 26.39
C ALA B 28 -17.35 -5.11 24.91
N ALA B 29 -18.08 -4.43 24.02
CA ALA B 29 -17.92 -4.66 22.58
C ALA B 29 -16.53 -4.28 22.07
N VAL B 30 -16.06 -3.08 22.39
CA VAL B 30 -14.72 -2.67 21.95
C VAL B 30 -13.58 -3.50 22.57
N ILE B 31 -13.78 -4.00 23.79
CA ILE B 31 -12.76 -4.86 24.40
C ILE B 31 -12.65 -6.19 23.67
N GLN B 32 -13.81 -6.77 23.39
CA GLN B 32 -13.91 -8.04 22.70
C GLN B 32 -13.36 -7.96 21.27
N ALA B 33 -13.35 -6.77 20.69
CA ALA B 33 -12.79 -6.53 19.36
C ALA B 33 -11.28 -6.32 19.34
N LEU B 34 -10.63 -6.23 20.50
CA LEU B 34 -9.18 -6.02 20.56
C LEU B 34 -8.39 -7.18 19.97
N ASP B 35 -7.31 -6.87 19.25
CA ASP B 35 -6.46 -7.90 18.64
C ASP B 35 -5.67 -8.75 19.63
N GLY B 36 -5.42 -10.00 19.23
CA GLY B 36 -4.49 -10.91 19.91
C GLY B 36 -4.57 -10.97 21.43
N GLU B 37 -3.41 -10.88 22.08
CA GLU B 37 -3.31 -11.06 23.52
C GLU B 37 -3.91 -9.89 24.29
N MET B 38 -4.14 -8.76 23.63
CA MET B 38 -4.76 -7.62 24.30
C MET B 38 -6.17 -7.93 24.75
N ARG B 39 -6.88 -8.80 24.04
CA ARG B 39 -8.29 -9.05 24.36
C ARG B 39 -8.46 -9.62 25.77
N ASN B 40 -7.82 -10.76 26.06
CA ASN B 40 -7.92 -11.32 27.41
C ASN B 40 -7.31 -10.40 28.47
N ALA B 41 -6.22 -9.71 28.13
CA ALA B 41 -5.50 -8.90 29.11
C ALA B 41 -6.42 -7.76 29.57
N VAL B 42 -7.08 -7.11 28.62
CA VAL B 42 -7.99 -6.01 28.93
C VAL B 42 -9.35 -6.48 29.49
N CYS B 43 -9.87 -7.61 29.01
CA CYS B 43 -11.10 -8.13 29.61
C CYS B 43 -10.90 -8.41 31.11
N ILE B 44 -9.78 -9.06 31.44
CA ILE B 44 -9.46 -9.39 32.83
C ILE B 44 -9.19 -8.10 33.63
N PHE B 45 -8.47 -7.15 33.04
CA PHE B 45 -8.18 -5.88 33.70
C PHE B 45 -9.49 -5.19 34.07
N TYR B 46 -10.44 -5.17 33.14
CA TYR B 46 -11.77 -4.60 33.38
C TYR B 46 -12.48 -5.27 34.56
N LEU B 47 -12.53 -6.60 34.53
CA LEU B 47 -13.24 -7.36 35.57
C LEU B 47 -12.63 -7.18 36.96
N VAL B 48 -11.31 -7.19 37.05
CA VAL B 48 -10.69 -7.01 38.37
C VAL B 48 -10.89 -5.57 38.87
N LEU B 49 -10.74 -4.57 37.99
CA LEU B 49 -11.00 -3.20 38.42
C LEU B 49 -12.48 -2.99 38.76
N ARG B 50 -13.38 -3.66 38.05
CA ARG B 50 -14.78 -3.57 38.39
C ARG B 50 -15.05 -4.15 39.78
N ALA B 51 -14.42 -5.29 40.09
CA ALA B 51 -14.53 -5.89 41.41
C ALA B 51 -14.04 -4.92 42.49
N LEU B 52 -12.90 -4.28 42.25
CA LEU B 52 -12.30 -3.37 43.22
C LEU B 52 -13.24 -2.17 43.42
N ASP B 53 -13.73 -1.61 42.31
CA ASP B 53 -14.72 -0.54 42.33
C ASP B 53 -16.00 -0.90 43.08
N THR B 54 -16.43 -2.14 42.93
CA THR B 54 -17.62 -2.63 43.62
C THR B 54 -17.46 -2.61 45.14
N LEU B 55 -16.27 -3.00 45.62
CA LEU B 55 -15.95 -2.87 47.04
C LEU B 55 -15.91 -1.40 47.47
N GLU B 56 -15.22 -0.56 46.69
CA GLU B 56 -15.07 0.85 47.02
C GLU B 56 -16.43 1.54 47.18
N ASP B 57 -17.34 1.24 46.25
CA ASP B 57 -18.66 1.87 46.16
C ASP B 57 -19.66 1.44 47.24
N ASP B 58 -19.44 0.30 47.85
CA ASP B 58 -20.46 -0.32 48.69
C ASP B 58 -20.49 0.32 50.07
N MET B 59 -21.51 1.16 50.32
CA MET B 59 -21.60 1.89 51.57
C MET B 59 -22.00 1.00 52.77
N THR B 60 -22.40 -0.25 52.52
CA THR B 60 -22.65 -1.19 53.63
C THR B 60 -21.37 -1.84 54.19
N ILE B 61 -20.22 -1.66 53.53
CA ILE B 61 -18.99 -2.22 54.05
C ILE B 61 -18.35 -1.14 54.89
N SER B 62 -18.17 -1.39 56.18
CA SER B 62 -17.54 -0.41 57.08
C SER B 62 -16.15 0.00 56.61
N VAL B 63 -15.74 1.21 56.92
CA VAL B 63 -14.37 1.65 56.63
C VAL B 63 -13.35 0.67 57.21
N GLU B 64 -13.59 0.22 58.43
CA GLU B 64 -12.75 -0.77 59.09
C GLU B 64 -12.49 -2.00 58.23
N LYS B 65 -13.52 -2.52 57.60
CA LYS B 65 -13.39 -3.66 56.69
C LYS B 65 -12.88 -3.26 55.32
N LYS B 66 -13.27 -2.08 54.87
CA LYS B 66 -13.00 -1.65 53.51
C LYS B 66 -11.53 -1.31 53.26
N VAL B 67 -10.87 -0.69 54.23
CA VAL B 67 -9.47 -0.34 54.05
C VAL B 67 -8.59 -1.56 53.73
N PRO B 68 -8.64 -2.62 54.56
CA PRO B 68 -7.83 -3.80 54.21
C PRO B 68 -8.27 -4.45 52.89
N LEU B 69 -9.56 -4.47 52.57
CA LEU B 69 -9.96 -5.00 51.26
C LEU B 69 -9.29 -4.24 50.10
N LEU B 70 -9.29 -2.92 50.16
CA LEU B 70 -8.73 -2.10 49.09
C LEU B 70 -7.20 -2.20 49.03
N HIS B 71 -6.57 -2.17 50.20
CA HIS B 71 -5.11 -2.27 50.26
C HIS B 71 -4.61 -3.62 49.76
N ASN B 72 -5.33 -4.69 50.10
CA ASN B 72 -4.86 -6.05 49.83
C ASN B 72 -5.40 -6.66 48.55
N PHE B 73 -6.27 -5.93 47.85
CA PHE B 73 -6.89 -6.46 46.64
C PHE B 73 -5.90 -7.02 45.63
N HIS B 74 -4.80 -6.31 45.38
CA HIS B 74 -3.76 -6.79 44.46
C HIS B 74 -3.26 -8.18 44.85
N SER B 75 -3.22 -8.50 46.14
CA SER B 75 -2.77 -9.82 46.56
C SER B 75 -3.86 -10.89 46.42
N PHE B 76 -5.14 -10.52 46.45
CA PHE B 76 -6.22 -11.50 46.23
C PHE B 76 -6.18 -12.13 44.83
N LEU B 77 -5.67 -11.39 43.86
CA LEU B 77 -5.45 -11.91 42.50
C LEU B 77 -4.63 -13.18 42.53
N TYR B 78 -3.80 -13.32 43.57
CA TYR B 78 -2.88 -14.46 43.68
C TYR B 78 -3.35 -15.53 44.65
N GLN B 79 -4.48 -15.29 45.31
CA GLN B 79 -5.03 -16.23 46.28
C GLN B 79 -6.21 -16.97 45.65
N PRO B 80 -6.00 -18.20 45.15
CA PRO B 80 -6.97 -18.84 44.24
C PRO B 80 -8.36 -19.02 44.83
N ASP B 81 -8.48 -19.02 46.16
CA ASP B 81 -9.77 -19.27 46.79
C ASP B 81 -10.42 -17.99 47.27
N TRP B 82 -9.77 -16.84 47.08
CA TRP B 82 -10.34 -15.62 47.65
C TRP B 82 -11.63 -15.23 46.95
N ARG B 83 -12.66 -14.92 47.74
CA ARG B 83 -13.89 -14.33 47.20
C ARG B 83 -14.50 -13.40 48.26
N PHE B 84 -15.52 -12.64 47.88
CA PHE B 84 -16.22 -11.81 48.85
C PHE B 84 -17.73 -11.98 48.74
N MET B 85 -18.33 -12.39 49.84
CA MET B 85 -19.73 -12.80 49.84
C MET B 85 -20.68 -11.81 50.52
N GLU B 86 -20.14 -10.68 51.00
CA GLU B 86 -20.95 -9.73 51.78
C GLU B 86 -21.33 -8.45 51.04
N SER B 87 -21.10 -8.41 49.73
CA SER B 87 -21.49 -7.25 48.94
C SER B 87 -23.00 -7.14 48.81
N LYS B 88 -23.51 -5.92 48.97
CA LYS B 88 -24.91 -5.65 48.67
C LYS B 88 -25.07 -4.91 47.35
N GLU B 89 -24.05 -4.96 46.48
CA GLU B 89 -24.08 -4.21 45.23
C GLU B 89 -24.69 -5.05 44.11
N LYS B 90 -25.24 -4.37 43.09
CA LYS B 90 -25.85 -5.05 41.95
C LYS B 90 -24.88 -6.00 41.22
N ASP B 91 -23.59 -5.63 41.14
CA ASP B 91 -22.61 -6.43 40.39
C ASP B 91 -21.80 -7.39 41.26
N ARG B 92 -22.40 -7.86 42.34
CA ARG B 92 -21.65 -8.68 43.28
C ARG B 92 -21.11 -10.00 42.71
N GLN B 93 -21.56 -10.44 41.54
CA GLN B 93 -21.10 -11.73 40.99
C GLN B 93 -19.60 -11.73 40.72
N VAL B 94 -19.04 -10.59 40.33
CA VAL B 94 -17.59 -10.54 40.08
C VAL B 94 -16.81 -10.75 41.38
N LEU B 95 -17.45 -10.42 42.50
CA LEU B 95 -16.83 -10.63 43.81
C LEU B 95 -17.05 -12.04 44.33
N GLU B 96 -18.28 -12.51 44.17
CA GLU B 96 -18.64 -13.82 44.69
C GLU B 96 -18.00 -14.92 43.85
N ASP B 97 -17.78 -14.66 42.56
CA ASP B 97 -17.09 -15.64 41.73
C ASP B 97 -15.68 -15.16 41.41
N PHE B 98 -15.06 -14.40 42.30
CA PHE B 98 -13.71 -13.90 42.02
C PHE B 98 -12.68 -14.98 41.69
N PRO B 99 -12.77 -16.19 42.28
CA PRO B 99 -11.77 -17.20 41.93
C PRO B 99 -11.74 -17.55 40.43
N THR B 100 -12.89 -17.46 39.75
CA THR B 100 -12.94 -17.66 38.30
C THR B 100 -12.16 -16.58 37.52
N ILE B 101 -12.33 -15.33 37.94
CA ILE B 101 -11.61 -14.20 37.33
C ILE B 101 -10.11 -14.26 37.63
N SER B 102 -9.76 -14.57 38.89
CA SER B 102 -8.35 -14.63 39.27
C SER B 102 -7.60 -15.82 38.66
N LEU B 103 -8.31 -16.92 38.40
CA LEU B 103 -7.69 -18.04 37.68
C LEU B 103 -7.24 -17.57 36.29
N GLU B 104 -8.10 -16.82 35.62
CA GLU B 104 -7.78 -16.34 34.27
C GLU B 104 -6.72 -15.25 34.35
N PHE B 105 -6.78 -14.41 35.38
CA PHE B 105 -5.70 -13.44 35.60
C PHE B 105 -4.35 -14.15 35.69
N ARG B 106 -4.28 -15.23 36.47
CA ARG B 106 -3.00 -15.89 36.71
C ARG B 106 -2.50 -16.63 35.49
N ASN B 107 -3.39 -16.85 34.52
CA ASN B 107 -3.01 -17.41 33.22
C ASN B 107 -2.45 -16.39 32.22
N LEU B 108 -2.56 -15.10 32.50
CA LEU B 108 -2.00 -14.12 31.57
C LEU B 108 -0.47 -14.17 31.60
N ALA B 109 0.16 -13.76 30.50
CA ALA B 109 1.61 -13.59 30.48
C ALA B 109 2.04 -12.74 31.68
N GLU B 110 3.20 -13.09 32.22
CA GLU B 110 3.73 -12.43 33.39
C GLU B 110 3.79 -10.91 33.21
N LYS B 111 4.23 -10.48 32.02
CA LYS B 111 4.32 -9.05 31.73
C LYS B 111 2.99 -8.32 31.94
N TYR B 112 1.87 -8.98 31.61
CA TYR B 112 0.56 -8.37 31.82
C TYR B 112 0.17 -8.37 33.28
N GLN B 113 0.50 -9.45 34.00
CA GLN B 113 0.20 -9.53 35.42
C GLN B 113 0.89 -8.39 36.17
N THR B 114 2.14 -8.12 35.82
CA THR B 114 2.90 -7.05 36.48
C THR B 114 2.09 -5.75 36.42
N VAL B 115 1.61 -5.39 35.22
CA VAL B 115 0.87 -4.15 35.01
C VAL B 115 -0.43 -4.15 35.82
N ILE B 116 -1.23 -5.21 35.68
CA ILE B 116 -2.53 -5.25 36.34
C ILE B 116 -2.40 -5.18 37.86
N ALA B 117 -1.44 -5.92 38.41
CA ALA B 117 -1.31 -5.96 39.86
C ALA B 117 -0.74 -4.64 40.39
N ASP B 118 0.16 -4.03 39.63
CA ASP B 118 0.68 -2.71 40.00
C ASP B 118 -0.46 -1.71 40.08
N ILE B 119 -1.31 -1.65 39.07
CA ILE B 119 -2.43 -0.68 39.08
C ILE B 119 -3.42 -1.00 40.19
N CYS B 120 -3.77 -2.28 40.37
CA CYS B 120 -4.65 -2.68 41.48
C CYS B 120 -4.11 -2.22 42.83
N ARG B 121 -2.80 -2.40 43.04
CA ARG B 121 -2.17 -2.02 44.31
C ARG B 121 -2.29 -0.51 44.49
N ARG B 122 -1.91 0.24 43.46
CA ARG B 122 -1.84 1.69 43.57
C ARG B 122 -3.23 2.32 43.69
N MET B 123 -4.19 1.78 42.94
CA MET B 123 -5.58 2.25 42.99
C MET B 123 -6.20 1.98 44.35
N GLY B 124 -5.96 0.79 44.89
CA GLY B 124 -6.48 0.42 46.20
C GLY B 124 -5.98 1.37 47.28
N ILE B 125 -4.69 1.66 47.28
CA ILE B 125 -4.09 2.63 48.19
C ILE B 125 -4.80 3.98 48.04
N GLY B 126 -5.00 4.44 46.81
CA GLY B 126 -5.57 5.78 46.58
C GLY B 126 -7.03 5.88 46.95
N MET B 127 -7.80 4.85 46.59
CA MET B 127 -9.20 4.76 46.96
C MET B 127 -9.36 4.82 48.48
N ALA B 128 -8.51 4.10 49.20
CA ALA B 128 -8.53 4.11 50.67
C ALA B 128 -8.30 5.51 51.25
N GLU B 129 -7.46 6.32 50.61
CA GLU B 129 -7.15 7.66 51.10
C GLU B 129 -8.41 8.53 51.09
N PHE B 130 -9.27 8.28 50.12
CA PHE B 130 -10.44 9.12 49.91
C PHE B 130 -11.70 8.68 50.64
N LEU B 131 -11.65 7.60 51.41
CA LEU B 131 -12.84 7.13 52.11
C LEU B 131 -13.32 8.15 53.13
N ASP B 132 -12.38 8.85 53.75
CA ASP B 132 -12.68 9.72 54.87
C ASP B 132 -12.85 11.18 54.46
N LYS B 133 -12.73 11.49 53.17
CA LYS B 133 -12.71 12.90 52.77
C LYS B 133 -13.44 13.19 51.46
N HIS B 134 -13.81 14.45 51.26
CA HIS B 134 -14.26 14.89 49.96
C HIS B 134 -13.08 15.51 49.20
N VAL B 135 -13.30 15.85 47.94
CA VAL B 135 -12.30 16.57 47.16
C VAL B 135 -12.35 18.06 47.50
N THR B 136 -11.22 18.63 47.88
CA THR B 136 -11.17 20.05 48.20
C THR B 136 -10.63 20.85 47.00
N SER B 137 -9.32 20.83 46.81
CA SER B 137 -8.69 21.62 45.76
C SER B 137 -8.82 21.00 44.36
N GLU B 138 -8.60 21.81 43.34
CA GLU B 138 -8.45 21.29 41.99
C GLU B 138 -7.31 20.29 41.93
N GLN B 139 -6.28 20.49 42.76
CA GLN B 139 -5.17 19.53 42.79
C GLN B 139 -5.64 18.20 43.39
N GLU B 140 -6.44 18.26 44.46
CA GLU B 140 -7.05 17.05 45.02
C GLU B 140 -7.99 16.39 44.02
N TRP B 141 -8.69 17.20 43.23
CA TRP B 141 -9.56 16.65 42.19
C TRP B 141 -8.75 15.82 41.19
N ASP B 142 -7.58 16.34 40.77
CA ASP B 142 -6.72 15.57 39.87
C ASP B 142 -6.19 14.30 40.53
N LYS B 143 -5.94 14.36 41.84
CA LYS B 143 -5.38 13.22 42.57
C LYS B 143 -6.41 12.10 42.63
N TYR B 144 -7.65 12.48 42.98
CA TYR B 144 -8.75 11.55 43.05
C TYR B 144 -9.01 10.90 41.68
N CYS B 145 -9.13 11.72 40.64
CA CYS B 145 -9.32 11.19 39.29
C CYS B 145 -8.16 10.32 38.84
N HIS B 146 -6.96 10.67 39.27
CA HIS B 146 -5.79 9.85 38.97
C HIS B 146 -5.97 8.45 39.56
N TYR B 147 -6.38 8.41 40.83
CA TYR B 147 -6.57 7.13 41.50
C TYR B 147 -7.60 6.23 40.83
N VAL B 148 -8.72 6.78 40.35
CA VAL B 148 -9.84 5.99 39.85
C VAL B 148 -10.02 5.94 38.34
N ALA B 149 -9.24 6.73 37.60
CA ALA B 149 -9.38 6.76 36.15
C ALA B 149 -8.06 6.94 35.42
N GLY B 150 -7.23 7.87 35.90
CA GLY B 150 -5.92 8.10 35.31
C GLY B 150 -5.07 6.84 35.35
N LEU B 151 -5.08 6.14 36.49
CA LEU B 151 -4.38 4.88 36.61
C LEU B 151 -4.94 3.80 35.68
N VAL B 152 -6.24 3.84 35.36
CA VAL B 152 -6.81 2.91 34.37
C VAL B 152 -6.19 3.20 32.99
N GLY B 153 -6.07 4.48 32.66
CA GLY B 153 -5.50 4.90 31.38
C GLY B 153 -4.06 4.45 31.31
N ILE B 154 -3.34 4.63 32.43
CA ILE B 154 -1.92 4.25 32.48
C ILE B 154 -1.76 2.74 32.35
N GLY B 155 -2.59 1.99 33.08
CA GLY B 155 -2.56 0.52 33.02
C GLY B 155 -2.84 0.00 31.62
N LEU B 156 -3.90 0.51 31.00
CA LEU B 156 -4.26 0.09 29.64
C LEU B 156 -3.12 0.38 28.68
N SER B 157 -2.53 1.57 28.78
CA SER B 157 -1.42 1.97 27.91
C SER B 157 -0.19 1.07 28.08
N ARG B 158 0.12 0.71 29.32
CA ARG B 158 1.16 -0.27 29.60
C ARG B 158 0.83 -1.64 29.01
N LEU B 159 -0.43 -2.06 29.02
CA LEU B 159 -0.80 -3.33 28.39
C LEU B 159 -0.62 -3.24 26.87
N PHE B 160 -1.04 -2.14 26.26
CA PHE B 160 -0.86 -2.00 24.82
C PHE B 160 0.62 -2.11 24.42
N SER B 161 1.51 -1.43 25.13
CA SER B 161 2.92 -1.45 24.79
C SER B 161 3.55 -2.82 25.11
N ALA B 162 3.17 -3.44 26.23
CA ALA B 162 3.64 -4.78 26.58
C ALA B 162 3.27 -5.80 25.50
N SER B 163 2.11 -5.63 24.89
CA SER B 163 1.63 -6.58 23.87
C SER B 163 2.31 -6.33 22.53
N GLU B 164 2.95 -5.16 22.41
CA GLU B 164 3.68 -4.76 21.20
C GLU B 164 2.80 -4.47 19.99
N PHE B 165 1.49 -4.38 20.20
CA PHE B 165 0.58 -3.82 19.19
C PHE B 165 0.73 -2.31 19.06
N GLU B 166 1.20 -1.67 20.12
CA GLU B 166 1.55 -0.26 20.09
C GLU B 166 3.01 -0.04 20.47
N ASP B 167 3.55 1.12 20.09
CA ASP B 167 4.95 1.46 20.37
C ASP B 167 5.20 1.59 21.88
N PRO B 168 6.45 1.39 22.29
CA PRO B 168 6.80 1.56 23.71
C PRO B 168 6.37 2.90 24.31
N LEU B 169 6.36 3.95 23.49
CA LEU B 169 6.04 5.30 23.96
C LEU B 169 4.66 5.39 24.61
N VAL B 170 3.73 4.58 24.12
CA VAL B 170 2.37 4.61 24.61
C VAL B 170 2.30 4.32 26.12
N GLY B 171 2.93 3.23 26.56
CA GLY B 171 3.00 2.92 28.00
C GLY B 171 3.98 3.79 28.76
N GLU B 172 5.03 4.29 28.10
CA GLU B 172 6.00 5.18 28.77
C GLU B 172 5.45 6.53 29.21
N ASP B 173 4.67 7.16 28.33
CA ASP B 173 4.22 8.53 28.56
C ASP B 173 2.99 8.51 29.47
N THR B 174 3.26 8.33 30.77
CA THR B 174 2.18 8.14 31.73
C THR B 174 1.33 9.40 31.92
N GLU B 175 1.91 10.57 31.67
CA GLU B 175 1.15 11.83 31.79
C GLU B 175 0.06 11.93 30.73
N ARG B 176 0.39 11.56 29.50
CA ARG B 176 -0.61 11.49 28.43
C ARG B 176 -1.68 10.43 28.72
N ALA B 177 -1.28 9.23 29.14
CA ALA B 177 -2.26 8.20 29.52
C ALA B 177 -3.15 8.62 30.70
N ASN B 178 -2.56 9.28 31.70
CA ASN B 178 -3.33 9.82 32.81
C ASN B 178 -4.40 10.82 32.36
N SER B 179 -4.03 11.70 31.43
CA SER B 179 -4.95 12.69 30.89
C SER B 179 -6.13 12.04 30.20
N MET B 180 -5.88 10.92 29.49
CA MET B 180 -7.00 10.19 28.87
C MET B 180 -8.03 9.81 29.95
N GLY B 181 -7.54 9.30 31.07
CA GLY B 181 -8.42 8.91 32.17
C GLY B 181 -9.10 10.07 32.86
N LEU B 182 -8.34 11.13 33.16
CA LEU B 182 -8.89 12.33 33.82
C LEU B 182 -9.98 12.97 32.97
N PHE B 183 -9.77 13.03 31.65
CA PHE B 183 -10.79 13.66 30.83
C PHE B 183 -12.17 12.99 30.95
N LEU B 184 -12.18 11.66 30.89
CA LEU B 184 -13.42 10.88 31.03
C LEU B 184 -14.04 11.04 32.40
N GLN B 185 -13.20 10.90 33.41
CA GLN B 185 -13.65 10.95 34.79
C GLN B 185 -14.26 12.30 35.15
N LYS B 186 -13.59 13.38 34.75
CA LYS B 186 -14.06 14.74 35.00
C LYS B 186 -15.36 15.00 34.27
N THR B 187 -15.45 14.51 33.02
CA THR B 187 -16.65 14.71 32.23
C THR B 187 -17.82 14.00 32.93
N ASN B 188 -17.58 12.78 33.36
CA ASN B 188 -18.58 12.05 34.12
C ASN B 188 -19.05 12.74 35.40
N ILE B 189 -18.11 13.21 36.20
CA ILE B 189 -18.44 13.90 37.44
C ILE B 189 -19.26 15.17 37.18
N ILE B 190 -18.88 15.91 36.13
CA ILE B 190 -19.59 17.15 35.78
C ILE B 190 -21.04 16.85 35.40
N ARG B 191 -21.18 15.93 34.46
CA ARG B 191 -22.48 15.50 33.95
C ARG B 191 -23.41 14.97 35.04
N ASP B 192 -22.84 14.22 35.99
CA ASP B 192 -23.63 13.45 36.95
C ASP B 192 -23.93 14.21 38.24
N TYR B 193 -23.76 15.53 38.21
CA TYR B 193 -23.98 16.33 39.40
C TYR B 193 -25.27 15.96 40.13
N LEU B 194 -26.37 15.90 39.39
CA LEU B 194 -27.66 15.77 40.06
C LEU B 194 -27.92 14.36 40.55
N GLU B 195 -27.58 13.35 39.74
CA GLU B 195 -27.69 11.96 40.16
C GLU B 195 -26.83 11.64 41.38
N ASP B 196 -25.63 12.23 41.46
CA ASP B 196 -24.77 12.12 42.64
C ASP B 196 -25.33 12.86 43.84
N GLN B 197 -25.96 14.02 43.61
CA GLN B 197 -26.54 14.82 44.67
C GLN B 197 -27.63 14.04 45.42
N GLN B 198 -28.48 13.35 44.66
CA GLN B 198 -29.51 12.52 45.29
C GLN B 198 -29.02 11.18 45.81
N GLY B 199 -27.84 10.73 45.39
CA GLY B 199 -27.22 9.57 46.01
C GLY B 199 -26.38 9.89 47.24
N GLY B 200 -26.39 11.16 47.66
CA GLY B 200 -25.56 11.61 48.79
C GLY B 200 -24.07 11.66 48.50
N ARG B 201 -23.72 11.81 47.22
CA ARG B 201 -22.33 11.82 46.78
C ARG B 201 -21.90 13.21 46.32
N GLU B 202 -20.68 13.58 46.70
CA GLU B 202 -20.14 14.89 46.36
C GLU B 202 -18.77 14.65 45.72
N PHE B 203 -18.64 14.99 44.44
CA PHE B 203 -17.36 14.90 43.76
C PHE B 203 -16.87 16.23 43.20
N TRP B 204 -17.75 17.21 43.08
CA TRP B 204 -17.32 18.53 42.62
C TRP B 204 -16.38 19.10 43.69
N PRO B 205 -15.20 19.61 43.28
CA PRO B 205 -14.19 20.08 44.21
C PRO B 205 -14.66 21.29 45.01
N GLN B 206 -14.59 21.15 46.33
CA GLN B 206 -15.06 22.15 47.28
C GLN B 206 -14.42 23.53 47.10
N GLU B 207 -13.13 23.58 46.75
CA GLU B 207 -12.48 24.88 46.54
C GLU B 207 -13.06 25.69 45.37
N VAL B 208 -13.64 25.01 44.40
CA VAL B 208 -14.37 25.65 43.32
C VAL B 208 -15.81 25.99 43.73
N TRP B 209 -16.58 24.99 44.15
CA TRP B 209 -18.00 25.27 44.38
C TRP B 209 -18.27 26.22 45.54
N SER B 210 -17.40 26.21 46.55
CA SER B 210 -17.57 27.07 47.72
C SER B 210 -17.42 28.54 47.37
N ARG B 211 -16.88 28.84 46.19
CA ARG B 211 -16.79 30.23 45.76
C ARG B 211 -18.12 30.73 45.20
N TYR B 212 -19.09 29.83 45.10
CA TYR B 212 -20.39 30.14 44.52
C TYR B 212 -21.54 29.98 45.52
N VAL B 213 -21.50 28.92 46.32
CA VAL B 213 -22.59 28.56 47.22
C VAL B 213 -22.05 28.03 48.54
N LYS B 214 -22.91 27.98 49.55
CA LYS B 214 -22.55 27.48 50.87
C LYS B 214 -22.47 25.95 50.96
N LYS B 215 -23.34 25.27 50.24
CA LYS B 215 -23.43 23.81 50.21
C LYS B 215 -23.55 23.40 48.76
N LEU B 216 -22.87 22.34 48.37
CA LEU B 216 -22.91 21.84 47.00
C LEU B 216 -24.34 21.57 46.54
N GLY B 217 -25.15 20.96 47.41
CA GLY B 217 -26.56 20.74 47.11
C GLY B 217 -27.35 21.99 46.76
N ASP B 218 -26.79 23.16 47.08
CA ASP B 218 -27.45 24.42 46.75
C ASP B 218 -27.57 24.65 45.24
N PHE B 219 -26.74 23.99 44.44
CA PHE B 219 -26.88 24.12 42.98
C PHE B 219 -28.16 23.50 42.43
N ALA B 220 -28.80 22.61 43.19
CA ALA B 220 -30.03 21.95 42.77
C ALA B 220 -31.27 22.83 42.99
N LYS B 221 -31.10 23.89 43.77
CA LYS B 221 -32.19 24.82 44.03
C LYS B 221 -32.30 25.84 42.90
N PRO B 222 -33.49 25.92 42.26
CA PRO B 222 -33.80 26.83 41.14
C PRO B 222 -33.27 28.25 41.27
N GLU B 223 -33.35 28.84 42.47
CA GLU B 223 -32.88 30.21 42.69
C GLU B 223 -31.36 30.41 42.50
N ASN B 224 -30.61 29.31 42.48
CA ASN B 224 -29.15 29.34 42.43
C ASN B 224 -28.64 28.98 41.03
N ILE B 225 -29.52 28.91 40.05
CA ILE B 225 -29.17 28.41 38.71
C ILE B 225 -28.07 29.18 38.00
N ASP B 226 -28.04 30.50 38.16
CA ASP B 226 -27.00 31.29 37.49
C ASP B 226 -25.62 30.98 38.06
N LEU B 227 -25.53 30.88 39.38
CA LEU B 227 -24.28 30.50 40.04
C LEU B 227 -23.86 29.07 39.71
N ALA B 228 -24.84 28.16 39.66
CA ALA B 228 -24.60 26.77 39.33
C ALA B 228 -23.96 26.67 37.95
N VAL B 229 -24.56 27.37 36.98
CA VAL B 229 -24.07 27.35 35.61
C VAL B 229 -22.66 27.93 35.51
N GLN B 230 -22.38 29.01 36.25
CA GLN B 230 -21.02 29.56 36.26
C GLN B 230 -19.97 28.56 36.77
N CYS B 231 -20.33 27.82 37.81
CA CYS B 231 -19.44 26.82 38.39
C CYS B 231 -19.26 25.64 37.43
N LEU B 232 -20.37 25.14 36.90
CA LEU B 232 -20.34 24.18 35.78
C LEU B 232 -19.33 24.58 34.72
N ASN B 233 -19.43 25.83 34.27
CA ASN B 233 -18.56 26.30 33.18
C ASN B 233 -17.11 26.35 33.62
N GLU B 234 -16.85 26.71 34.87
CA GLU B 234 -15.50 26.68 35.41
C GLU B 234 -14.90 25.28 35.35
N LEU B 235 -15.67 24.29 35.78
CA LEU B 235 -15.22 22.91 35.80
C LEU B 235 -15.03 22.35 34.40
N ILE B 236 -15.95 22.68 33.50
CA ILE B 236 -15.78 22.30 32.10
C ILE B 236 -14.46 22.85 31.54
N THR B 237 -14.15 24.10 31.87
CA THR B 237 -12.95 24.76 31.39
C THR B 237 -11.70 24.02 31.87
N ASN B 238 -11.73 23.61 33.14
CA ASN B 238 -10.70 22.77 33.75
C ASN B 238 -10.51 21.48 32.93
N ALA B 239 -11.59 20.74 32.68
CA ALA B 239 -11.50 19.47 31.95
C ALA B 239 -10.93 19.62 30.53
N LEU B 240 -11.23 20.74 29.87
CA LEU B 240 -10.78 20.97 28.50
C LEU B 240 -9.26 21.04 28.42
N HIS B 241 -8.59 21.32 29.53
CA HIS B 241 -7.12 21.37 29.53
C HIS B 241 -6.48 20.01 29.20
N HIS B 242 -7.24 18.92 29.29
CA HIS B 242 -6.71 17.60 28.94
C HIS B 242 -6.78 17.28 27.44
N ILE B 243 -7.49 18.09 26.66
CA ILE B 243 -7.67 17.77 25.23
C ILE B 243 -6.38 17.73 24.43
N PRO B 244 -5.43 18.67 24.65
CA PRO B 244 -4.22 18.49 23.86
C PRO B 244 -3.56 17.12 24.08
N ASP B 245 -3.47 16.67 25.33
CA ASP B 245 -2.93 15.37 25.66
C ASP B 245 -3.73 14.23 25.05
N VAL B 246 -5.05 14.35 25.04
CA VAL B 246 -5.93 13.34 24.41
C VAL B 246 -5.59 13.25 22.93
N ILE B 247 -5.47 14.39 22.25
CA ILE B 247 -5.11 14.39 20.83
C ILE B 247 -3.72 13.80 20.63
N THR B 248 -2.74 14.20 21.45
CA THR B 248 -1.39 13.63 21.35
C THR B 248 -1.42 12.10 21.50
N TYR B 249 -2.12 11.64 22.53
CA TYR B 249 -2.23 10.21 22.82
C TYR B 249 -2.85 9.46 21.64
N LEU B 250 -4.03 9.89 21.21
CA LEU B 250 -4.70 9.23 20.09
C LEU B 250 -3.86 9.21 18.80
N SER B 251 -3.11 10.27 18.55
CA SER B 251 -2.34 10.43 17.31
C SER B 251 -1.19 9.44 17.26
N ARG B 252 -0.80 8.88 18.41
CA ARG B 252 0.32 7.94 18.46
C ARG B 252 -0.08 6.49 18.22
N LEU B 253 -1.37 6.18 18.23
CA LEU B 253 -1.81 4.80 18.14
C LEU B 253 -1.72 4.30 16.70
N ARG B 254 -1.29 3.05 16.54
CA ARG B 254 -1.08 2.46 15.23
C ARG B 254 -2.04 1.29 14.98
N ASN B 255 -2.68 0.81 16.04
CA ASN B 255 -3.54 -0.37 15.90
C ASN B 255 -5.03 0.01 15.87
N GLN B 256 -5.72 -0.46 14.83
CA GLN B 256 -7.11 -0.06 14.62
C GLN B 256 -8.00 -0.47 15.78
N SER B 257 -7.86 -1.72 16.24
CA SER B 257 -8.67 -2.16 17.38
C SER B 257 -8.43 -1.33 18.64
N VAL B 258 -7.18 -0.98 18.92
CA VAL B 258 -6.85 -0.11 20.05
C VAL B 258 -7.40 1.30 19.81
N PHE B 259 -7.27 1.79 18.58
CA PHE B 259 -7.78 3.12 18.24
C PHE B 259 -9.28 3.24 18.50
N ASN B 260 -10.06 2.26 18.04
CA ASN B 260 -11.51 2.27 18.29
C ASN B 260 -11.84 2.31 19.79
N PHE B 261 -11.16 1.45 20.53
CA PHE B 261 -11.32 1.34 21.98
C PHE B 261 -11.00 2.67 22.67
N CYS B 262 -9.95 3.37 22.23
CA CYS B 262 -9.50 4.60 22.91
C CYS B 262 -10.25 5.85 22.44
N ALA B 263 -10.53 5.92 21.15
CA ALA B 263 -11.01 7.19 20.58
C ALA B 263 -12.50 7.41 20.86
N ILE B 264 -13.29 6.35 20.78
CA ILE B 264 -14.73 6.55 20.88
C ILE B 264 -15.18 7.14 22.23
N PRO B 265 -14.68 6.62 23.37
CA PRO B 265 -15.05 7.20 24.65
C PRO B 265 -14.66 8.68 24.75
N GLN B 266 -13.50 9.01 24.19
CA GLN B 266 -13.02 10.39 24.26
C GLN B 266 -13.93 11.31 23.47
N VAL B 267 -14.36 10.87 22.28
CA VAL B 267 -15.30 11.66 21.49
C VAL B 267 -16.64 11.79 22.19
N MET B 268 -17.14 10.72 22.79
CA MET B 268 -18.40 10.82 23.53
C MET B 268 -18.30 11.77 24.73
N ALA B 269 -17.16 11.75 25.42
CA ALA B 269 -16.94 12.70 26.51
C ALA B 269 -16.93 14.14 26.01
N ILE B 270 -16.22 14.38 24.90
CA ILE B 270 -16.16 15.73 24.34
C ILE B 270 -17.58 16.19 23.93
N ALA B 271 -18.34 15.30 23.28
CA ALA B 271 -19.73 15.63 22.91
C ALA B 271 -20.57 15.98 24.14
N THR B 272 -20.34 15.24 25.22
CA THR B 272 -21.08 15.47 26.46
C THR B 272 -20.74 16.82 27.06
N LEU B 273 -19.46 17.13 27.15
CA LEU B 273 -19.07 18.44 27.66
C LEU B 273 -19.65 19.59 26.84
N ALA B 274 -19.62 19.46 25.51
CA ALA B 274 -20.23 20.50 24.66
C ALA B 274 -21.73 20.63 24.93
N ALA B 275 -22.41 19.51 25.16
CA ALA B 275 -23.85 19.52 25.43
C ALA B 275 -24.12 20.17 26.78
N CYS B 276 -23.19 20.00 27.71
CA CYS B 276 -23.38 20.52 29.07
C CYS B 276 -22.97 21.98 29.20
N TYR B 277 -22.09 22.45 28.32
CA TYR B 277 -21.53 23.80 28.46
C TYR B 277 -22.61 24.90 28.55
N ASN B 278 -22.54 25.70 29.61
CA ASN B 278 -23.50 26.79 29.83
C ASN B 278 -24.96 26.36 29.75
N ASN B 279 -25.26 25.14 30.19
CA ASN B 279 -26.57 24.57 29.99
C ASN B 279 -27.24 24.36 31.34
N GLN B 280 -28.32 25.08 31.58
CA GLN B 280 -29.12 24.97 32.80
C GLN B 280 -29.65 23.56 33.06
N GLN B 281 -29.82 22.77 32.00
CA GLN B 281 -30.40 21.43 32.12
C GLN B 281 -29.55 20.49 32.98
N VAL B 282 -28.25 20.75 33.05
CA VAL B 282 -27.37 19.97 33.93
C VAL B 282 -27.96 19.83 35.34
N PHE B 283 -28.63 20.89 35.81
CA PHE B 283 -29.15 20.91 37.18
C PHE B 283 -30.61 20.53 37.33
N LYS B 284 -31.22 20.13 36.22
CA LYS B 284 -32.62 19.73 36.22
C LYS B 284 -32.77 18.25 35.89
N GLY B 285 -31.75 17.66 35.29
CA GLY B 285 -31.66 16.21 35.12
C GLY B 285 -30.65 15.72 34.10
N ALA B 286 -31.15 14.93 33.15
CA ALA B 286 -30.31 14.31 32.13
C ALA B 286 -30.16 15.20 30.90
N VAL B 287 -28.93 15.32 30.41
CA VAL B 287 -28.66 16.21 29.29
C VAL B 287 -28.61 15.49 27.96
N LYS B 288 -29.39 16.00 27.00
CA LYS B 288 -29.41 15.54 25.62
C LYS B 288 -28.16 15.88 24.81
N ILE B 289 -27.42 14.85 24.40
CA ILE B 289 -26.28 15.04 23.50
C ILE B 289 -26.79 15.25 22.07
N ARG B 290 -26.66 16.49 21.60
CA ARG B 290 -27.30 16.96 20.37
C ARG B 290 -26.77 16.33 19.08
N LYS B 291 -27.54 16.44 18.00
CA LYS B 291 -27.07 16.06 16.67
C LYS B 291 -25.96 17.03 16.26
N GLY B 292 -24.82 16.50 15.82
CA GLY B 292 -23.65 17.31 15.51
C GLY B 292 -23.74 18.20 14.28
N GLN B 293 -22.75 19.07 14.10
CA GLN B 293 -22.67 19.96 12.94
C GLN B 293 -22.49 19.14 11.66
N ALA B 294 -23.14 19.59 10.59
CA ALA B 294 -23.32 18.80 9.37
C ALA B 294 -22.06 18.09 8.85
N VAL B 295 -20.94 18.80 8.84
CA VAL B 295 -19.69 18.25 8.30
C VAL B 295 -19.25 16.99 9.04
N THR B 296 -19.44 16.95 10.35
CA THR B 296 -19.05 15.80 11.17
C THR B 296 -19.96 14.58 11.08
N LEU B 297 -21.18 14.77 10.56
CA LEU B 297 -22.20 13.72 10.55
C LEU B 297 -21.86 12.64 9.53
N MET B 298 -20.92 12.99 8.65
CA MET B 298 -20.49 12.13 7.57
C MET B 298 -19.15 11.46 7.93
N MET B 299 -18.72 11.62 9.18
CA MET B 299 -17.49 10.98 9.65
C MET B 299 -17.74 10.11 10.87
N ASP B 300 -16.95 9.06 11.08
CA ASP B 300 -17.04 8.31 12.31
C ASP B 300 -15.72 8.50 13.05
N ALA B 301 -15.61 7.89 14.23
CA ALA B 301 -14.48 8.16 15.11
C ALA B 301 -13.45 7.05 14.97
N THR B 302 -13.17 6.60 13.75
CA THR B 302 -12.26 5.46 13.56
C THR B 302 -10.99 5.74 12.76
N ASN B 303 -10.75 7.00 12.41
CA ASN B 303 -9.43 7.41 11.92
C ASN B 303 -9.09 8.75 12.55
N MET B 304 -7.81 9.02 12.68
CA MET B 304 -7.32 10.13 13.49
C MET B 304 -7.73 11.49 12.91
N PRO B 305 -7.61 11.71 11.59
CA PRO B 305 -8.07 13.01 11.08
C PRO B 305 -9.56 13.25 11.32
N ALA B 306 -10.39 12.22 11.20
CA ALA B 306 -11.80 12.41 11.49
C ALA B 306 -12.02 12.75 12.97
N VAL B 307 -11.33 12.04 13.85
CA VAL B 307 -11.44 12.28 15.29
C VAL B 307 -11.00 13.73 15.58
N LYS B 308 -9.90 14.16 14.99
CA LYS B 308 -9.49 15.56 15.15
C LYS B 308 -10.59 16.55 14.74
N ALA B 309 -11.17 16.32 13.57
CA ALA B 309 -12.19 17.24 13.02
C ALA B 309 -13.40 17.26 13.95
N ILE B 310 -13.79 16.09 14.45
CA ILE B 310 -14.93 15.99 15.37
C ILE B 310 -14.66 16.77 16.68
N ILE B 311 -13.48 16.56 17.25
CA ILE B 311 -13.07 17.27 18.46
C ILE B 311 -13.04 18.78 18.21
N TYR B 312 -12.44 19.20 17.09
CA TYR B 312 -12.32 20.62 16.77
C TYR B 312 -13.69 21.27 16.60
N GLN B 313 -14.61 20.55 15.97
CA GLN B 313 -15.98 21.03 15.82
C GLN B 313 -16.70 21.18 17.16
N TYR B 314 -16.53 20.21 18.05
CA TYR B 314 -17.11 20.35 19.39
C TYR B 314 -16.51 21.51 20.16
N MET B 315 -15.20 21.76 20.01
CA MET B 315 -14.60 22.94 20.63
C MET B 315 -15.27 24.24 20.19
N GLU B 316 -15.56 24.36 18.89
CA GLU B 316 -16.24 25.56 18.37
C GLU B 316 -17.67 25.67 18.85
N GLU B 317 -18.34 24.55 19.06
CA GLU B 317 -19.69 24.56 19.65
C GLU B 317 -19.69 25.16 21.06
N ILE B 318 -18.67 24.83 21.83
CA ILE B 318 -18.48 25.48 23.13
C ILE B 318 -18.15 26.96 22.93
N TYR B 319 -17.15 27.23 22.08
CA TYR B 319 -16.68 28.60 21.87
C TYR B 319 -17.83 29.57 21.54
N HIS B 320 -18.66 29.16 20.57
CA HIS B 320 -19.85 29.92 20.15
C HIS B 320 -20.77 30.28 21.28
N ARG B 321 -20.75 29.50 22.36
CA ARG B 321 -21.74 29.62 23.42
C ARG B 321 -21.20 30.34 24.65
N ILE B 322 -19.91 30.70 24.63
CA ILE B 322 -19.31 31.39 25.77
C ILE B 322 -19.88 32.80 25.94
N PRO B 323 -20.61 33.05 27.04
CA PRO B 323 -21.14 34.41 27.13
C PRO B 323 -20.15 35.34 27.83
N ASP B 324 -20.14 36.62 27.44
CA ASP B 324 -19.19 37.55 28.02
C ASP B 324 -19.31 37.70 29.53
N SER B 325 -20.50 37.50 30.09
CA SER B 325 -20.74 37.67 31.52
C SER B 325 -20.23 36.49 32.35
N ASP B 326 -19.88 35.38 31.71
CA ASP B 326 -19.39 34.25 32.49
C ASP B 326 -18.02 34.60 33.06
N PRO B 327 -17.78 34.32 34.35
CA PRO B 327 -16.49 34.74 34.94
C PRO B 327 -15.26 33.97 34.42
N SER B 328 -15.48 32.79 33.84
CA SER B 328 -14.42 32.00 33.21
C SER B 328 -14.29 32.22 31.71
N SER B 329 -15.05 33.16 31.17
CA SER B 329 -15.14 33.28 29.72
C SER B 329 -13.78 33.39 29.03
N SER B 330 -12.92 34.23 29.58
CA SER B 330 -11.58 34.42 29.01
C SER B 330 -10.73 33.14 29.07
N LYS B 331 -10.82 32.40 30.17
CA LYS B 331 -10.09 31.15 30.32
C LYS B 331 -10.63 30.10 29.38
N THR B 332 -11.94 30.09 29.19
CA THR B 332 -12.50 29.10 28.27
C THR B 332 -12.05 29.40 26.84
N ARG B 333 -12.06 30.68 26.46
CA ARG B 333 -11.58 31.03 25.12
C ARG B 333 -10.11 30.68 24.94
N GLN B 334 -9.32 30.96 25.97
CA GLN B 334 -7.88 30.75 25.92
C GLN B 334 -7.50 29.28 25.72
N ILE B 335 -8.12 28.36 26.44
CA ILE B 335 -7.80 26.94 26.25
C ILE B 335 -8.24 26.47 24.86
N ILE B 336 -9.41 26.93 24.40
CA ILE B 336 -9.88 26.54 23.08
C ILE B 336 -8.93 27.10 22.02
N SER B 337 -8.48 28.33 22.23
CA SER B 337 -7.56 28.97 21.30
C SER B 337 -6.25 28.19 21.19
N THR B 338 -5.73 27.70 22.32
CA THR B 338 -4.55 26.84 22.37
C THR B 338 -4.75 25.52 21.61
N ILE B 339 -5.90 24.90 21.79
CA ILE B 339 -6.24 23.68 21.08
C ILE B 339 -6.39 23.90 19.56
N ARG B 340 -6.96 25.03 19.14
CA ARG B 340 -7.05 25.39 17.72
C ARG B 340 -5.69 25.53 17.03
N THR B 341 -4.75 26.16 17.72
CA THR B 341 -3.50 26.59 17.08
C THR B 341 -2.44 25.51 17.09
N GLN B 342 -2.47 24.64 18.10
CA GLN B 342 -1.55 23.52 18.23
C GLN B 342 -1.67 22.55 17.06
N SER C 10 -20.76 1.38 -24.00
CA SER C 10 -21.66 0.23 -24.32
C SER C 10 -23.02 0.60 -23.78
N SER C 11 -24.00 0.70 -24.68
CA SER C 11 -25.35 0.97 -24.17
C SER C 11 -25.99 -0.23 -23.47
N SER C 12 -25.63 -1.46 -23.82
CA SER C 12 -26.23 -2.58 -23.11
C SER C 12 -25.72 -2.66 -21.67
N LEU C 13 -24.45 -2.32 -21.43
CA LEU C 13 -23.97 -2.30 -20.05
C LEU C 13 -24.68 -1.22 -19.23
N LYS C 14 -24.92 -0.06 -19.84
CA LYS C 14 -25.70 0.99 -19.15
C LYS C 14 -27.08 0.50 -18.72
N THR C 15 -27.75 -0.22 -19.62
CA THR C 15 -29.06 -0.79 -19.31
C THR C 15 -29.00 -1.76 -18.12
N CYS C 16 -27.96 -2.58 -18.09
CA CYS C 16 -27.73 -3.52 -16.97
C CYS C 16 -27.59 -2.77 -15.65
N TYR C 17 -26.81 -1.69 -15.64
CA TYR C 17 -26.71 -0.92 -14.41
C TYR C 17 -28.01 -0.21 -14.08
N LYS C 18 -28.77 0.22 -15.09
CA LYS C 18 -30.12 0.73 -14.80
C LYS C 18 -30.96 -0.33 -14.08
N TYR C 19 -30.96 -1.54 -14.62
CA TYR C 19 -31.75 -2.62 -14.01
C TYR C 19 -31.27 -2.91 -12.59
N LEU C 20 -29.95 -2.91 -12.39
CA LEU C 20 -29.42 -3.12 -11.03
C LEU C 20 -29.99 -2.12 -10.01
N ASN C 21 -29.97 -0.85 -10.35
CA ASN C 21 -30.43 0.20 -9.44
C ASN C 21 -31.94 0.20 -9.23
N GLN C 22 -32.66 -0.14 -10.30
CA GLN C 22 -34.12 -0.24 -10.25
C GLN C 22 -34.57 -1.41 -9.39
N THR C 23 -33.76 -2.46 -9.29
CA THR C 23 -34.20 -3.70 -8.64
C THR C 23 -33.67 -3.89 -7.21
N SER C 24 -32.38 -3.59 -6.97
CA SER C 24 -31.76 -3.93 -5.70
C SER C 24 -31.64 -2.73 -4.75
N ARG C 25 -32.45 -2.69 -3.70
CA ARG C 25 -32.26 -1.71 -2.64
C ARG C 25 -31.02 -1.98 -1.77
N SER C 26 -30.73 -3.25 -1.53
CA SER C 26 -29.72 -3.61 -0.55
C SER C 26 -28.31 -3.67 -1.14
N PHE C 27 -28.21 -3.96 -2.44
CA PHE C 27 -26.89 -4.27 -2.99
C PHE C 27 -26.43 -3.35 -4.10
N ALA C 28 -27.32 -2.59 -4.73
CA ALA C 28 -26.91 -1.82 -5.92
C ALA C 28 -25.72 -0.90 -5.63
N ALA C 29 -25.81 -0.14 -4.56
CA ALA C 29 -24.72 0.80 -4.24
C ALA C 29 -23.38 0.13 -3.94
N VAL C 30 -23.39 -0.91 -3.11
CA VAL C 30 -22.16 -1.61 -2.75
C VAL C 30 -21.56 -2.37 -3.93
N ILE C 31 -22.39 -2.88 -4.84
CA ILE C 31 -21.90 -3.49 -6.08
C ILE C 31 -21.24 -2.44 -6.99
N GLN C 32 -21.90 -1.30 -7.17
CA GLN C 32 -21.34 -0.26 -8.04
C GLN C 32 -20.04 0.33 -7.47
N ALA C 33 -19.86 0.17 -6.16
CA ALA C 33 -18.62 0.60 -5.49
C ALA C 33 -17.46 -0.40 -5.55
N LEU C 34 -17.69 -1.60 -6.08
CA LEU C 34 -16.62 -2.60 -6.20
C LEU C 34 -15.53 -2.17 -7.17
N ASP C 35 -14.29 -2.50 -6.83
CA ASP C 35 -13.14 -2.10 -7.62
C ASP C 35 -13.12 -2.81 -8.96
N GLY C 36 -12.73 -2.07 -10.00
CA GLY C 36 -12.28 -2.68 -11.26
C GLY C 36 -13.22 -3.68 -11.88
N GLU C 37 -12.68 -4.78 -12.37
CA GLU C 37 -13.48 -5.82 -13.03
C GLU C 37 -14.56 -6.46 -12.18
N MET C 38 -14.41 -6.44 -10.85
CA MET C 38 -15.39 -7.09 -9.99
C MET C 38 -16.75 -6.44 -10.16
N ARG C 39 -16.75 -5.16 -10.50
CA ARG C 39 -18.01 -4.41 -10.54
C ARG C 39 -18.95 -4.97 -11.61
N ASN C 40 -18.44 -5.15 -12.83
CA ASN C 40 -19.27 -5.68 -13.91
C ASN C 40 -19.62 -7.14 -13.63
N ALA C 41 -18.65 -7.91 -13.14
CA ALA C 41 -18.84 -9.35 -12.94
C ALA C 41 -19.97 -9.54 -11.92
N VAL C 42 -19.95 -8.75 -10.86
CA VAL C 42 -20.95 -8.93 -9.80
C VAL C 42 -22.32 -8.33 -10.19
N CYS C 43 -22.31 -7.19 -10.89
CA CYS C 43 -23.55 -6.65 -11.44
C CYS C 43 -24.24 -7.66 -12.33
N ILE C 44 -23.50 -8.27 -13.26
CA ILE C 44 -24.10 -9.28 -14.14
C ILE C 44 -24.52 -10.53 -13.35
N PHE C 45 -23.72 -10.94 -12.38
CA PHE C 45 -24.08 -12.12 -11.56
C PHE C 45 -25.40 -11.87 -10.85
N TYR C 46 -25.54 -10.67 -10.31
CA TYR C 46 -26.78 -10.26 -9.65
C TYR C 46 -28.00 -10.36 -10.58
N LEU C 47 -27.89 -9.74 -11.75
CA LEU C 47 -28.98 -9.74 -12.72
C LEU C 47 -29.36 -11.13 -13.21
N VAL C 48 -28.36 -11.95 -13.50
CA VAL C 48 -28.68 -13.29 -13.96
C VAL C 48 -29.31 -14.13 -12.87
N LEU C 49 -28.86 -14.01 -11.62
CA LEU C 49 -29.48 -14.78 -10.55
C LEU C 49 -30.87 -14.20 -10.26
N ARG C 50 -31.00 -12.89 -10.41
CA ARG C 50 -32.32 -12.30 -10.29
C ARG C 50 -33.29 -12.87 -11.33
N ALA C 51 -32.85 -13.05 -12.58
CA ALA C 51 -33.71 -13.65 -13.61
C ALA C 51 -34.09 -15.07 -13.23
N LEU C 52 -33.11 -15.85 -12.78
CA LEU C 52 -33.38 -17.22 -12.34
C LEU C 52 -34.39 -17.29 -11.19
N ASP C 53 -34.19 -16.42 -10.19
CA ASP C 53 -35.08 -16.31 -9.03
C ASP C 53 -36.49 -15.93 -9.43
N THR C 54 -36.58 -15.01 -10.39
CA THR C 54 -37.88 -14.57 -10.90
C THR C 54 -38.67 -15.74 -11.51
N LEU C 55 -37.98 -16.61 -12.25
CA LEU C 55 -38.59 -17.85 -12.72
C LEU C 55 -39.01 -18.77 -11.57
N GLU C 56 -38.10 -18.98 -10.61
CA GLU C 56 -38.39 -19.82 -9.45
C GLU C 56 -39.66 -19.36 -8.73
N ASP C 57 -39.79 -18.05 -8.53
CA ASP C 57 -40.81 -17.46 -7.66
C ASP C 57 -42.19 -17.43 -8.32
N ASP C 58 -42.24 -17.53 -9.65
CA ASP C 58 -43.45 -17.23 -10.39
C ASP C 58 -44.43 -18.40 -10.35
N MET C 59 -45.53 -18.24 -9.60
CA MET C 59 -46.48 -19.34 -9.41
C MET C 59 -47.41 -19.54 -10.60
N THR C 60 -47.34 -18.66 -11.59
CA THR C 60 -48.15 -18.81 -12.79
C THR C 60 -47.49 -19.73 -13.81
N ILE C 61 -46.24 -20.11 -13.58
CA ILE C 61 -45.53 -21.08 -14.42
C ILE C 61 -45.70 -22.44 -13.74
N SER C 62 -46.32 -23.40 -14.41
CA SER C 62 -46.55 -24.71 -13.79
C SER C 62 -45.22 -25.38 -13.50
N VAL C 63 -45.16 -26.30 -12.53
CA VAL C 63 -43.93 -27.03 -12.22
C VAL C 63 -43.35 -27.72 -13.46
N GLU C 64 -44.20 -28.34 -14.27
CA GLU C 64 -43.74 -29.09 -15.44
C GLU C 64 -43.07 -28.19 -16.48
N LYS C 65 -43.60 -26.98 -16.65
CA LYS C 65 -43.01 -25.97 -17.55
C LYS C 65 -41.75 -25.36 -16.95
N LYS C 66 -41.75 -25.20 -15.63
CA LYS C 66 -40.70 -24.46 -14.92
C LYS C 66 -39.39 -25.26 -14.86
N VAL C 67 -39.48 -26.56 -14.59
CA VAL C 67 -38.28 -27.35 -14.34
C VAL C 67 -37.27 -27.28 -15.49
N PRO C 68 -37.72 -27.45 -16.74
CA PRO C 68 -36.73 -27.36 -17.82
C PRO C 68 -36.13 -25.97 -17.97
N LEU C 69 -36.86 -24.93 -17.59
CA LEU C 69 -36.29 -23.58 -17.62
C LEU C 69 -35.21 -23.41 -16.55
N LEU C 70 -35.48 -23.91 -15.33
CA LEU C 70 -34.50 -23.89 -14.23
C LEU C 70 -33.26 -24.68 -14.62
N HIS C 71 -33.50 -25.87 -15.18
CA HIS C 71 -32.40 -26.78 -15.50
C HIS C 71 -31.49 -26.21 -16.58
N ASN C 72 -32.08 -25.56 -17.57
CA ASN C 72 -31.33 -25.10 -18.74
C ASN C 72 -30.90 -23.64 -18.67
N PHE C 73 -31.23 -22.98 -17.56
CA PHE C 73 -30.99 -21.54 -17.48
C PHE C 73 -29.52 -21.20 -17.73
N HIS C 74 -28.62 -22.01 -17.16
CA HIS C 74 -27.17 -21.84 -17.34
C HIS C 74 -26.79 -21.84 -18.83
N SER C 75 -27.48 -22.61 -19.66
CA SER C 75 -27.22 -22.65 -21.09
C SER C 75 -27.88 -21.50 -21.86
N PHE C 76 -28.97 -20.96 -21.33
CA PHE C 76 -29.61 -19.80 -21.95
C PHE C 76 -28.67 -18.59 -21.96
N LEU C 77 -27.69 -18.56 -21.05
CA LEU C 77 -26.64 -17.53 -21.05
C LEU C 77 -25.88 -17.47 -22.37
N TYR C 78 -25.84 -18.59 -23.10
CA TYR C 78 -25.16 -18.64 -24.38
C TYR C 78 -26.11 -18.71 -25.57
N GLN C 79 -27.40 -18.42 -25.36
CA GLN C 79 -28.39 -18.38 -26.46
C GLN C 79 -28.75 -16.91 -26.60
N PRO C 80 -28.11 -16.18 -27.54
CA PRO C 80 -28.21 -14.73 -27.57
C PRO C 80 -29.61 -14.16 -27.69
N ASP C 81 -30.52 -14.92 -28.31
CA ASP C 81 -31.90 -14.45 -28.50
C ASP C 81 -32.87 -14.89 -27.41
N TRP C 82 -32.40 -15.69 -26.44
CA TRP C 82 -33.32 -16.20 -25.42
C TRP C 82 -33.88 -15.10 -24.53
N ARG C 83 -35.20 -15.10 -24.34
CA ARG C 83 -35.88 -14.23 -23.37
C ARG C 83 -37.13 -14.98 -22.89
N PHE C 84 -37.80 -14.46 -21.87
CA PHE C 84 -39.04 -15.06 -21.38
C PHE C 84 -40.08 -13.96 -21.19
N MET C 85 -41.19 -14.09 -21.91
CA MET C 85 -42.19 -13.04 -22.07
C MET C 85 -43.47 -13.30 -21.27
N GLU C 86 -43.51 -14.41 -20.54
CA GLU C 86 -44.75 -14.84 -19.89
C GLU C 86 -44.75 -14.71 -18.37
N SER C 87 -43.77 -13.99 -17.85
CA SER C 87 -43.68 -13.83 -16.41
C SER C 87 -44.71 -12.82 -15.92
N LYS C 88 -45.29 -13.09 -14.75
CA LYS C 88 -46.23 -12.15 -14.16
C LYS C 88 -45.63 -11.41 -12.96
N GLU C 89 -44.32 -11.53 -12.78
CA GLU C 89 -43.66 -11.02 -11.58
C GLU C 89 -43.34 -9.55 -11.75
N LYS C 90 -43.20 -8.82 -10.64
CA LYS C 90 -42.83 -7.41 -10.74
C LYS C 90 -41.51 -7.14 -11.48
N ASP C 91 -40.50 -7.99 -11.34
CA ASP C 91 -39.20 -7.78 -12.00
C ASP C 91 -39.00 -8.48 -13.33
N ARG C 92 -40.08 -8.62 -14.09
CA ARG C 92 -40.01 -9.43 -15.30
C ARG C 92 -39.13 -8.77 -16.36
N GLN C 93 -38.80 -7.49 -16.21
CA GLN C 93 -37.95 -6.85 -17.22
C GLN C 93 -36.60 -7.56 -17.41
N VAL C 94 -36.00 -8.09 -16.34
CA VAL C 94 -34.76 -8.87 -16.50
C VAL C 94 -34.89 -10.16 -17.33
N LEU C 95 -36.10 -10.72 -17.38
CA LEU C 95 -36.38 -11.88 -18.24
C LEU C 95 -36.75 -11.46 -19.66
N GLU C 96 -37.54 -10.40 -19.79
CA GLU C 96 -37.99 -9.90 -21.09
C GLU C 96 -36.83 -9.31 -21.88
N ASP C 97 -35.91 -8.66 -21.18
CA ASP C 97 -34.72 -8.11 -21.80
C ASP C 97 -33.46 -8.93 -21.47
N PHE C 98 -33.66 -10.24 -21.30
CA PHE C 98 -32.52 -11.10 -20.99
C PHE C 98 -31.38 -11.05 -22.03
N PRO C 99 -31.69 -10.90 -23.33
CA PRO C 99 -30.58 -10.81 -24.28
C PRO C 99 -29.56 -9.70 -23.98
N THR C 100 -30.03 -8.60 -23.40
CA THR C 100 -29.13 -7.49 -23.05
C THR C 100 -28.17 -7.90 -21.92
N ILE C 101 -28.72 -8.59 -20.94
CA ILE C 101 -27.92 -9.13 -19.83
C ILE C 101 -26.96 -10.26 -20.26
N SER C 102 -27.48 -11.19 -21.05
CA SER C 102 -26.63 -12.28 -21.54
C SER C 102 -25.51 -11.79 -22.46
N LEU C 103 -25.76 -10.76 -23.27
CA LEU C 103 -24.70 -10.18 -24.08
C LEU C 103 -23.57 -9.67 -23.19
N GLU C 104 -23.95 -8.96 -22.13
CA GLU C 104 -22.93 -8.45 -21.23
C GLU C 104 -22.27 -9.54 -20.38
N PHE C 105 -23.00 -10.60 -20.06
CA PHE C 105 -22.36 -11.78 -19.46
C PHE C 105 -21.26 -12.34 -20.38
N ARG C 106 -21.57 -12.44 -21.67
CA ARG C 106 -20.63 -13.03 -22.63
C ARG C 106 -19.43 -12.12 -22.90
N ASN C 107 -19.53 -10.86 -22.50
CA ASN C 107 -18.44 -9.91 -22.60
C ASN C 107 -17.49 -9.95 -21.40
N LEU C 108 -17.88 -10.64 -20.34
CA LEU C 108 -17.01 -10.81 -19.17
C LEU C 108 -15.86 -11.75 -19.53
N ALA C 109 -14.74 -11.59 -18.83
CA ALA C 109 -13.65 -12.53 -19.02
C ALA C 109 -14.16 -13.95 -18.79
N GLU C 110 -13.65 -14.89 -19.57
CA GLU C 110 -14.04 -16.29 -19.50
C GLU C 110 -13.96 -16.87 -18.07
N LYS C 111 -12.95 -16.50 -17.29
CA LYS C 111 -12.88 -17.01 -15.91
C LYS C 111 -14.11 -16.64 -15.07
N TYR C 112 -14.67 -15.45 -15.30
CA TYR C 112 -15.90 -15.09 -14.59
C TYR C 112 -17.13 -15.81 -15.14
N GLN C 113 -17.24 -15.89 -16.46
CA GLN C 113 -18.30 -16.68 -17.08
C GLN C 113 -18.36 -18.11 -16.52
N THR C 114 -17.20 -18.73 -16.36
CA THR C 114 -17.15 -20.11 -15.87
C THR C 114 -17.80 -20.22 -14.49
N VAL C 115 -17.45 -19.31 -13.59
CA VAL C 115 -18.02 -19.29 -12.23
C VAL C 115 -19.53 -19.07 -12.27
N ILE C 116 -19.97 -18.05 -13.00
CA ILE C 116 -21.39 -17.65 -12.99
C ILE C 116 -22.26 -18.76 -13.58
N ALA C 117 -21.80 -19.35 -14.69
CA ALA C 117 -22.54 -20.44 -15.33
C ALA C 117 -22.60 -21.69 -14.43
N ASP C 118 -21.49 -22.02 -13.76
CA ASP C 118 -21.48 -23.17 -12.86
C ASP C 118 -22.52 -22.98 -11.75
N ILE C 119 -22.53 -21.80 -11.15
CA ILE C 119 -23.46 -21.51 -10.05
C ILE C 119 -24.92 -21.55 -10.56
N CYS C 120 -25.19 -20.98 -11.73
CA CYS C 120 -26.54 -21.03 -12.29
C CYS C 120 -27.03 -22.46 -12.50
N ARG C 121 -26.11 -23.30 -12.97
CA ARG C 121 -26.42 -24.70 -13.26
C ARG C 121 -26.80 -25.45 -11.99
N ARG C 122 -26.00 -25.23 -10.95
CA ARG C 122 -26.16 -25.98 -9.70
C ARG C 122 -27.36 -25.43 -8.95
N MET C 123 -27.57 -24.12 -9.01
CA MET C 123 -28.74 -23.50 -8.39
C MET C 123 -30.03 -23.95 -9.07
N GLY C 124 -30.03 -24.02 -10.40
CA GLY C 124 -31.20 -24.51 -11.14
C GLY C 124 -31.61 -25.90 -10.72
N ILE C 125 -30.64 -26.80 -10.61
CA ILE C 125 -30.92 -28.17 -10.17
C ILE C 125 -31.59 -28.17 -8.79
N GLY C 126 -31.01 -27.42 -7.86
CA GLY C 126 -31.52 -27.37 -6.50
C GLY C 126 -32.88 -26.72 -6.36
N MET C 127 -33.09 -25.62 -7.07
CA MET C 127 -34.39 -24.96 -7.03
C MET C 127 -35.43 -25.93 -7.56
N ALA C 128 -35.09 -26.62 -8.66
CA ALA C 128 -36.06 -27.57 -9.22
C ALA C 128 -36.43 -28.67 -8.22
N GLU C 129 -35.45 -29.18 -7.47
CA GLU C 129 -35.69 -30.18 -6.43
C GLU C 129 -36.74 -29.76 -5.42
N PHE C 130 -36.75 -28.47 -5.08
CA PHE C 130 -37.64 -27.99 -4.04
C PHE C 130 -39.00 -27.44 -4.52
N LEU C 131 -39.29 -27.50 -5.82
CA LEU C 131 -40.59 -27.04 -6.28
C LEU C 131 -41.74 -27.86 -5.74
N ASP C 132 -41.53 -29.16 -5.58
CA ASP C 132 -42.60 -30.07 -5.19
C ASP C 132 -42.63 -30.34 -3.68
N LYS C 133 -41.72 -29.75 -2.90
CA LYS C 133 -41.68 -30.13 -1.48
C LYS C 133 -41.46 -28.91 -0.58
N HIS C 134 -41.92 -29.00 0.65
CA HIS C 134 -41.62 -27.98 1.65
C HIS C 134 -40.31 -28.37 2.33
N VAL C 135 -39.75 -27.47 3.13
CA VAL C 135 -38.58 -27.84 3.91
C VAL C 135 -39.01 -28.58 5.16
N THR C 136 -38.47 -29.77 5.35
CA THR C 136 -38.81 -30.60 6.52
C THR C 136 -37.80 -30.42 7.66
N SER C 137 -36.67 -31.12 7.61
CA SER C 137 -35.68 -31.05 8.68
C SER C 137 -34.84 -29.79 8.61
N GLU C 138 -34.14 -29.51 9.70
CA GLU C 138 -33.10 -28.47 9.67
C GLU C 138 -32.01 -28.78 8.65
N GLN C 139 -31.68 -30.05 8.44
CA GLN C 139 -30.74 -30.45 7.38
C GLN C 139 -31.25 -30.07 5.99
N GLU C 140 -32.54 -30.31 5.73
CA GLU C 140 -33.17 -29.85 4.49
C GLU C 140 -33.20 -28.33 4.35
N TRP C 141 -33.33 -27.63 5.47
CA TRP C 141 -33.33 -26.16 5.45
C TRP C 141 -31.97 -25.69 4.95
N ASP C 142 -30.91 -26.31 5.48
CA ASP C 142 -29.53 -26.00 5.09
C ASP C 142 -29.33 -26.30 3.61
N LYS C 143 -29.96 -27.36 3.12
CA LYS C 143 -29.82 -27.74 1.71
C LYS C 143 -30.55 -26.72 0.83
N TYR C 144 -31.78 -26.37 1.17
CA TYR C 144 -32.51 -25.37 0.40
C TYR C 144 -31.73 -24.06 0.41
N CYS C 145 -31.28 -23.63 1.58
CA CYS C 145 -30.52 -22.38 1.69
C CYS C 145 -29.21 -22.40 0.91
N HIS C 146 -28.54 -23.55 0.91
CA HIS C 146 -27.34 -23.75 0.10
C HIS C 146 -27.65 -23.50 -1.39
N TYR C 147 -28.75 -24.09 -1.87
CA TYR C 147 -29.13 -23.91 -3.26
C TYR C 147 -29.43 -22.47 -3.67
N VAL C 148 -30.10 -21.71 -2.81
CA VAL C 148 -30.58 -20.38 -3.23
C VAL C 148 -29.78 -19.21 -2.67
N ALA C 149 -28.80 -19.47 -1.82
CA ALA C 149 -28.06 -18.39 -1.15
C ALA C 149 -26.61 -18.78 -0.86
N GLY C 150 -26.41 -19.97 -0.28
CA GLY C 150 -25.06 -20.48 -0.04
C GLY C 150 -24.24 -20.44 -1.33
N LEU C 151 -24.81 -20.96 -2.42
CA LEU C 151 -24.16 -20.95 -3.74
C LEU C 151 -23.85 -19.55 -4.25
N VAL C 152 -24.63 -18.55 -3.82
CA VAL C 152 -24.36 -17.16 -4.18
C VAL C 152 -23.09 -16.69 -3.48
N GLY C 153 -22.95 -17.02 -2.18
CA GLY C 153 -21.75 -16.67 -1.45
C GLY C 153 -20.52 -17.34 -2.05
N ILE C 154 -20.65 -18.60 -2.40
CA ILE C 154 -19.57 -19.37 -3.04
C ILE C 154 -19.20 -18.75 -4.39
N GLY C 155 -20.20 -18.43 -5.20
CA GLY C 155 -19.95 -17.82 -6.52
C GLY C 155 -19.26 -16.48 -6.39
N LEU C 156 -19.77 -15.63 -5.50
CA LEU C 156 -19.15 -14.31 -5.27
C LEU C 156 -17.70 -14.48 -4.82
N SER C 157 -17.46 -15.42 -3.92
CA SER C 157 -16.11 -15.64 -3.37
C SER C 157 -15.18 -16.12 -4.48
N ARG C 158 -15.69 -16.95 -5.37
CA ARG C 158 -14.91 -17.44 -6.50
C ARG C 158 -14.59 -16.28 -7.46
N LEU C 159 -15.52 -15.36 -7.66
CA LEU C 159 -15.24 -14.16 -8.44
C LEU C 159 -14.18 -13.29 -7.78
N PHE C 160 -14.26 -13.09 -6.46
CA PHE C 160 -13.28 -12.27 -5.76
C PHE C 160 -11.89 -12.84 -5.95
N SER C 161 -11.76 -14.15 -5.74
CA SER C 161 -10.47 -14.80 -5.95
C SER C 161 -10.01 -14.78 -7.40
N ALA C 162 -10.94 -15.02 -8.34
CA ALA C 162 -10.53 -15.06 -9.74
C ALA C 162 -9.99 -13.70 -10.19
N SER C 163 -10.55 -12.63 -9.64
CA SER C 163 -10.12 -11.26 -9.92
C SER C 163 -8.74 -10.90 -9.37
N GLU C 164 -8.24 -11.67 -8.42
CA GLU C 164 -6.99 -11.41 -7.69
C GLU C 164 -7.05 -10.23 -6.72
N PHE C 165 -8.23 -9.67 -6.50
CA PHE C 165 -8.38 -8.61 -5.50
C PHE C 165 -8.42 -9.21 -4.09
N GLU C 166 -8.75 -10.49 -4.00
CA GLU C 166 -8.68 -11.24 -2.75
C GLU C 166 -7.83 -12.51 -2.93
N ASP C 167 -7.40 -13.07 -1.79
CA ASP C 167 -6.58 -14.29 -1.73
C ASP C 167 -7.33 -15.47 -2.35
N PRO C 168 -6.61 -16.46 -2.91
CA PRO C 168 -7.24 -17.69 -3.40
C PRO C 168 -8.03 -18.42 -2.32
N LEU C 169 -7.68 -18.25 -1.05
CA LEU C 169 -8.37 -18.95 0.03
C LEU C 169 -9.86 -18.58 0.05
N VAL C 170 -10.16 -17.35 -0.31
CA VAL C 170 -11.53 -16.84 -0.21
C VAL C 170 -12.45 -17.70 -1.09
N GLY C 171 -12.09 -17.90 -2.35
CA GLY C 171 -12.89 -18.79 -3.22
C GLY C 171 -12.74 -20.27 -2.91
N GLU C 172 -11.61 -20.68 -2.34
CA GLU C 172 -11.43 -22.08 -1.98
C GLU C 172 -12.24 -22.56 -0.77
N ASP C 173 -12.38 -21.69 0.23
CA ASP C 173 -13.09 -22.09 1.44
C ASP C 173 -14.61 -21.98 1.25
N THR C 174 -15.15 -22.96 0.53
CA THR C 174 -16.56 -22.92 0.17
C THR C 174 -17.50 -23.05 1.37
N GLU C 175 -17.07 -23.77 2.42
CA GLU C 175 -17.89 -23.80 3.63
C GLU C 175 -18.11 -22.44 4.28
N ARG C 176 -17.04 -21.65 4.44
CA ARG C 176 -17.21 -20.29 4.96
C ARG C 176 -18.07 -19.40 4.06
N ALA C 177 -17.85 -19.48 2.74
CA ALA C 177 -18.67 -18.67 1.82
C ALA C 177 -20.14 -19.10 1.90
N ASN C 178 -20.36 -20.40 2.01
CA ASN C 178 -21.73 -20.92 2.10
C ASN C 178 -22.42 -20.36 3.35
N SER C 179 -21.70 -20.32 4.47
CA SER C 179 -22.24 -19.72 5.69
C SER C 179 -22.68 -18.27 5.54
N MET C 180 -21.90 -17.47 4.82
CA MET C 180 -22.26 -16.08 4.47
C MET C 180 -23.66 -16.01 3.85
N GLY C 181 -23.91 -16.87 2.86
CA GLY C 181 -25.22 -16.92 2.21
C GLY C 181 -26.32 -17.45 3.13
N LEU C 182 -26.01 -18.50 3.87
CA LEU C 182 -27.00 -19.10 4.76
C LEU C 182 -27.47 -18.13 5.83
N PHE C 183 -26.55 -17.35 6.38
CA PHE C 183 -26.94 -16.44 7.44
C PHE C 183 -27.95 -15.40 6.93
N LEU C 184 -27.69 -14.86 5.75
CA LEU C 184 -28.60 -13.88 5.13
C LEU C 184 -29.93 -14.52 4.79
N GLN C 185 -29.92 -15.70 4.18
CA GLN C 185 -31.17 -16.31 3.74
C GLN C 185 -32.06 -16.70 4.94
N LYS C 186 -31.42 -17.27 5.96
CA LYS C 186 -32.19 -17.69 7.14
C LYS C 186 -32.78 -16.46 7.82
N THR C 187 -31.98 -15.39 7.92
CA THR C 187 -32.50 -14.15 8.50
C THR C 187 -33.72 -13.62 7.76
N ASN C 188 -33.67 -13.59 6.43
CA ASN C 188 -34.81 -13.22 5.58
C ASN C 188 -36.01 -14.12 5.79
N ILE C 189 -35.77 -15.43 5.83
CA ILE C 189 -36.87 -16.38 6.05
C ILE C 189 -37.58 -16.20 7.38
N ILE C 190 -36.79 -15.98 8.42
CA ILE C 190 -37.30 -15.73 9.76
C ILE C 190 -38.14 -14.46 9.79
N ARG C 191 -37.57 -13.36 9.31
CA ARG C 191 -38.18 -12.04 9.37
C ARG C 191 -39.45 -12.01 8.53
N ASP C 192 -39.45 -12.76 7.43
CA ASP C 192 -40.60 -12.71 6.52
C ASP C 192 -41.73 -13.70 6.76
N TYR C 193 -41.83 -14.26 7.97
CA TYR C 193 -42.87 -15.24 8.29
C TYR C 193 -44.23 -14.76 7.76
N LEU C 194 -44.60 -13.54 8.14
CA LEU C 194 -45.97 -13.10 7.95
C LEU C 194 -46.26 -12.76 6.49
N GLU C 195 -45.32 -12.08 5.87
CA GLU C 195 -45.47 -11.75 4.46
C GLU C 195 -45.54 -13.00 3.59
N ASP C 196 -44.70 -13.99 3.90
CA ASP C 196 -44.74 -15.27 3.19
C ASP C 196 -46.05 -16.01 3.43
N GLN C 197 -46.52 -16.00 4.68
CA GLN C 197 -47.79 -16.66 5.01
C GLN C 197 -48.89 -16.09 4.12
N GLN C 198 -48.89 -14.77 3.97
CA GLN C 198 -49.88 -14.11 3.13
C GLN C 198 -49.77 -14.36 1.63
N GLY C 199 -48.56 -14.71 1.17
CA GLY C 199 -48.39 -15.07 -0.23
C GLY C 199 -48.53 -16.57 -0.45
N GLY C 200 -48.91 -17.29 0.60
CA GLY C 200 -49.04 -18.74 0.53
C GLY C 200 -47.71 -19.47 0.37
N ARG C 201 -46.67 -18.91 0.95
CA ARG C 201 -45.33 -19.51 0.89
C ARG C 201 -44.97 -20.09 2.25
N GLU C 202 -44.24 -21.22 2.23
CA GLU C 202 -43.80 -21.84 3.47
C GLU C 202 -42.31 -22.17 3.42
N PHE C 203 -41.54 -21.47 4.25
CA PHE C 203 -40.10 -21.69 4.31
C PHE C 203 -39.59 -22.14 5.67
N TRP C 204 -40.36 -21.94 6.74
CA TRP C 204 -39.97 -22.38 8.08
C TRP C 204 -39.94 -23.91 8.11
N PRO C 205 -38.87 -24.51 8.66
CA PRO C 205 -38.71 -25.95 8.57
C PRO C 205 -39.79 -26.71 9.33
N GLN C 206 -40.45 -27.60 8.62
CA GLN C 206 -41.62 -28.28 9.14
C GLN C 206 -41.29 -29.05 10.43
N GLU C 207 -40.08 -29.58 10.51
CA GLU C 207 -39.72 -30.38 11.69
C GLU C 207 -39.53 -29.56 12.95
N VAL C 208 -39.17 -28.30 12.76
CA VAL C 208 -39.19 -27.35 13.87
C VAL C 208 -40.60 -26.86 14.19
N TRP C 209 -41.30 -26.26 13.21
CA TRP C 209 -42.60 -25.68 13.54
C TRP C 209 -43.67 -26.65 14.01
N SER C 210 -43.61 -27.90 13.55
CA SER C 210 -44.66 -28.86 13.88
C SER C 210 -44.58 -29.30 15.34
N ARG C 211 -43.44 -29.04 15.96
CA ARG C 211 -43.27 -29.28 17.39
C ARG C 211 -44.06 -28.26 18.22
N TYR C 212 -44.58 -27.24 17.56
CA TYR C 212 -45.33 -26.17 18.23
C TYR C 212 -46.81 -26.12 17.88
N VAL C 213 -47.13 -26.17 16.59
CA VAL C 213 -48.50 -25.99 16.13
C VAL C 213 -48.80 -27.00 15.05
N LYS C 214 -50.09 -27.21 14.77
CA LYS C 214 -50.52 -28.17 13.77
C LYS C 214 -50.22 -27.68 12.35
N LYS C 215 -50.35 -26.38 12.11
CA LYS C 215 -50.14 -25.75 10.81
C LYS C 215 -49.27 -24.51 10.95
N LEU C 216 -48.35 -24.30 10.02
CA LEU C 216 -47.43 -23.15 10.09
C LEU C 216 -48.19 -21.82 10.17
N GLY C 217 -49.28 -21.73 9.41
CA GLY C 217 -50.17 -20.57 9.46
C GLY C 217 -50.75 -20.26 10.83
N ASP C 218 -50.73 -21.24 11.74
CA ASP C 218 -51.26 -21.07 13.08
C ASP C 218 -50.52 -20.03 13.91
N PHE C 219 -49.27 -19.76 13.55
CA PHE C 219 -48.45 -18.74 14.22
C PHE C 219 -48.97 -17.32 14.00
N ALA C 220 -49.78 -17.12 12.96
CA ALA C 220 -50.40 -15.82 12.69
C ALA C 220 -51.61 -15.55 13.57
N LYS C 221 -52.14 -16.58 14.23
CA LYS C 221 -53.28 -16.41 15.11
C LYS C 221 -52.81 -15.95 16.49
N PRO C 222 -53.41 -14.86 17.00
CA PRO C 222 -52.93 -14.24 18.23
C PRO C 222 -53.00 -15.13 19.47
N GLU C 223 -53.89 -16.14 19.48
CA GLU C 223 -53.91 -17.10 20.58
C GLU C 223 -52.67 -18.00 20.65
N ASN C 224 -51.90 -18.06 19.57
CA ASN C 224 -50.70 -18.89 19.53
C ASN C 224 -49.36 -18.15 19.64
N ILE C 225 -49.42 -16.90 20.09
CA ILE C 225 -48.25 -16.03 20.09
C ILE C 225 -47.10 -16.56 20.94
N ASP C 226 -47.41 -17.19 22.08
CA ASP C 226 -46.38 -17.73 22.96
C ASP C 226 -45.53 -18.81 22.27
N LEU C 227 -46.21 -19.79 21.69
CA LEU C 227 -45.58 -20.82 20.88
C LEU C 227 -44.88 -20.28 19.63
N ALA C 228 -45.45 -19.25 19.01
CA ALA C 228 -44.84 -18.62 17.84
C ALA C 228 -43.46 -18.07 18.21
N VAL C 229 -43.41 -17.34 19.31
CA VAL C 229 -42.19 -16.68 19.71
C VAL C 229 -41.16 -17.73 20.13
N GLN C 230 -41.62 -18.82 20.73
CA GLN C 230 -40.69 -19.89 21.07
C GLN C 230 -40.03 -20.52 19.83
N CYS C 231 -40.84 -20.76 18.80
CA CYS C 231 -40.33 -21.28 17.53
C CYS C 231 -39.39 -20.28 16.86
N LEU C 232 -39.81 -19.01 16.84
CA LEU C 232 -39.00 -17.89 16.37
C LEU C 232 -37.61 -17.93 17.03
N ASN C 233 -37.58 -18.05 18.36
CA ASN C 233 -36.31 -18.08 19.09
C ASN C 233 -35.44 -19.29 18.76
N GLU C 234 -36.07 -20.44 18.51
CA GLU C 234 -35.36 -21.64 18.10
C GLU C 234 -34.68 -21.45 16.75
N LEU C 235 -35.40 -20.89 15.78
CA LEU C 235 -34.88 -20.63 14.44
C LEU C 235 -33.78 -19.57 14.46
N ILE C 236 -33.95 -18.54 15.28
CA ILE C 236 -32.90 -17.53 15.41
C ILE C 236 -31.63 -18.19 15.96
N THR C 237 -31.79 -19.08 16.95
CA THR C 237 -30.67 -19.79 17.55
C THR C 237 -29.92 -20.61 16.50
N ASN C 238 -30.68 -21.30 15.65
CA ASN C 238 -30.11 -21.98 14.50
C ASN C 238 -29.30 -21.02 13.62
N ALA C 239 -29.87 -19.88 13.23
CA ALA C 239 -29.13 -18.98 12.34
C ALA C 239 -27.85 -18.44 12.99
N LEU C 240 -27.87 -18.22 14.31
CA LEU C 240 -26.69 -17.67 14.99
C LEU C 240 -25.47 -18.59 14.81
N HIS C 241 -25.71 -19.86 14.50
CA HIS C 241 -24.59 -20.80 14.32
C HIS C 241 -23.65 -20.42 13.18
N HIS C 242 -24.12 -19.60 12.24
CA HIS C 242 -23.24 -19.21 11.13
C HIS C 242 -22.35 -18.02 11.44
N ILE C 243 -22.57 -17.35 12.57
CA ILE C 243 -21.79 -16.13 12.85
C ILE C 243 -20.28 -16.35 12.99
N PRO C 244 -19.82 -17.42 13.66
CA PRO C 244 -18.37 -17.64 13.67
C PRO C 244 -17.73 -17.69 12.27
N ASP C 245 -18.37 -18.40 11.35
CA ASP C 245 -17.90 -18.43 9.95
C ASP C 245 -17.98 -17.04 9.29
N VAL C 246 -19.03 -16.27 9.54
CA VAL C 246 -19.13 -14.90 9.01
C VAL C 246 -17.92 -14.07 9.47
N ILE C 247 -17.59 -14.17 10.76
CA ILE C 247 -16.44 -13.42 11.28
C ILE C 247 -15.15 -13.90 10.62
N THR C 248 -14.97 -15.22 10.55
CA THR C 248 -13.79 -15.78 9.87
C THR C 248 -13.71 -15.28 8.42
N TYR C 249 -14.80 -15.41 7.67
CA TYR C 249 -14.83 -14.95 6.29
C TYR C 249 -14.41 -13.48 6.17
N LEU C 250 -15.08 -12.61 6.93
CA LEU C 250 -14.79 -11.17 6.83
C LEU C 250 -13.35 -10.85 7.22
N SER C 251 -12.82 -11.60 8.19
CA SER C 251 -11.48 -11.37 8.71
C SER C 251 -10.37 -11.65 7.68
N ARG C 252 -10.69 -12.36 6.61
CA ARG C 252 -9.72 -12.71 5.56
C ARG C 252 -9.66 -11.73 4.39
N LEU C 253 -10.65 -10.84 4.31
CA LEU C 253 -10.72 -9.89 3.19
C LEU C 253 -9.68 -8.81 3.33
N ARG C 254 -9.11 -8.43 2.19
CA ARG C 254 -8.03 -7.45 2.19
C ARG C 254 -8.36 -6.27 1.27
N ASN C 255 -9.45 -6.36 0.51
CA ASN C 255 -9.85 -5.26 -0.38
C ASN C 255 -11.00 -4.48 0.26
N GLN C 256 -10.85 -3.17 0.41
CA GLN C 256 -11.87 -2.35 1.08
C GLN C 256 -13.25 -2.42 0.42
N SER C 257 -13.29 -2.34 -0.91
CA SER C 257 -14.59 -2.38 -1.62
C SER C 257 -15.29 -3.74 -1.44
N VAL C 258 -14.55 -4.84 -1.49
CA VAL C 258 -15.10 -6.17 -1.22
C VAL C 258 -15.52 -6.29 0.25
N PHE C 259 -14.69 -5.81 1.17
CA PHE C 259 -15.05 -5.80 2.60
C PHE C 259 -16.40 -5.07 2.81
N ASN C 260 -16.54 -3.87 2.27
CA ASN C 260 -17.80 -3.13 2.40
C ASN C 260 -18.99 -3.90 1.85
N PHE C 261 -18.83 -4.46 0.65
CA PHE C 261 -19.88 -5.22 -0.01
C PHE C 261 -20.25 -6.44 0.85
N CYS C 262 -19.27 -7.10 1.47
CA CYS C 262 -19.59 -8.29 2.26
C CYS C 262 -20.10 -7.99 3.66
N ALA C 263 -19.49 -7.00 4.31
CA ALA C 263 -19.75 -6.70 5.72
C ALA C 263 -21.08 -6.02 5.97
N ILE C 264 -21.43 -5.04 5.13
CA ILE C 264 -22.65 -4.26 5.36
C ILE C 264 -23.91 -5.13 5.39
N PRO C 265 -24.09 -6.01 4.40
CA PRO C 265 -25.28 -6.86 4.47
C PRO C 265 -25.26 -7.82 5.68
N GLN C 266 -24.10 -8.35 6.05
CA GLN C 266 -24.06 -9.23 7.23
C GLN C 266 -24.48 -8.46 8.48
N VAL C 267 -23.99 -7.23 8.62
CA VAL C 267 -24.31 -6.44 9.81
C VAL C 267 -25.80 -6.07 9.81
N MET C 268 -26.35 -5.75 8.64
CA MET C 268 -27.81 -5.54 8.57
C MET C 268 -28.61 -6.78 8.95
N ALA C 269 -28.17 -7.96 8.54
CA ALA C 269 -28.84 -9.20 8.95
C ALA C 269 -28.78 -9.44 10.46
N ILE C 270 -27.62 -9.20 11.04
CA ILE C 270 -27.41 -9.42 12.47
C ILE C 270 -28.29 -8.45 13.29
N ALA C 271 -28.30 -7.19 12.86
CA ALA C 271 -29.22 -6.20 13.41
C ALA C 271 -30.67 -6.67 13.38
N THR C 272 -31.03 -7.28 12.25
CA THR C 272 -32.40 -7.71 12.02
C THR C 272 -32.72 -8.90 12.91
N LEU C 273 -31.83 -9.89 12.96
CA LEU C 273 -32.07 -11.02 13.88
C LEU C 273 -32.20 -10.56 15.32
N ALA C 274 -31.36 -9.61 15.75
CA ALA C 274 -31.45 -9.08 17.12
C ALA C 274 -32.79 -8.38 17.38
N ALA C 275 -33.27 -7.63 16.39
CA ALA C 275 -34.57 -6.97 16.54
C ALA C 275 -35.71 -7.98 16.60
N CYS C 276 -35.57 -9.10 15.88
CA CYS C 276 -36.61 -10.13 15.85
C CYS C 276 -36.59 -11.05 17.08
N TYR C 277 -35.46 -11.16 17.75
CA TYR C 277 -35.34 -12.09 18.87
C TYR C 277 -36.40 -11.80 19.94
N ASN C 278 -37.17 -12.83 20.31
CA ASN C 278 -38.20 -12.77 21.35
C ASN C 278 -39.25 -11.68 21.07
N ASN C 279 -39.47 -11.39 19.79
CA ASN C 279 -40.31 -10.26 19.42
C ASN C 279 -41.66 -10.69 18.83
N GLN C 280 -42.75 -10.42 19.56
CA GLN C 280 -44.10 -10.72 19.09
C GLN C 280 -44.43 -10.05 17.76
N GLN C 281 -43.83 -8.88 17.51
CA GLN C 281 -44.05 -8.13 16.28
C GLN C 281 -43.78 -8.92 15.01
N VAL C 282 -42.83 -9.86 15.05
CA VAL C 282 -42.59 -10.72 13.89
C VAL C 282 -43.89 -11.32 13.33
N PHE C 283 -44.83 -11.66 14.20
CA PHE C 283 -46.05 -12.34 13.77
C PHE C 283 -47.21 -11.39 13.53
N LYS C 284 -46.99 -10.12 13.81
CA LYS C 284 -48.06 -9.12 13.85
C LYS C 284 -47.91 -8.05 12.77
N GLY C 285 -46.67 -7.73 12.39
CA GLY C 285 -46.42 -6.79 11.32
C GLY C 285 -44.97 -6.39 11.10
N ALA C 286 -44.71 -5.09 11.19
CA ALA C 286 -43.42 -4.52 10.83
C ALA C 286 -42.44 -4.53 12.01
N VAL C 287 -41.27 -5.12 11.80
CA VAL C 287 -40.18 -5.06 12.77
C VAL C 287 -39.09 -4.13 12.24
N LYS C 288 -38.93 -2.97 12.86
CA LYS C 288 -37.79 -2.13 12.49
C LYS C 288 -36.68 -2.15 13.54
N ILE C 289 -35.45 -2.11 13.04
CA ILE C 289 -34.23 -2.01 13.84
C ILE C 289 -34.28 -0.72 14.64
N ARG C 290 -34.15 -0.83 15.96
CA ARG C 290 -33.94 0.36 16.77
C ARG C 290 -32.44 0.59 16.96
N LYS C 291 -32.03 1.85 16.92
CA LYS C 291 -30.63 2.26 17.00
C LYS C 291 -29.83 1.56 18.11
N GLY C 292 -28.60 1.19 17.80
CA GLY C 292 -27.76 0.43 18.72
C GLY C 292 -27.18 1.18 19.92
N GLN C 293 -26.30 0.48 20.65
CA GLN C 293 -25.61 1.04 21.81
C GLN C 293 -24.76 2.23 21.38
N ALA C 294 -24.66 3.23 22.25
CA ALA C 294 -24.06 4.53 21.90
C ALA C 294 -22.68 4.38 21.26
N VAL C 295 -21.86 3.51 21.82
CA VAL C 295 -20.51 3.29 21.32
C VAL C 295 -20.50 2.81 19.86
N THR C 296 -21.40 1.88 19.51
CA THR C 296 -21.41 1.30 18.17
C THR C 296 -21.97 2.21 17.07
N LEU C 297 -22.86 3.12 17.43
CA LEU C 297 -23.28 4.23 16.55
C LEU C 297 -22.12 5.12 16.10
N MET C 298 -21.03 5.16 16.86
CA MET C 298 -19.85 5.94 16.50
C MET C 298 -18.94 5.28 15.47
N MET C 299 -19.28 4.07 15.05
CA MET C 299 -18.42 3.40 14.08
C MET C 299 -19.27 2.89 12.90
N ASP C 300 -18.63 2.63 11.77
CA ASP C 300 -19.42 2.01 10.72
C ASP C 300 -18.78 0.66 10.42
N ALA C 301 -19.41 -0.11 9.55
CA ALA C 301 -19.00 -1.48 9.30
C ALA C 301 -17.92 -1.62 8.24
N THR C 302 -16.84 -0.83 8.33
CA THR C 302 -15.82 -0.79 7.28
C THR C 302 -14.40 -1.16 7.68
N ASN C 303 -14.21 -1.56 8.94
CA ASN C 303 -12.96 -2.18 9.35
C ASN C 303 -13.33 -3.34 10.27
N MET C 304 -12.45 -4.31 10.38
CA MET C 304 -12.82 -5.55 11.04
C MET C 304 -13.08 -5.38 12.56
N PRO C 305 -12.22 -4.61 13.26
CA PRO C 305 -12.53 -4.44 14.68
C PRO C 305 -13.88 -3.75 14.93
N ALA C 306 -14.26 -2.79 14.09
CA ALA C 306 -15.57 -2.14 14.17
C ALA C 306 -16.70 -3.14 13.91
N VAL C 307 -16.56 -3.96 12.88
CA VAL C 307 -17.58 -4.96 12.59
C VAL C 307 -17.70 -5.94 13.77
N LYS C 308 -16.59 -6.39 14.35
CA LYS C 308 -16.67 -7.29 15.49
C LYS C 308 -17.40 -6.63 16.66
N ALA C 309 -17.05 -5.38 17.00
CA ALA C 309 -17.73 -4.68 18.09
C ALA C 309 -19.22 -4.58 17.84
N ILE C 310 -19.58 -4.20 16.63
CA ILE C 310 -21.00 -4.14 16.27
C ILE C 310 -21.68 -5.50 16.47
N ILE C 311 -21.04 -6.58 16.00
CA ILE C 311 -21.60 -7.92 16.19
C ILE C 311 -21.70 -8.26 17.67
N TYR C 312 -20.66 -7.97 18.46
CA TYR C 312 -20.74 -8.28 19.89
C TYR C 312 -21.87 -7.51 20.57
N GLN C 313 -22.09 -6.27 20.17
CA GLN C 313 -23.16 -5.48 20.78
C GLN C 313 -24.50 -6.15 20.51
N TYR C 314 -24.71 -6.59 19.26
CA TYR C 314 -25.97 -7.26 18.93
C TYR C 314 -26.14 -8.59 19.65
N MET C 315 -25.04 -9.32 19.86
CA MET C 315 -25.13 -10.59 20.58
C MET C 315 -25.57 -10.36 22.03
N GLU C 316 -25.06 -9.31 22.65
CA GLU C 316 -25.49 -8.98 24.01
C GLU C 316 -26.95 -8.51 24.07
N GLU C 317 -27.39 -7.80 23.03
CA GLU C 317 -28.79 -7.39 22.96
C GLU C 317 -29.73 -8.60 22.96
N ILE C 318 -29.33 -9.67 22.28
CA ILE C 318 -30.07 -10.93 22.31
C ILE C 318 -29.91 -11.61 23.68
N TYR C 319 -28.66 -11.81 24.09
CA TYR C 319 -28.34 -12.54 25.32
C TYR C 319 -29.13 -11.98 26.50
N HIS C 320 -29.18 -10.66 26.61
CA HIS C 320 -29.88 -9.99 27.69
C HIS C 320 -31.37 -10.32 27.75
N ARG C 321 -31.96 -10.61 26.59
CA ARG C 321 -33.39 -10.84 26.47
C ARG C 321 -33.83 -12.31 26.54
N ILE C 322 -32.89 -13.24 26.68
CA ILE C 322 -33.23 -14.65 26.68
C ILE C 322 -34.13 -14.98 27.88
N PRO C 323 -35.36 -15.44 27.62
CA PRO C 323 -36.23 -15.81 28.74
C PRO C 323 -35.77 -17.14 29.35
N ASP C 324 -35.75 -17.22 30.67
CA ASP C 324 -35.43 -18.47 31.37
C ASP C 324 -36.32 -19.61 30.89
N SER C 325 -37.60 -19.31 30.67
CA SER C 325 -38.61 -20.29 30.29
C SER C 325 -38.51 -20.76 28.84
N ASP C 326 -37.74 -20.05 28.01
CA ASP C 326 -37.66 -20.39 26.60
C ASP C 326 -37.03 -21.76 26.41
N PRO C 327 -37.63 -22.59 25.55
CA PRO C 327 -37.12 -23.96 25.42
C PRO C 327 -35.74 -24.02 24.75
N SER C 328 -35.35 -22.95 24.06
CA SER C 328 -34.02 -22.89 23.44
C SER C 328 -32.98 -22.16 24.28
N SER C 329 -33.36 -21.70 25.48
CA SER C 329 -32.56 -20.72 26.21
C SER C 329 -31.13 -21.19 26.47
N SER C 330 -30.96 -22.44 26.89
CA SER C 330 -29.62 -22.99 27.06
C SER C 330 -28.78 -22.97 25.79
N LYS C 331 -29.40 -23.32 24.67
CA LYS C 331 -28.74 -23.34 23.36
C LYS C 331 -28.41 -21.93 22.86
N THR C 332 -29.29 -20.97 23.10
CA THR C 332 -29.02 -19.59 22.73
C THR C 332 -27.81 -19.01 23.46
N ARG C 333 -27.72 -19.26 24.77
CA ARG C 333 -26.56 -18.83 25.53
C ARG C 333 -25.28 -19.49 25.03
N GLN C 334 -25.37 -20.78 24.75
CA GLN C 334 -24.20 -21.54 24.32
C GLN C 334 -23.61 -21.03 23.01
N ILE C 335 -24.46 -20.77 22.01
CA ILE C 335 -23.92 -20.32 20.72
C ILE C 335 -23.32 -18.92 20.84
N ILE C 336 -24.00 -18.05 21.58
CA ILE C 336 -23.48 -16.71 21.84
C ILE C 336 -22.13 -16.77 22.55
N SER C 337 -22.03 -17.59 23.59
CA SER C 337 -20.76 -17.79 24.28
C SER C 337 -19.68 -18.25 23.29
N THR C 338 -20.02 -19.16 22.39
CA THR C 338 -19.09 -19.63 21.36
C THR C 338 -18.66 -18.51 20.42
N ILE C 339 -19.63 -17.69 20.00
CA ILE C 339 -19.32 -16.53 19.16
C ILE C 339 -18.31 -15.61 19.88
N ARG C 340 -18.48 -15.49 21.18
CA ARG C 340 -17.62 -14.64 22.00
C ARG C 340 -16.23 -15.22 22.23
N THR C 341 -16.03 -16.50 21.92
CA THR C 341 -14.76 -17.21 22.18
C THR C 341 -13.78 -17.09 21.02
N SER D 10 18.53 28.62 -14.91
CA SER D 10 19.81 28.96 -14.23
C SER D 10 20.98 28.26 -14.91
N SER D 11 21.72 29.01 -15.72
CA SER D 11 22.84 28.46 -16.48
C SER D 11 24.06 28.18 -15.60
N SER D 12 24.17 28.90 -14.49
CA SER D 12 25.20 28.63 -13.49
C SER D 12 24.94 27.27 -12.84
N LEU D 13 23.69 26.99 -12.49
CA LEU D 13 23.32 25.67 -12.00
C LEU D 13 23.67 24.57 -13.01
N LYS D 14 23.39 24.83 -14.28
CA LYS D 14 23.81 23.93 -15.36
C LYS D 14 25.32 23.65 -15.33
N THR D 15 26.11 24.68 -15.05
CA THR D 15 27.56 24.55 -14.94
C THR D 15 27.93 23.65 -13.75
N CYS D 16 27.27 23.85 -12.62
CA CYS D 16 27.51 23.04 -11.43
C CYS D 16 27.31 21.56 -11.75
N TYR D 17 26.26 21.24 -12.50
CA TYR D 17 25.99 19.86 -12.85
C TYR D 17 27.01 19.31 -13.86
N LYS D 18 27.49 20.15 -14.76
CA LYS D 18 28.55 19.75 -15.69
C LYS D 18 29.82 19.39 -14.91
N TYR D 19 30.20 20.25 -13.98
CA TYR D 19 31.36 20.01 -13.12
C TYR D 19 31.18 18.74 -12.31
N LEU D 20 29.97 18.55 -11.79
CA LEU D 20 29.66 17.36 -11.02
C LEU D 20 29.97 16.13 -11.86
N ASN D 21 29.42 16.07 -13.07
CA ASN D 21 29.64 14.95 -13.98
C ASN D 21 31.09 14.79 -14.45
N GLN D 22 31.79 15.91 -14.62
CA GLN D 22 33.16 15.87 -15.13
C GLN D 22 34.14 15.36 -14.08
N THR D 23 33.85 15.62 -12.81
CA THR D 23 34.76 15.29 -11.72
C THR D 23 34.44 13.98 -11.00
N SER D 24 33.15 13.75 -10.69
CA SER D 24 32.74 12.64 -9.84
C SER D 24 32.32 11.39 -10.61
N ARG D 25 33.22 10.41 -10.65
CA ARG D 25 32.92 9.12 -11.27
C ARG D 25 31.96 8.28 -10.42
N SER D 26 32.10 8.33 -9.11
CA SER D 26 31.36 7.43 -8.22
C SER D 26 30.00 7.98 -7.76
N PHE D 27 29.86 9.30 -7.72
CA PHE D 27 28.69 9.87 -7.05
C PHE D 27 27.78 10.70 -7.97
N ALA D 28 28.27 11.11 -9.14
CA ALA D 28 27.50 12.05 -9.95
C ALA D 28 26.11 11.51 -10.28
N ALA D 29 26.03 10.25 -10.71
CA ALA D 29 24.76 9.68 -11.13
C ALA D 29 23.79 9.47 -9.97
N VAL D 30 24.28 9.03 -8.81
CA VAL D 30 23.40 8.80 -7.68
C VAL D 30 22.97 10.10 -7.03
N ILE D 31 23.82 11.13 -7.11
CA ILE D 31 23.44 12.48 -6.66
C ILE D 31 22.35 13.07 -7.55
N GLN D 32 22.54 12.99 -8.86
CA GLN D 32 21.54 13.50 -9.79
C GLN D 32 20.20 12.78 -9.69
N ALA D 33 20.21 11.54 -9.18
CA ALA D 33 19.00 10.75 -9.03
C ALA D 33 18.29 11.01 -7.70
N LEU D 34 18.86 11.85 -6.85
CA LEU D 34 18.21 12.14 -5.57
C LEU D 34 16.93 12.94 -5.76
N ASP D 35 15.96 12.65 -4.90
CA ASP D 35 14.67 13.34 -4.89
C ASP D 35 14.72 14.82 -4.51
N GLY D 36 13.95 15.61 -5.25
CA GLY D 36 13.56 16.95 -4.82
C GLY D 36 14.72 17.84 -4.42
N GLU D 37 14.56 18.49 -3.28
CA GLU D 37 15.53 19.44 -2.75
C GLU D 37 16.91 18.83 -2.43
N MET D 38 16.97 17.52 -2.21
CA MET D 38 18.25 16.89 -1.88
C MET D 38 19.24 16.91 -3.05
N ARG D 39 18.71 16.93 -4.26
CA ARG D 39 19.52 16.90 -5.48
C ARG D 39 20.51 18.07 -5.53
N ASN D 40 19.99 19.30 -5.60
CA ASN D 40 20.83 20.49 -5.54
C ASN D 40 21.67 20.63 -4.26
N ALA D 41 21.06 20.41 -3.11
CA ALA D 41 21.78 20.45 -1.83
C ALA D 41 23.01 19.54 -1.81
N VAL D 42 22.85 18.28 -2.22
CA VAL D 42 23.97 17.35 -2.25
C VAL D 42 24.96 17.66 -3.38
N CYS D 43 24.44 18.12 -4.53
CA CYS D 43 25.32 18.54 -5.63
C CYS D 43 26.27 19.63 -5.16
N ILE D 44 25.70 20.68 -4.57
CA ILE D 44 26.49 21.80 -4.07
C ILE D 44 27.45 21.36 -2.96
N PHE D 45 26.96 20.59 -2.00
CA PHE D 45 27.81 20.02 -0.94
C PHE D 45 29.01 19.26 -1.52
N TYR D 46 28.74 18.47 -2.54
CA TYR D 46 29.82 17.77 -3.23
C TYR D 46 30.83 18.77 -3.77
N LEU D 47 30.37 19.74 -4.56
CA LEU D 47 31.29 20.66 -5.25
C LEU D 47 32.06 21.51 -4.27
N VAL D 48 31.40 21.94 -3.20
CA VAL D 48 32.00 22.75 -2.15
C VAL D 48 33.15 21.98 -1.47
N LEU D 49 32.87 20.73 -1.08
CA LEU D 49 33.90 19.91 -0.45
C LEU D 49 35.00 19.52 -1.43
N ARG D 50 34.66 19.39 -2.71
CA ARG D 50 35.65 19.16 -3.77
C ARG D 50 36.66 20.30 -3.86
N ALA D 51 36.15 21.52 -3.71
CA ALA D 51 36.96 22.73 -3.76
C ALA D 51 37.92 22.78 -2.58
N LEU D 52 37.41 22.47 -1.39
CA LEU D 52 38.20 22.42 -0.16
C LEU D 52 39.30 21.36 -0.22
N ASP D 53 38.93 20.15 -0.62
CA ASP D 53 39.85 19.03 -0.77
C ASP D 53 40.99 19.32 -1.75
N THR D 54 40.67 20.04 -2.82
CA THR D 54 41.63 20.40 -3.86
C THR D 54 42.74 21.31 -3.32
N LEU D 55 42.38 22.20 -2.39
CA LEU D 55 43.38 23.01 -1.67
C LEU D 55 44.21 22.17 -0.71
N GLU D 56 43.55 21.30 0.05
CA GLU D 56 44.24 20.43 1.00
C GLU D 56 45.30 19.57 0.31
N ASP D 57 44.94 19.00 -0.84
CA ASP D 57 45.82 18.08 -1.57
C ASP D 57 46.96 18.79 -2.31
N ASP D 58 46.81 20.09 -2.53
CA ASP D 58 47.72 20.87 -3.37
C ASP D 58 49.02 21.24 -2.67
N MET D 59 50.10 20.55 -3.03
CA MET D 59 51.40 20.77 -2.40
C MET D 59 52.10 22.02 -2.93
N THR D 60 51.65 22.53 -4.08
CA THR D 60 52.04 23.84 -4.59
C THR D 60 51.86 24.91 -3.53
N ILE D 61 50.75 24.83 -2.80
CA ILE D 61 50.45 25.78 -1.74
C ILE D 61 51.26 25.45 -0.48
N SER D 62 52.00 26.43 0.02
CA SER D 62 52.80 26.27 1.22
C SER D 62 51.91 26.20 2.46
N VAL D 63 52.43 25.56 3.51
CA VAL D 63 51.68 25.34 4.74
C VAL D 63 51.10 26.62 5.33
N GLU D 64 51.93 27.65 5.46
CA GLU D 64 51.50 28.91 6.06
C GLU D 64 50.42 29.65 5.26
N LYS D 65 50.44 29.50 3.94
CA LYS D 65 49.40 30.07 3.09
C LYS D 65 48.14 29.20 3.12
N LYS D 66 48.34 27.88 3.20
CA LYS D 66 47.26 26.90 3.19
C LYS D 66 46.34 26.98 4.40
N VAL D 67 46.91 27.23 5.57
CA VAL D 67 46.15 27.19 6.82
C VAL D 67 44.93 28.10 6.85
N PRO D 68 45.10 29.41 6.56
CA PRO D 68 43.93 30.28 6.59
C PRO D 68 42.90 29.93 5.51
N LEU D 69 43.36 29.51 4.35
CA LEU D 69 42.45 29.06 3.30
C LEU D 69 41.49 28.01 3.84
N LEU D 70 42.04 26.99 4.52
CA LEU D 70 41.23 25.93 5.10
C LEU D 70 40.34 26.45 6.23
N HIS D 71 40.90 27.32 7.07
CA HIS D 71 40.16 27.89 8.19
C HIS D 71 38.97 28.74 7.75
N ASN D 72 39.20 29.60 6.76
CA ASN D 72 38.20 30.58 6.32
C ASN D 72 37.32 30.10 5.18
N PHE D 73 37.58 28.89 4.68
CA PHE D 73 36.80 28.38 3.56
C PHE D 73 35.29 28.51 3.73
N HIS D 74 34.81 28.21 4.93
CA HIS D 74 33.39 28.29 5.25
C HIS D 74 32.82 29.70 5.05
N SER D 75 33.66 30.71 5.23
CA SER D 75 33.25 32.09 5.02
C SER D 75 33.35 32.54 3.56
N PHE D 76 34.23 31.90 2.77
CA PHE D 76 34.31 32.17 1.33
C PHE D 76 33.00 31.84 0.60
N LEU D 77 32.17 31.02 1.24
CA LEU D 77 30.85 30.68 0.74
C LEU D 77 29.93 31.89 0.59
N TYR D 78 30.10 32.89 1.45
CA TYR D 78 29.27 34.09 1.44
C TYR D 78 29.97 35.32 0.88
N GLN D 79 31.14 35.10 0.27
CA GLN D 79 31.89 36.16 -0.37
C GLN D 79 31.77 35.96 -1.88
N PRO D 80 30.73 36.57 -2.49
CA PRO D 80 30.28 36.25 -3.84
C PRO D 80 31.37 36.16 -4.91
N ASP D 81 32.44 36.93 -4.75
CA ASP D 81 33.45 37.04 -5.81
C ASP D 81 34.68 36.16 -5.61
N TRP D 82 34.75 35.49 -4.46
CA TRP D 82 35.92 34.72 -4.09
C TRP D 82 36.24 33.59 -5.08
N ARG D 83 37.50 33.52 -5.49
CA ARG D 83 38.02 32.45 -6.33
C ARG D 83 39.48 32.17 -6.00
N PHE D 84 40.07 31.15 -6.64
CA PHE D 84 41.48 30.84 -6.44
C PHE D 84 42.15 30.47 -7.76
N MET D 85 43.07 31.32 -8.22
CA MET D 85 43.69 31.17 -9.54
C MET D 85 45.02 30.40 -9.54
N GLU D 86 45.54 30.09 -8.36
CA GLU D 86 46.90 29.57 -8.23
C GLU D 86 47.05 28.07 -7.88
N SER D 87 45.98 27.30 -8.06
CA SER D 87 46.06 25.85 -7.85
C SER D 87 46.67 25.18 -9.07
N LYS D 88 47.45 24.12 -8.82
CA LYS D 88 48.13 23.38 -9.88
C LYS D 88 47.56 21.98 -10.04
N GLU D 89 46.45 21.71 -9.36
CA GLU D 89 45.75 20.43 -9.41
C GLU D 89 44.98 20.27 -10.72
N LYS D 90 44.55 19.05 -11.02
CA LYS D 90 43.76 18.79 -12.23
C LYS D 90 42.34 19.37 -12.16
N ASP D 91 41.76 19.40 -10.97
CA ASP D 91 40.43 19.96 -10.77
C ASP D 91 40.47 21.42 -10.33
N ARG D 92 41.35 22.21 -10.95
CA ARG D 92 41.49 23.62 -10.58
C ARG D 92 40.26 24.42 -11.00
N GLN D 93 39.41 23.79 -11.82
CA GLN D 93 38.20 24.39 -12.36
C GLN D 93 37.21 24.87 -11.29
N VAL D 94 37.00 24.08 -10.24
CA VAL D 94 36.01 24.39 -9.21
C VAL D 94 36.46 25.48 -8.26
N LEU D 95 37.75 25.76 -8.27
CA LEU D 95 38.33 26.86 -7.50
C LEU D 95 38.38 28.13 -8.34
N GLU D 96 38.79 28.00 -9.60
CA GLU D 96 38.86 29.13 -10.53
C GLU D 96 37.48 29.69 -10.86
N ASP D 97 36.50 28.79 -10.95
CA ASP D 97 35.11 29.17 -11.22
C ASP D 97 34.21 29.08 -10.00
N PHE D 98 34.81 29.21 -8.82
CA PHE D 98 34.07 29.14 -7.56
C PHE D 98 32.87 30.08 -7.42
N PRO D 99 32.94 31.31 -7.96
CA PRO D 99 31.76 32.15 -7.87
C PRO D 99 30.48 31.47 -8.36
N THR D 100 30.57 30.74 -9.46
CA THR D 100 29.42 29.99 -9.98
C THR D 100 28.85 29.07 -8.91
N ILE D 101 29.72 28.26 -8.31
CA ILE D 101 29.36 27.31 -7.26
C ILE D 101 28.79 28.00 -6.03
N SER D 102 29.49 29.03 -5.58
CA SER D 102 29.12 29.78 -4.38
C SER D 102 27.76 30.46 -4.57
N LEU D 103 27.51 31.00 -5.76
CA LEU D 103 26.22 31.60 -6.08
C LEU D 103 25.08 30.60 -5.89
N GLU D 104 25.27 29.39 -6.41
CA GLU D 104 24.26 28.35 -6.27
C GLU D 104 24.10 27.87 -4.82
N PHE D 105 25.19 27.86 -4.05
CA PHE D 105 25.12 27.59 -2.63
C PHE D 105 24.20 28.59 -1.94
N ARG D 106 24.42 29.87 -2.23
CA ARG D 106 23.61 30.95 -1.67
C ARG D 106 22.13 30.91 -2.08
N ASN D 107 21.80 30.13 -3.10
CA ASN D 107 20.40 29.90 -3.48
C ASN D 107 19.68 28.77 -2.74
N LEU D 108 20.41 27.95 -2.00
CA LEU D 108 19.79 26.85 -1.26
C LEU D 108 18.99 27.35 -0.07
N ALA D 109 18.00 26.56 0.34
CA ALA D 109 17.26 26.78 1.57
C ALA D 109 18.20 26.90 2.77
N GLU D 110 17.83 27.78 3.69
CA GLU D 110 18.68 28.15 4.83
C GLU D 110 19.17 26.94 5.64
N LYS D 111 18.25 26.01 5.89
CA LYS D 111 18.55 24.80 6.63
C LYS D 111 19.68 23.99 5.98
N TYR D 112 19.81 24.04 4.66
CA TYR D 112 20.88 23.29 3.98
C TYR D 112 22.18 24.07 4.02
N GLN D 113 22.11 25.37 3.74
CA GLN D 113 23.26 26.26 3.93
C GLN D 113 23.92 26.06 5.29
N THR D 114 23.12 26.07 6.36
CA THR D 114 23.60 25.91 7.74
C THR D 114 24.43 24.64 7.94
N VAL D 115 23.87 23.52 7.48
CA VAL D 115 24.58 22.24 7.51
C VAL D 115 25.90 22.33 6.75
N ILE D 116 25.83 22.74 5.48
CA ILE D 116 27.01 22.80 4.62
C ILE D 116 28.14 23.68 5.20
N ALA D 117 27.79 24.86 5.69
CA ALA D 117 28.74 25.79 6.30
C ALA D 117 29.43 25.25 7.55
N ASP D 118 28.63 24.71 8.46
CA ASP D 118 29.14 24.08 9.68
C ASP D 118 30.13 22.97 9.34
N ILE D 119 29.75 22.08 8.42
CA ILE D 119 30.66 21.01 8.00
C ILE D 119 31.94 21.55 7.35
N CYS D 120 31.81 22.55 6.49
CA CYS D 120 32.99 23.18 5.89
C CYS D 120 33.90 23.75 6.98
N ARG D 121 33.26 24.37 7.97
CA ARG D 121 33.98 24.99 9.07
C ARG D 121 34.80 23.93 9.82
N ARG D 122 34.14 22.87 10.28
CA ARG D 122 34.77 21.86 11.11
C ARG D 122 35.81 21.02 10.38
N MET D 123 35.55 20.77 9.09
CA MET D 123 36.47 20.05 8.23
C MET D 123 37.73 20.87 7.97
N GLY D 124 37.55 22.18 7.79
CA GLY D 124 38.68 23.10 7.64
C GLY D 124 39.67 23.07 8.80
N ILE D 125 39.12 23.11 10.02
CA ILE D 125 39.94 23.03 11.23
C ILE D 125 40.67 21.69 11.29
N GLY D 126 39.97 20.62 10.96
CA GLY D 126 40.55 19.28 10.97
C GLY D 126 41.65 19.06 9.96
N MET D 127 41.44 19.46 8.71
CA MET D 127 42.46 19.33 7.68
C MET D 127 43.73 20.13 8.04
N ALA D 128 43.54 21.30 8.63
CA ALA D 128 44.65 22.13 9.11
C ALA D 128 45.49 21.43 10.18
N GLU D 129 44.83 20.79 11.15
CA GLU D 129 45.49 19.97 12.15
C GLU D 129 46.54 18.99 11.61
N PHE D 130 46.24 18.38 10.46
CA PHE D 130 47.04 17.27 9.94
C PHE D 130 48.03 17.61 8.83
N LEU D 131 48.19 18.89 8.54
CA LEU D 131 49.12 19.30 7.50
C LEU D 131 50.58 19.01 7.86
N ASP D 132 50.91 19.13 9.15
CA ASP D 132 52.28 18.94 9.61
C ASP D 132 52.52 17.64 10.37
N LYS D 133 51.61 16.68 10.24
CA LYS D 133 51.82 15.39 10.88
C LYS D 133 51.29 14.25 10.04
N HIS D 134 51.71 13.04 10.37
CA HIS D 134 51.11 11.85 9.81
C HIS D 134 50.19 11.27 10.86
N VAL D 135 49.56 10.15 10.55
CA VAL D 135 48.67 9.46 11.49
C VAL D 135 49.50 8.52 12.36
N THR D 136 49.36 8.65 13.68
CA THR D 136 50.10 7.78 14.61
C THR D 136 49.23 6.63 15.07
N SER D 137 48.42 6.85 16.10
CA SER D 137 47.60 5.79 16.67
C SER D 137 46.40 5.47 15.79
N GLU D 138 45.72 4.38 16.13
CA GLU D 138 44.44 4.06 15.53
C GLU D 138 43.37 5.08 15.93
N GLN D 139 43.46 5.59 17.16
CA GLN D 139 42.59 6.66 17.63
C GLN D 139 42.76 7.89 16.73
N GLU D 140 44.01 8.18 16.37
CA GLU D 140 44.32 9.25 15.44
C GLU D 140 43.86 8.98 14.00
N TRP D 141 43.91 7.72 13.56
CA TRP D 141 43.35 7.34 12.26
C TRP D 141 41.87 7.73 12.22
N ASP D 142 41.15 7.40 13.30
CA ASP D 142 39.73 7.70 13.36
C ASP D 142 39.48 9.20 13.33
N LYS D 143 40.34 9.96 13.98
CA LYS D 143 40.23 11.43 14.03
C LYS D 143 40.41 12.03 12.65
N TYR D 144 41.48 11.66 11.96
CA TYR D 144 41.71 12.09 10.58
C TYR D 144 40.55 11.71 9.65
N CYS D 145 40.07 10.46 9.75
CA CYS D 145 38.95 10.01 8.94
C CYS D 145 37.66 10.75 9.29
N HIS D 146 37.48 11.06 10.57
CA HIS D 146 36.33 11.84 11.00
C HIS D 146 36.34 13.18 10.27
N TYR D 147 37.51 13.79 10.22
CA TYR D 147 37.63 15.13 9.65
C TYR D 147 37.34 15.19 8.16
N VAL D 148 37.77 14.18 7.41
CA VAL D 148 37.73 14.24 5.96
C VAL D 148 36.63 13.39 5.33
N ALA D 149 35.93 12.60 6.14
CA ALA D 149 34.91 11.68 5.62
C ALA D 149 33.78 11.43 6.61
N GLY D 150 34.09 11.24 7.90
CA GLY D 150 33.07 11.12 8.92
C GLY D 150 32.11 12.31 8.88
N LEU D 151 32.68 13.50 8.78
CA LEU D 151 31.90 14.73 8.74
C LEU D 151 31.05 14.84 7.47
N VAL D 152 31.46 14.16 6.41
CA VAL D 152 30.68 14.12 5.17
C VAL D 152 29.42 13.30 5.44
N GLY D 153 29.58 12.11 6.01
CA GLY D 153 28.44 11.29 6.40
C GLY D 153 27.48 12.04 7.30
N ILE D 154 28.03 12.69 8.32
CA ILE D 154 27.26 13.51 9.25
C ILE D 154 26.53 14.65 8.52
N GLY D 155 27.25 15.35 7.64
CA GLY D 155 26.68 16.45 6.87
C GLY D 155 25.53 16.01 5.97
N LEU D 156 25.76 14.92 5.23
CA LEU D 156 24.74 14.33 4.37
C LEU D 156 23.52 13.87 5.17
N SER D 157 23.74 13.25 6.32
CA SER D 157 22.64 12.74 7.15
C SER D 157 21.77 13.87 7.71
N ARG D 158 22.43 14.97 8.08
CA ARG D 158 21.78 16.22 8.47
C ARG D 158 20.99 16.83 7.31
N LEU D 159 21.54 16.81 6.10
CA LEU D 159 20.76 17.22 4.93
C LEU D 159 19.55 16.32 4.67
N PHE D 160 19.70 15.01 4.80
CA PHE D 160 18.58 14.10 4.59
C PHE D 160 17.47 14.38 5.60
N SER D 161 17.87 14.57 6.87
CA SER D 161 16.89 14.90 7.90
C SER D 161 16.24 16.26 7.72
N ALA D 162 17.01 17.23 7.24
CA ALA D 162 16.49 18.59 7.11
C ALA D 162 15.48 18.62 5.98
N SER D 163 15.75 17.82 4.94
CA SER D 163 14.82 17.78 3.81
C SER D 163 13.52 17.06 4.18
N GLU D 164 13.54 16.31 5.28
CA GLU D 164 12.45 15.42 5.70
C GLU D 164 12.13 14.24 4.76
N PHE D 165 13.04 13.92 3.86
CA PHE D 165 12.93 12.68 3.09
C PHE D 165 13.31 11.48 3.97
N GLU D 166 14.05 11.77 5.04
CA GLU D 166 14.35 10.78 6.05
C GLU D 166 13.97 11.26 7.46
N ASP D 167 13.83 10.32 8.39
CA ASP D 167 13.57 10.59 9.80
C ASP D 167 14.59 11.51 10.47
N PRO D 168 14.16 12.24 11.51
CA PRO D 168 15.10 13.02 12.31
C PRO D 168 16.27 12.20 12.81
N LEU D 169 16.04 10.94 13.19
CA LEU D 169 17.10 10.07 13.73
C LEU D 169 18.33 9.99 12.84
N VAL D 170 18.14 10.07 11.52
CA VAL D 170 19.26 9.95 10.58
C VAL D 170 20.32 11.04 10.79
N GLY D 171 19.86 12.29 10.86
CA GLY D 171 20.72 13.41 11.22
C GLY D 171 21.18 13.44 12.66
N GLU D 172 20.34 12.96 13.58
CA GLU D 172 20.71 12.94 15.00
C GLU D 172 21.78 11.94 15.43
N ASP D 173 21.83 10.76 14.80
CA ASP D 173 22.78 9.72 15.21
C ASP D 173 24.11 9.91 14.50
N THR D 174 24.90 10.86 15.00
CA THR D 174 26.13 11.27 14.32
C THR D 174 27.17 10.17 14.35
N GLU D 175 27.10 9.31 15.35
CA GLU D 175 28.00 8.16 15.46
C GLU D 175 27.90 7.21 14.27
N ARG D 176 26.66 6.84 13.93
CA ARG D 176 26.41 5.94 12.81
C ARG D 176 26.78 6.58 11.48
N ALA D 177 26.52 7.88 11.36
CA ALA D 177 26.82 8.62 10.14
C ALA D 177 28.33 8.77 9.98
N ASN D 178 29.00 9.01 11.09
CA ASN D 178 30.46 9.07 11.13
C ASN D 178 31.01 7.73 10.63
N SER D 179 30.43 6.63 11.10
CA SER D 179 30.86 5.29 10.70
C SER D 179 30.73 4.99 9.21
N MET D 180 29.69 5.55 8.60
CA MET D 180 29.44 5.45 7.17
C MET D 180 30.63 6.06 6.43
N GLY D 181 31.07 7.24 6.86
CA GLY D 181 32.24 7.92 6.30
C GLY D 181 33.56 7.19 6.52
N LEU D 182 33.77 6.75 7.75
CA LEU D 182 34.99 6.06 8.16
C LEU D 182 35.20 4.78 7.36
N PHE D 183 34.12 4.06 7.10
CA PHE D 183 34.25 2.81 6.38
C PHE D 183 34.75 3.03 4.96
N LEU D 184 34.17 4.02 4.27
CA LEU D 184 34.58 4.37 2.92
C LEU D 184 36.01 4.90 2.90
N GLN D 185 36.34 5.74 3.86
CA GLN D 185 37.65 6.38 3.85
C GLN D 185 38.75 5.39 4.18
N LYS D 186 38.52 4.57 5.21
CA LYS D 186 39.47 3.53 5.56
C LYS D 186 39.67 2.55 4.40
N THR D 187 38.59 2.20 3.70
CA THR D 187 38.69 1.31 2.55
C THR D 187 39.56 1.95 1.46
N ASN D 188 39.31 3.21 1.14
CA ASN D 188 40.12 3.94 0.16
C ASN D 188 41.57 4.01 0.57
N ILE D 189 41.83 4.32 1.84
CA ILE D 189 43.22 4.41 2.31
C ILE D 189 43.95 3.08 2.19
N ILE D 190 43.25 2.01 2.54
CA ILE D 190 43.81 0.66 2.49
C ILE D 190 44.11 0.32 1.04
N ARG D 191 43.10 0.43 0.19
CA ARG D 191 43.26 0.07 -1.21
C ARG D 191 44.33 0.94 -1.90
N ASP D 192 44.42 2.21 -1.54
CA ASP D 192 45.27 3.15 -2.28
C ASP D 192 46.73 3.29 -1.80
N TYR D 193 47.19 2.36 -0.95
CA TYR D 193 48.55 2.40 -0.42
C TYR D 193 49.63 2.78 -1.46
N LEU D 194 49.65 2.05 -2.57
CA LEU D 194 50.74 2.14 -3.52
C LEU D 194 50.72 3.48 -4.25
N GLU D 195 49.56 3.81 -4.83
CA GLU D 195 49.37 5.11 -5.45
C GLU D 195 49.73 6.23 -4.48
N ASP D 196 49.25 6.15 -3.24
CA ASP D 196 49.60 7.15 -2.24
C ASP D 196 51.10 7.23 -1.99
N GLN D 197 51.74 6.07 -1.79
CA GLN D 197 53.17 6.01 -1.52
C GLN D 197 53.95 6.66 -2.67
N GLN D 198 53.56 6.34 -3.91
CA GLN D 198 54.20 6.88 -5.10
C GLN D 198 54.12 8.40 -5.20
N GLY D 199 53.01 8.96 -4.72
CA GLY D 199 52.84 10.42 -4.66
C GLY D 199 53.34 11.02 -3.35
N GLY D 200 54.08 10.24 -2.57
CA GLY D 200 54.61 10.73 -1.30
C GLY D 200 53.62 10.99 -0.18
N ARG D 201 52.41 10.44 -0.28
CA ARG D 201 51.41 10.56 0.79
C ARG D 201 51.41 9.33 1.69
N GLU D 202 51.21 9.54 2.99
CA GLU D 202 51.21 8.45 3.97
C GLU D 202 50.03 8.59 4.90
N PHE D 203 49.12 7.61 4.85
CA PHE D 203 47.92 7.67 5.68
C PHE D 203 47.74 6.48 6.62
N TRP D 204 48.48 5.40 6.40
CA TRP D 204 48.40 4.24 7.28
C TRP D 204 48.93 4.63 8.67
N PRO D 205 48.29 4.12 9.73
CA PRO D 205 48.67 4.54 11.09
C PRO D 205 50.00 3.96 11.57
N GLN D 206 50.91 4.86 11.95
CA GLN D 206 52.27 4.48 12.36
C GLN D 206 52.33 3.46 13.50
N GLU D 207 51.44 3.56 14.48
CA GLU D 207 51.45 2.58 15.55
C GLU D 207 51.12 1.15 15.09
N VAL D 208 50.43 1.02 13.96
CA VAL D 208 50.25 -0.28 13.29
C VAL D 208 51.41 -0.68 12.39
N TRP D 209 51.72 0.13 11.38
CA TRP D 209 52.76 -0.27 10.44
C TRP D 209 54.17 -0.45 11.02
N SER D 210 54.50 0.31 12.07
CA SER D 210 55.86 0.27 12.62
C SER D 210 56.16 -1.03 13.36
N ARG D 211 55.11 -1.80 13.65
CA ARG D 211 55.34 -3.12 14.24
C ARG D 211 55.95 -4.09 13.22
N TYR D 212 55.71 -3.81 11.96
CA TYR D 212 56.15 -4.67 10.85
C TYR D 212 57.44 -4.17 10.20
N VAL D 213 57.51 -2.89 9.88
CA VAL D 213 58.62 -2.31 9.11
C VAL D 213 59.09 -0.98 9.72
N LYS D 214 60.32 -0.60 9.37
CA LYS D 214 60.91 0.66 9.81
C LYS D 214 60.21 1.91 9.26
N LYS D 215 59.82 1.83 7.99
CA LYS D 215 59.20 2.95 7.28
C LYS D 215 58.00 2.42 6.51
N LEU D 216 56.94 3.21 6.47
CA LEU D 216 55.74 2.84 5.73
C LEU D 216 56.03 2.53 4.26
N GLY D 217 56.96 3.26 3.66
CA GLY D 217 57.35 3.07 2.27
C GLY D 217 57.99 1.73 2.00
N ASP D 218 58.37 1.01 3.05
CA ASP D 218 58.96 -0.32 2.89
C ASP D 218 58.00 -1.37 2.34
N PHE D 219 56.70 -1.19 2.55
CA PHE D 219 55.69 -2.10 2.00
C PHE D 219 55.66 -2.07 0.47
N ALA D 220 56.28 -1.06 -0.15
CA ALA D 220 56.33 -1.00 -1.60
C ALA D 220 57.48 -1.82 -2.17
N LYS D 221 58.36 -2.27 -1.28
CA LYS D 221 59.51 -3.09 -1.66
C LYS D 221 59.07 -4.56 -1.66
N PRO D 222 59.30 -5.29 -2.76
CA PRO D 222 58.84 -6.68 -2.87
C PRO D 222 59.33 -7.65 -1.79
N GLU D 223 60.55 -7.45 -1.28
CA GLU D 223 61.07 -8.23 -0.16
C GLU D 223 60.18 -8.15 1.09
N ASN D 224 59.39 -7.09 1.20
CA ASN D 224 58.54 -6.91 2.37
C ASN D 224 57.09 -7.31 2.15
N ILE D 225 56.82 -8.00 1.06
CA ILE D 225 55.44 -8.29 0.66
C ILE D 225 54.63 -9.03 1.73
N ASP D 226 55.26 -9.99 2.40
CA ASP D 226 54.55 -10.76 3.41
C ASP D 226 54.18 -9.95 4.66
N LEU D 227 55.09 -9.12 5.14
CA LEU D 227 54.77 -8.19 6.22
C LEU D 227 53.68 -7.20 5.77
N ALA D 228 53.76 -6.77 4.51
CA ALA D 228 52.84 -5.79 3.98
C ALA D 228 51.42 -6.37 4.01
N VAL D 229 51.27 -7.64 3.62
CA VAL D 229 49.96 -8.30 3.67
C VAL D 229 49.41 -8.51 5.10
N GLN D 230 50.29 -8.81 6.04
CA GLN D 230 49.84 -8.96 7.42
C GLN D 230 49.32 -7.63 7.98
N CYS D 231 50.03 -6.54 7.70
CA CYS D 231 49.60 -5.20 8.09
C CYS D 231 48.28 -4.84 7.40
N LEU D 232 48.21 -5.18 6.11
CA LEU D 232 46.96 -5.00 5.36
C LEU D 232 45.79 -5.69 6.07
N ASN D 233 45.99 -6.93 6.47
CA ASN D 233 44.93 -7.71 7.13
C ASN D 233 44.49 -7.10 8.46
N GLU D 234 45.47 -6.59 9.21
CA GLU D 234 45.21 -5.90 10.47
C GLU D 234 44.34 -4.65 10.27
N LEU D 235 44.66 -3.85 9.26
CA LEU D 235 43.89 -2.63 9.02
C LEU D 235 42.50 -2.94 8.48
N ILE D 236 42.38 -4.00 7.68
CA ILE D 236 41.07 -4.41 7.17
C ILE D 236 40.20 -4.83 8.34
N THR D 237 40.77 -5.62 9.26
CA THR D 237 40.08 -6.04 10.46
C THR D 237 39.55 -4.83 11.25
N ASN D 238 40.37 -3.79 11.37
CA ASN D 238 39.96 -2.51 11.95
C ASN D 238 38.72 -1.91 11.24
N ALA D 239 38.80 -1.82 9.92
CA ALA D 239 37.74 -1.24 9.10
C ALA D 239 36.45 -2.06 9.24
N LEU D 240 36.54 -3.38 9.38
CA LEU D 240 35.32 -4.17 9.53
C LEU D 240 34.48 -3.82 10.77
N HIS D 241 35.10 -3.19 11.77
CA HIS D 241 34.37 -2.81 12.97
C HIS D 241 33.23 -1.84 12.69
N HIS D 242 33.29 -1.15 11.55
CA HIS D 242 32.24 -0.18 11.20
C HIS D 242 31.02 -0.79 10.53
N ILE D 243 31.12 -2.04 10.09
CA ILE D 243 30.03 -2.70 9.36
C ILE D 243 28.73 -2.72 10.16
N PRO D 244 28.77 -3.07 11.46
CA PRO D 244 27.50 -3.05 12.16
C PRO D 244 26.79 -1.69 12.14
N ASP D 245 27.54 -0.60 12.29
CA ASP D 245 26.96 0.74 12.17
C ASP D 245 26.42 1.02 10.77
N VAL D 246 27.16 0.59 9.74
CA VAL D 246 26.74 0.71 8.36
C VAL D 246 25.37 0.04 8.15
N ILE D 247 25.21 -1.16 8.69
CA ILE D 247 23.96 -1.88 8.56
C ILE D 247 22.86 -1.12 9.30
N THR D 248 23.13 -0.70 10.54
CA THR D 248 22.15 0.07 11.30
C THR D 248 21.73 1.31 10.53
N TYR D 249 22.70 2.04 9.99
CA TYR D 249 22.39 3.27 9.26
C TYR D 249 21.52 3.02 8.04
N LEU D 250 21.90 2.04 7.22
CA LEU D 250 21.20 1.75 5.97
C LEU D 250 19.76 1.29 6.25
N SER D 251 19.60 0.55 7.35
CA SER D 251 18.33 -0.06 7.73
C SER D 251 17.31 0.99 8.17
N ARG D 252 17.78 2.19 8.49
CA ARG D 252 16.87 3.25 8.91
C ARG D 252 16.38 4.11 7.75
N LEU D 253 16.97 3.95 6.57
CA LEU D 253 16.55 4.76 5.44
C LEU D 253 15.18 4.37 4.87
N ARG D 254 14.39 5.36 4.50
CA ARG D 254 13.05 5.12 3.95
C ARG D 254 12.87 5.64 2.53
N ASN D 255 13.79 6.49 2.08
CA ASN D 255 13.69 7.03 0.73
C ASN D 255 14.53 6.18 -0.22
N GLN D 256 13.91 5.76 -1.33
CA GLN D 256 14.59 4.90 -2.28
C GLN D 256 15.81 5.60 -2.88
N SER D 257 15.68 6.87 -3.28
CA SER D 257 16.79 7.59 -3.89
C SER D 257 17.95 7.77 -2.90
N VAL D 258 17.62 7.99 -1.63
CA VAL D 258 18.63 8.10 -0.57
C VAL D 258 19.26 6.75 -0.31
N PHE D 259 18.45 5.70 -0.24
CA PHE D 259 18.99 4.36 -0.06
C PHE D 259 20.00 4.05 -1.17
N ASN D 260 19.66 4.38 -2.40
CA ASN D 260 20.58 4.05 -3.49
C ASN D 260 21.91 4.77 -3.34
N PHE D 261 21.82 6.07 -3.06
CA PHE D 261 23.00 6.91 -2.86
C PHE D 261 23.88 6.41 -1.70
N CYS D 262 23.26 5.99 -0.60
CA CYS D 262 24.02 5.51 0.54
C CYS D 262 24.53 4.07 0.43
N ALA D 263 23.74 3.17 -0.12
CA ALA D 263 24.06 1.74 -0.05
C ALA D 263 25.08 1.36 -1.12
N ILE D 264 24.96 1.93 -2.31
CA ILE D 264 25.85 1.54 -3.41
C ILE D 264 27.33 1.72 -3.04
N PRO D 265 27.72 2.89 -2.53
CA PRO D 265 29.13 3.01 -2.21
C PRO D 265 29.58 2.11 -1.06
N GLN D 266 28.72 1.83 -0.09
CA GLN D 266 29.08 0.92 1.00
C GLN D 266 29.32 -0.50 0.50
N VAL D 267 28.46 -0.96 -0.39
CA VAL D 267 28.62 -2.29 -0.97
C VAL D 267 29.90 -2.37 -1.81
N MET D 268 30.16 -1.33 -2.59
CA MET D 268 31.40 -1.31 -3.35
C MET D 268 32.59 -1.30 -2.41
N ALA D 269 32.48 -0.61 -1.27
CA ALA D 269 33.57 -0.58 -0.30
C ALA D 269 33.79 -1.97 0.32
N ILE D 270 32.69 -2.63 0.70
CA ILE D 270 32.79 -3.97 1.28
C ILE D 270 33.40 -4.94 0.25
N ALA D 271 32.92 -4.85 -1.00
CA ALA D 271 33.47 -5.66 -2.08
C ALA D 271 34.97 -5.46 -2.24
N THR D 272 35.40 -4.20 -2.12
CA THR D 272 36.82 -3.87 -2.25
C THR D 272 37.65 -4.46 -1.10
N LEU D 273 37.19 -4.31 0.14
CA LEU D 273 37.88 -4.91 1.28
C LEU D 273 37.99 -6.43 1.18
N ALA D 274 36.90 -7.05 0.75
CA ALA D 274 36.91 -8.49 0.52
C ALA D 274 37.94 -8.86 -0.54
N ALA D 275 38.09 -8.05 -1.59
CA ALA D 275 39.01 -8.40 -2.66
C ALA D 275 40.47 -8.19 -2.22
N CYS D 276 40.69 -7.15 -1.42
CA CYS D 276 42.02 -6.80 -0.91
C CYS D 276 42.50 -7.74 0.20
N TYR D 277 41.58 -8.42 0.87
CA TYR D 277 41.96 -9.17 2.07
C TYR D 277 42.96 -10.27 1.71
N ASN D 278 44.04 -10.31 2.48
CA ASN D 278 45.13 -11.28 2.26
C ASN D 278 45.68 -11.27 0.84
N ASN D 279 45.59 -10.12 0.17
CA ASN D 279 45.95 -10.06 -1.25
C ASN D 279 47.24 -9.30 -1.55
N GLN D 280 48.27 -9.99 -2.04
CA GLN D 280 49.54 -9.37 -2.40
C GLN D 280 49.42 -8.29 -3.48
N GLN D 281 48.41 -8.41 -4.34
CA GLN D 281 48.21 -7.41 -5.39
C GLN D 281 48.04 -5.98 -4.87
N VAL D 282 47.55 -5.80 -3.65
CA VAL D 282 47.43 -4.46 -3.08
C VAL D 282 48.75 -3.68 -3.24
N PHE D 283 49.87 -4.41 -3.15
CA PHE D 283 51.19 -3.81 -3.12
C PHE D 283 51.91 -3.87 -4.46
N LYS D 284 51.22 -4.35 -5.48
CA LYS D 284 51.84 -4.66 -6.77
C LYS D 284 51.10 -4.01 -7.94
N GLY D 285 49.78 -4.05 -7.92
CA GLY D 285 49.00 -3.53 -9.04
C GLY D 285 47.51 -3.84 -8.92
N ALA D 286 46.93 -4.29 -10.02
CA ALA D 286 45.48 -4.43 -10.13
C ALA D 286 44.90 -5.38 -9.09
N VAL D 287 43.97 -4.86 -8.28
CA VAL D 287 43.12 -5.67 -7.42
C VAL D 287 41.78 -5.78 -8.13
N LYS D 288 41.40 -7.00 -8.47
CA LYS D 288 40.17 -7.19 -9.22
C LYS D 288 39.02 -7.40 -8.25
N ILE D 289 38.17 -6.38 -8.19
CA ILE D 289 36.95 -6.39 -7.37
C ILE D 289 36.03 -7.39 -8.01
N ARG D 290 35.73 -8.45 -7.28
CA ARG D 290 35.07 -9.59 -7.87
C ARG D 290 33.70 -9.89 -7.29
N LYS D 291 33.00 -10.74 -8.03
CA LYS D 291 31.66 -11.22 -7.69
C LYS D 291 31.78 -12.42 -6.75
N GLY D 292 30.83 -13.34 -6.85
CA GLY D 292 30.90 -14.52 -6.01
C GLY D 292 29.73 -15.46 -6.12
N GLN D 293 28.98 -15.52 -5.03
CA GLN D 293 28.05 -16.61 -4.83
C GLN D 293 26.78 -16.34 -5.60
N ALA D 294 26.34 -17.34 -6.34
CA ALA D 294 25.23 -17.20 -7.28
C ALA D 294 23.98 -16.58 -6.67
N VAL D 295 23.72 -16.87 -5.40
CA VAL D 295 22.51 -16.40 -4.72
C VAL D 295 22.45 -14.87 -4.70
N THR D 296 23.52 -14.23 -4.26
CA THR D 296 23.59 -12.77 -4.24
C THR D 296 23.76 -12.15 -5.61
N LEU D 297 24.13 -12.97 -6.59
CA LEU D 297 24.20 -12.54 -7.99
C LEU D 297 22.83 -12.19 -8.54
N MET D 298 21.81 -12.76 -7.90
CA MET D 298 20.42 -12.56 -8.26
C MET D 298 19.77 -11.33 -7.64
N MET D 299 20.55 -10.52 -6.95
CA MET D 299 20.01 -9.32 -6.32
C MET D 299 20.90 -8.14 -6.64
N ASP D 300 20.34 -6.94 -6.51
CA ASP D 300 21.13 -5.72 -6.60
C ASP D 300 21.09 -5.03 -5.25
N ALA D 301 21.69 -3.85 -5.17
CA ALA D 301 21.93 -3.22 -3.87
C ALA D 301 20.93 -2.11 -3.58
N THR D 302 19.67 -2.34 -3.94
CA THR D 302 18.65 -1.29 -3.82
C THR D 302 17.49 -1.62 -2.88
N ASN D 303 17.57 -2.75 -2.18
CA ASN D 303 16.71 -2.99 -1.03
C ASN D 303 17.53 -3.54 0.13
N MET D 304 17.09 -3.29 1.36
CA MET D 304 17.88 -3.57 2.55
C MET D 304 18.25 -5.05 2.73
N PRO D 305 17.28 -5.97 2.57
CA PRO D 305 17.66 -7.36 2.79
C PRO D 305 18.65 -7.88 1.75
N ALA D 306 18.56 -7.41 0.51
CA ALA D 306 19.54 -7.79 -0.50
C ALA D 306 20.92 -7.26 -0.14
N VAL D 307 21.00 -6.00 0.27
CA VAL D 307 22.26 -5.40 0.71
C VAL D 307 22.85 -6.19 1.87
N LYS D 308 22.02 -6.54 2.86
CA LYS D 308 22.41 -7.42 3.95
C LYS D 308 23.01 -8.73 3.45
N ALA D 309 22.29 -9.46 2.59
CA ALA D 309 22.80 -10.73 2.06
C ALA D 309 24.14 -10.56 1.34
N ILE D 310 24.26 -9.49 0.55
CA ILE D 310 25.52 -9.17 -0.13
C ILE D 310 26.70 -8.98 0.83
N ILE D 311 26.47 -8.17 1.87
CA ILE D 311 27.47 -7.93 2.91
C ILE D 311 27.87 -9.23 3.59
N TYR D 312 26.87 -10.02 3.98
CA TYR D 312 27.13 -11.30 4.65
C TYR D 312 27.96 -12.24 3.78
N GLN D 313 27.64 -12.32 2.49
CA GLN D 313 28.44 -13.15 1.59
C GLN D 313 29.89 -12.70 1.48
N TYR D 314 30.11 -11.39 1.43
CA TYR D 314 31.47 -10.85 1.46
C TYR D 314 32.18 -11.13 2.78
N MET D 315 31.46 -11.14 3.90
CA MET D 315 32.07 -11.51 5.18
C MET D 315 32.56 -12.96 5.18
N GLU D 316 31.77 -13.86 4.62
CA GLU D 316 32.19 -15.26 4.49
C GLU D 316 33.36 -15.43 3.50
N GLU D 317 33.43 -14.60 2.47
CA GLU D 317 34.58 -14.60 1.55
C GLU D 317 35.88 -14.32 2.31
N ILE D 318 35.83 -13.36 3.22
CA ILE D 318 36.99 -13.01 4.04
C ILE D 318 37.26 -14.11 5.04
N TYR D 319 36.22 -14.52 5.77
CA TYR D 319 36.34 -15.56 6.78
C TYR D 319 37.05 -16.81 6.27
N HIS D 320 36.64 -17.30 5.10
CA HIS D 320 37.20 -18.54 4.54
C HIS D 320 38.69 -18.43 4.23
N ARG D 321 39.17 -17.20 4.07
CA ARG D 321 40.54 -16.93 3.62
C ARG D 321 41.52 -16.55 4.74
N ILE D 322 41.03 -16.47 5.97
CA ILE D 322 41.87 -16.07 7.10
C ILE D 322 42.89 -17.17 7.36
N PRO D 323 44.19 -16.89 7.18
CA PRO D 323 45.16 -17.93 7.50
C PRO D 323 45.33 -18.03 9.02
N ASP D 324 45.48 -19.25 9.53
CA ASP D 324 45.61 -19.44 10.98
C ASP D 324 46.80 -18.72 11.59
N SER D 325 47.87 -18.57 10.82
CA SER D 325 49.11 -17.98 11.33
C SER D 325 49.10 -16.45 11.24
N ASP D 326 48.06 -15.89 10.65
CA ASP D 326 48.01 -14.44 10.51
C ASP D 326 47.94 -13.83 11.90
N PRO D 327 48.76 -12.79 12.14
CA PRO D 327 48.82 -12.18 13.46
C PRO D 327 47.47 -11.67 13.93
N SER D 328 46.56 -11.36 13.00
CA SER D 328 45.26 -10.82 13.35
C SER D 328 44.14 -11.84 13.24
N SER D 329 44.46 -13.09 12.91
CA SER D 329 43.43 -14.07 12.58
C SER D 329 42.29 -14.13 13.59
N SER D 330 42.65 -14.14 14.86
CA SER D 330 41.68 -14.21 15.95
C SER D 330 40.72 -13.01 15.99
N LYS D 331 41.26 -11.80 15.84
CA LYS D 331 40.43 -10.59 15.84
C LYS D 331 39.57 -10.51 14.57
N THR D 332 40.05 -11.08 13.48
CA THR D 332 39.28 -11.03 12.24
C THR D 332 38.04 -11.92 12.37
N ARG D 333 38.22 -13.07 13.00
CA ARG D 333 37.12 -14.02 13.17
C ARG D 333 36.11 -13.42 14.14
N GLN D 334 36.63 -12.73 15.16
CA GLN D 334 35.83 -12.11 16.20
C GLN D 334 34.86 -11.06 15.65
N ILE D 335 35.38 -10.12 14.85
CA ILE D 335 34.51 -9.07 14.34
C ILE D 335 33.52 -9.62 13.32
N ILE D 336 33.94 -10.61 12.54
CA ILE D 336 33.01 -11.21 11.58
C ILE D 336 31.94 -12.00 12.33
N SER D 337 32.34 -12.69 13.39
CA SER D 337 31.39 -13.43 14.20
C SER D 337 30.37 -12.44 14.75
N THR D 338 30.87 -11.29 15.23
CA THR D 338 29.98 -10.23 15.72
C THR D 338 29.00 -9.77 14.65
N ILE D 339 29.51 -9.45 13.47
CA ILE D 339 28.67 -8.99 12.36
C ILE D 339 27.57 -9.99 12.04
N ARG D 340 27.93 -11.28 12.04
CA ARG D 340 26.98 -12.34 11.74
C ARG D 340 25.84 -12.50 12.73
N THR D 341 26.10 -12.21 14.01
CA THR D 341 25.21 -12.62 15.09
C THR D 341 24.33 -11.47 15.57
N GLN D 342 24.70 -10.24 15.21
CA GLN D 342 23.92 -9.07 15.61
C GLN D 342 22.52 -9.03 15.01
N SER E 10 -9.40 -21.89 -22.21
CA SER E 10 -9.33 -21.29 -23.58
C SER E 10 -8.11 -21.80 -24.33
N SER E 11 -8.37 -22.72 -25.26
CA SER E 11 -7.35 -23.14 -26.20
C SER E 11 -6.90 -21.95 -27.04
N SER E 12 -7.81 -21.08 -27.43
CA SER E 12 -7.43 -19.95 -28.28
C SER E 12 -6.54 -18.92 -27.57
N LEU E 13 -6.81 -18.68 -26.29
CA LEU E 13 -5.91 -17.81 -25.52
C LEU E 13 -4.55 -18.49 -25.33
N LYS E 14 -4.54 -19.80 -25.07
CA LYS E 14 -3.28 -20.55 -24.94
C LYS E 14 -2.47 -20.46 -26.24
N THR E 15 -3.16 -20.59 -27.37
CA THR E 15 -2.51 -20.41 -28.67
C THR E 15 -1.94 -19.01 -28.87
N CYS E 16 -2.66 -17.98 -28.42
CA CYS E 16 -2.17 -16.61 -28.49
C CYS E 16 -0.86 -16.43 -27.72
N TYR E 17 -0.78 -16.96 -26.50
CA TYR E 17 0.47 -16.92 -25.76
C TYR E 17 1.59 -17.75 -26.39
N LYS E 18 1.23 -18.85 -27.04
CA LYS E 18 2.23 -19.62 -27.79
C LYS E 18 2.85 -18.72 -28.85
N TYR E 19 2.00 -18.06 -29.64
CA TYR E 19 2.49 -17.17 -30.69
C TYR E 19 3.37 -16.06 -30.12
N LEU E 20 2.95 -15.47 -29.01
CA LEU E 20 3.72 -14.37 -28.42
C LEU E 20 5.15 -14.82 -28.07
N ASN E 21 5.24 -15.97 -27.40
CA ASN E 21 6.52 -16.49 -26.94
C ASN E 21 7.44 -16.88 -28.08
N GLN E 22 6.84 -17.42 -29.14
CA GLN E 22 7.56 -17.86 -30.33
C GLN E 22 8.02 -16.70 -31.19
N THR E 23 7.40 -15.53 -31.03
CA THR E 23 7.74 -14.42 -31.92
C THR E 23 8.59 -13.35 -31.23
N SER E 24 8.22 -12.99 -30.01
CA SER E 24 8.87 -11.89 -29.30
C SER E 24 9.94 -12.33 -28.32
N ARG E 25 11.21 -12.25 -28.72
CA ARG E 25 12.30 -12.54 -27.78
C ARG E 25 12.42 -11.50 -26.67
N SER E 26 12.16 -10.24 -27.02
CA SER E 26 12.40 -9.13 -26.10
C SER E 26 11.21 -8.69 -25.25
N PHE E 27 10.00 -8.92 -25.74
CA PHE E 27 8.82 -8.50 -24.97
C PHE E 27 7.97 -9.59 -24.32
N ALA E 28 8.03 -10.83 -24.82
CA ALA E 28 7.08 -11.84 -24.33
C ALA E 28 7.10 -11.99 -22.81
N ALA E 29 8.30 -12.09 -22.23
CA ALA E 29 8.42 -12.27 -20.78
C ALA E 29 7.82 -11.12 -19.96
N VAL E 30 8.18 -9.87 -20.30
CA VAL E 30 7.64 -8.73 -19.55
C VAL E 30 6.15 -8.53 -19.80
N ILE E 31 5.66 -8.94 -20.97
CA ILE E 31 4.22 -8.88 -21.23
C ILE E 31 3.48 -9.88 -20.34
N GLN E 32 3.99 -11.11 -20.29
CA GLN E 32 3.34 -12.16 -19.50
C GLN E 32 3.42 -11.84 -18.01
N ALA E 33 4.37 -10.98 -17.64
CA ALA E 33 4.51 -10.56 -16.26
C ALA E 33 3.62 -9.36 -15.88
N LEU E 34 2.88 -8.78 -16.82
CA LEU E 34 1.98 -7.66 -16.47
C LEU E 34 0.84 -8.11 -15.59
N ASP E 35 0.41 -7.25 -14.67
CA ASP E 35 -0.68 -7.58 -13.75
C ASP E 35 -2.04 -7.68 -14.43
N GLY E 36 -2.85 -8.63 -13.95
CA GLY E 36 -4.29 -8.62 -14.22
C GLY E 36 -4.68 -8.49 -15.69
N GLU E 37 -5.67 -7.64 -15.96
CA GLU E 37 -6.23 -7.49 -17.30
C GLU E 37 -5.20 -6.99 -18.31
N MET E 38 -4.13 -6.34 -17.87
CA MET E 38 -3.15 -5.77 -18.82
C MET E 38 -2.45 -6.85 -19.62
N ARG E 39 -2.26 -8.03 -19.03
CA ARG E 39 -1.55 -9.13 -19.68
C ARG E 39 -2.22 -9.54 -21.00
N ASN E 40 -3.51 -9.90 -20.94
CA ASN E 40 -4.22 -10.30 -22.16
C ASN E 40 -4.33 -9.15 -23.14
N ALA E 41 -4.63 -7.96 -22.62
CA ALA E 41 -4.81 -6.78 -23.46
C ALA E 41 -3.55 -6.47 -24.28
N VAL E 42 -2.40 -6.53 -23.61
CA VAL E 42 -1.12 -6.20 -24.24
C VAL E 42 -0.65 -7.34 -25.13
N CYS E 43 -0.86 -8.60 -24.72
CA CYS E 43 -0.52 -9.74 -25.56
C CYS E 43 -1.25 -9.66 -26.90
N ILE E 44 -2.55 -9.38 -26.85
CA ILE E 44 -3.36 -9.27 -28.05
C ILE E 44 -2.94 -8.05 -28.89
N PHE E 45 -2.67 -6.94 -28.23
CA PHE E 45 -2.22 -5.73 -28.91
C PHE E 45 -0.94 -6.03 -29.68
N TYR E 46 0.02 -6.70 -29.04
CA TYR E 46 1.27 -7.07 -29.70
C TYR E 46 1.02 -7.96 -30.94
N LEU E 47 0.23 -9.02 -30.76
CA LEU E 47 -0.05 -9.95 -31.85
C LEU E 47 -0.79 -9.32 -33.03
N VAL E 48 -1.76 -8.47 -32.74
CA VAL E 48 -2.46 -7.72 -33.78
C VAL E 48 -1.46 -6.87 -34.57
N LEU E 49 -0.60 -6.12 -33.87
CA LEU E 49 0.37 -5.26 -34.56
C LEU E 49 1.48 -6.06 -35.26
N ARG E 50 1.89 -7.19 -34.69
CA ARG E 50 2.79 -8.10 -35.40
C ARG E 50 2.20 -8.58 -36.72
N ALA E 51 0.91 -8.89 -36.70
CA ALA E 51 0.23 -9.37 -37.90
C ALA E 51 0.22 -8.25 -38.94
N LEU E 52 -0.07 -7.04 -38.49
CA LEU E 52 -0.12 -5.90 -39.39
C LEU E 52 1.25 -5.66 -40.02
N ASP E 53 2.27 -5.77 -39.17
CA ASP E 53 3.65 -5.56 -39.60
C ASP E 53 4.09 -6.64 -40.59
N THR E 54 3.58 -7.85 -40.40
CA THR E 54 3.88 -8.99 -41.26
C THR E 54 3.32 -8.76 -42.67
N LEU E 55 2.18 -8.09 -42.75
CA LEU E 55 1.64 -7.66 -44.05
C LEU E 55 2.46 -6.54 -44.66
N GLU E 56 2.85 -5.56 -43.85
CA GLU E 56 3.55 -4.41 -44.41
C GLU E 56 4.91 -4.83 -44.97
N ASP E 57 5.58 -5.77 -44.30
CA ASP E 57 6.95 -6.19 -44.64
C ASP E 57 7.08 -7.16 -45.81
N ASP E 58 5.98 -7.82 -46.18
CA ASP E 58 5.99 -8.88 -47.18
C ASP E 58 6.05 -8.32 -48.59
N MET E 59 7.20 -8.44 -49.23
CA MET E 59 7.39 -7.90 -50.57
C MET E 59 6.77 -8.75 -51.69
N THR E 60 6.24 -9.92 -51.34
CA THR E 60 5.54 -10.76 -52.32
C THR E 60 4.11 -10.29 -52.52
N ILE E 61 3.63 -9.43 -51.63
CA ILE E 61 2.31 -8.84 -51.80
C ILE E 61 2.41 -7.55 -52.60
N SER E 62 1.72 -7.51 -53.74
CA SER E 62 1.67 -6.34 -54.62
C SER E 62 1.20 -5.10 -53.87
N VAL E 63 1.64 -3.92 -54.29
CA VAL E 63 1.28 -2.69 -53.58
C VAL E 63 -0.23 -2.39 -53.68
N GLU E 64 -0.83 -2.68 -54.82
CA GLU E 64 -2.27 -2.49 -54.95
C GLU E 64 -3.09 -3.46 -54.09
N LYS E 65 -2.51 -4.60 -53.75
CA LYS E 65 -3.19 -5.55 -52.88
C LYS E 65 -2.92 -5.22 -51.42
N LYS E 66 -1.69 -4.77 -51.15
CA LYS E 66 -1.25 -4.49 -49.79
C LYS E 66 -1.94 -3.27 -49.19
N VAL E 67 -2.10 -2.20 -49.98
CA VAL E 67 -2.63 -0.95 -49.44
C VAL E 67 -4.04 -1.06 -48.85
N PRO E 68 -4.97 -1.71 -49.56
CA PRO E 68 -6.27 -1.84 -48.91
C PRO E 68 -6.22 -2.77 -47.69
N LEU E 69 -5.35 -3.77 -47.71
CA LEU E 69 -5.18 -4.63 -46.52
C LEU E 69 -4.72 -3.87 -45.29
N LEU E 70 -3.78 -2.95 -45.48
CA LEU E 70 -3.26 -2.14 -44.37
C LEU E 70 -4.33 -1.16 -43.86
N HIS E 71 -5.07 -0.54 -44.77
CA HIS E 71 -6.15 0.36 -44.38
C HIS E 71 -7.30 -0.38 -43.70
N ASN E 72 -7.55 -1.63 -44.08
CA ASN E 72 -8.75 -2.33 -43.60
C ASN E 72 -8.47 -3.21 -42.40
N PHE E 73 -7.18 -3.37 -42.07
CA PHE E 73 -6.79 -4.36 -41.09
C PHE E 73 -7.61 -4.30 -39.79
N HIS E 74 -7.80 -3.09 -39.28
CA HIS E 74 -8.59 -2.87 -38.06
C HIS E 74 -10.01 -3.43 -38.13
N SER E 75 -10.60 -3.46 -39.33
CA SER E 75 -11.95 -3.97 -39.50
C SER E 75 -12.01 -5.48 -39.32
N PHE E 76 -10.92 -6.14 -39.72
CA PHE E 76 -10.82 -7.60 -39.70
C PHE E 76 -10.84 -8.17 -38.29
N LEU E 77 -10.53 -7.32 -37.31
CA LEU E 77 -10.66 -7.71 -35.90
C LEU E 77 -12.08 -8.14 -35.54
N TYR E 78 -13.07 -7.59 -36.25
CA TYR E 78 -14.47 -7.88 -35.98
C TYR E 78 -15.04 -9.02 -36.83
N GLN E 79 -14.26 -9.49 -37.80
CA GLN E 79 -14.76 -10.48 -38.75
C GLN E 79 -14.16 -11.84 -38.38
N PRO E 80 -14.98 -12.71 -37.77
CA PRO E 80 -14.44 -13.89 -37.11
C PRO E 80 -13.67 -14.85 -38.02
N ASP E 81 -14.05 -14.96 -39.28
CA ASP E 81 -13.41 -15.89 -40.21
C ASP E 81 -12.25 -15.27 -41.02
N TRP E 82 -11.95 -13.99 -40.80
CA TRP E 82 -10.92 -13.37 -41.61
C TRP E 82 -9.54 -13.97 -41.35
N ARG E 83 -8.86 -14.38 -42.41
CA ARG E 83 -7.47 -14.84 -42.33
C ARG E 83 -6.78 -14.45 -43.63
N PHE E 84 -5.45 -14.46 -43.62
CA PHE E 84 -4.70 -14.20 -44.84
C PHE E 84 -3.76 -15.36 -45.09
N MET E 85 -3.90 -15.99 -46.26
CA MET E 85 -3.21 -17.24 -46.58
C MET E 85 -2.09 -17.10 -47.61
N GLU E 86 -1.84 -15.88 -48.08
CA GLU E 86 -0.89 -15.68 -49.17
C GLU E 86 0.46 -15.10 -48.75
N SER E 87 0.68 -15.00 -47.44
CA SER E 87 1.95 -14.50 -46.93
C SER E 87 3.07 -15.54 -47.07
N LYS E 88 4.26 -15.08 -47.42
CA LYS E 88 5.44 -15.93 -47.50
C LYS E 88 6.45 -15.55 -46.43
N GLU E 89 5.98 -14.75 -45.47
CA GLU E 89 6.80 -14.27 -44.37
C GLU E 89 7.09 -15.36 -43.35
N LYS E 90 8.20 -15.17 -42.64
CA LYS E 90 8.54 -15.92 -41.44
C LYS E 90 7.35 -16.11 -40.49
N ASP E 91 6.69 -15.02 -40.11
CA ASP E 91 5.60 -15.09 -39.12
C ASP E 91 4.20 -15.26 -39.68
N ARG E 92 4.09 -15.85 -40.87
CA ARG E 92 2.81 -16.01 -41.53
C ARG E 92 1.71 -16.62 -40.65
N GLN E 93 2.10 -17.35 -39.62
CA GLN E 93 1.13 -18.12 -38.84
C GLN E 93 0.11 -17.24 -38.12
N VAL E 94 0.51 -16.03 -37.73
CA VAL E 94 -0.40 -15.10 -37.06
C VAL E 94 -1.41 -14.50 -38.06
N LEU E 95 -1.09 -14.56 -39.34
CA LEU E 95 -2.03 -14.17 -40.38
C LEU E 95 -2.95 -15.32 -40.80
N GLU E 96 -2.39 -16.52 -40.95
CA GLU E 96 -3.16 -17.70 -41.31
C GLU E 96 -4.09 -18.17 -40.19
N ASP E 97 -3.68 -17.96 -38.93
CA ASP E 97 -4.53 -18.25 -37.78
C ASP E 97 -5.07 -16.98 -37.13
N PHE E 98 -5.26 -15.94 -37.94
CA PHE E 98 -5.79 -14.69 -37.40
C PHE E 98 -7.14 -14.84 -36.68
N PRO E 99 -8.00 -15.78 -37.12
CA PRO E 99 -9.24 -15.91 -36.36
C PRO E 99 -9.09 -16.22 -34.87
N THR E 100 -7.99 -16.86 -34.49
CA THR E 100 -7.71 -17.19 -33.09
C THR E 100 -7.35 -15.91 -32.34
N ILE E 101 -6.59 -15.03 -32.99
CA ILE E 101 -6.22 -13.74 -32.42
C ILE E 101 -7.41 -12.79 -32.30
N SER E 102 -8.20 -12.70 -33.36
CA SER E 102 -9.32 -11.77 -33.40
C SER E 102 -10.39 -12.23 -32.41
N LEU E 103 -10.54 -13.55 -32.27
CA LEU E 103 -11.43 -14.09 -31.26
C LEU E 103 -11.05 -13.58 -29.86
N GLU E 104 -9.77 -13.68 -29.53
CA GLU E 104 -9.33 -13.21 -28.20
C GLU E 104 -9.40 -11.69 -28.07
N PHE E 105 -9.18 -10.96 -29.17
CA PHE E 105 -9.42 -9.53 -29.17
C PHE E 105 -10.88 -9.21 -28.80
N ARG E 106 -11.82 -9.93 -29.41
CA ARG E 106 -13.24 -9.68 -29.17
C ARG E 106 -13.65 -10.11 -27.75
N ASN E 107 -12.83 -10.92 -27.09
CA ASN E 107 -13.09 -11.31 -25.72
C ASN E 107 -12.52 -10.34 -24.69
N LEU E 108 -11.74 -9.37 -25.12
CA LEU E 108 -11.23 -8.34 -24.20
C LEU E 108 -12.39 -7.43 -23.81
N ALA E 109 -12.32 -6.78 -22.65
CA ALA E 109 -13.27 -5.71 -22.37
C ALA E 109 -13.30 -4.68 -23.51
N GLU E 110 -14.48 -4.12 -23.76
CA GLU E 110 -14.65 -3.15 -24.84
C GLU E 110 -13.69 -1.96 -24.75
N LYS E 111 -13.38 -1.47 -23.55
CA LYS E 111 -12.46 -0.33 -23.43
C LYS E 111 -11.09 -0.64 -24.03
N TYR E 112 -10.65 -1.90 -23.94
CA TYR E 112 -9.38 -2.27 -24.56
C TYR E 112 -9.52 -2.45 -26.08
N GLN E 113 -10.65 -3.00 -26.49
CA GLN E 113 -10.88 -3.20 -27.93
C GLN E 113 -10.85 -1.86 -28.64
N THR E 114 -11.44 -0.86 -28.01
CA THR E 114 -11.53 0.48 -28.60
C THR E 114 -10.14 1.00 -28.87
N VAL E 115 -9.25 0.87 -27.89
CA VAL E 115 -7.87 1.34 -28.04
C VAL E 115 -7.12 0.58 -29.14
N ILE E 116 -7.21 -0.74 -29.12
CA ILE E 116 -6.46 -1.59 -30.05
C ILE E 116 -6.89 -1.32 -31.50
N ALA E 117 -8.20 -1.31 -31.72
CA ALA E 117 -8.74 -1.07 -33.06
C ALA E 117 -8.38 0.32 -33.56
N ASP E 118 -8.45 1.32 -32.68
CA ASP E 118 -8.13 2.70 -33.06
C ASP E 118 -6.68 2.80 -33.52
N ILE E 119 -5.79 2.24 -32.71
CA ILE E 119 -4.37 2.34 -33.03
C ILE E 119 -4.09 1.56 -34.32
N CYS E 120 -4.65 0.36 -34.43
CA CYS E 120 -4.46 -0.43 -35.64
C CYS E 120 -4.94 0.34 -36.88
N ARG E 121 -6.08 1.03 -36.78
CA ARG E 121 -6.62 1.81 -37.88
C ARG E 121 -5.63 2.87 -38.35
N ARG E 122 -5.14 3.64 -37.38
CA ARG E 122 -4.24 4.76 -37.64
C ARG E 122 -2.84 4.33 -38.09
N MET E 123 -2.33 3.24 -37.53
CA MET E 123 -1.02 2.72 -37.95
C MET E 123 -1.09 2.23 -39.39
N GLY E 124 -2.19 1.58 -39.74
CA GLY E 124 -2.38 1.01 -41.06
C GLY E 124 -2.33 2.10 -42.12
N ILE E 125 -2.96 3.23 -41.81
CA ILE E 125 -2.95 4.36 -42.74
C ILE E 125 -1.51 4.84 -42.95
N GLY E 126 -0.80 5.05 -41.85
CA GLY E 126 0.59 5.54 -41.90
C GLY E 126 1.59 4.64 -42.60
N MET E 127 1.55 3.35 -42.30
CA MET E 127 2.38 2.35 -42.99
C MET E 127 2.17 2.38 -44.51
N ALA E 128 0.90 2.36 -44.94
CA ALA E 128 0.55 2.48 -46.35
C ALA E 128 1.12 3.73 -47.01
N GLU E 129 1.09 4.83 -46.26
CA GLU E 129 1.62 6.11 -46.72
C GLU E 129 3.12 6.05 -47.01
N PHE E 130 3.85 5.29 -46.21
CA PHE E 130 5.31 5.17 -46.38
C PHE E 130 5.80 3.98 -47.21
N LEU E 131 4.89 3.25 -47.87
CA LEU E 131 5.32 2.14 -48.70
C LEU E 131 6.24 2.62 -49.83
N ASP E 132 5.79 3.63 -50.56
CA ASP E 132 6.43 4.06 -51.82
C ASP E 132 7.54 5.10 -51.68
N LYS E 133 7.65 5.73 -50.51
CA LYS E 133 8.61 6.81 -50.32
C LYS E 133 9.63 6.47 -49.22
N HIS E 134 10.77 7.14 -49.28
CA HIS E 134 11.73 7.07 -48.18
C HIS E 134 11.49 8.24 -47.23
N VAL E 135 12.22 8.26 -46.13
CA VAL E 135 12.14 9.37 -45.19
C VAL E 135 13.06 10.50 -45.68
N THR E 136 12.49 11.70 -45.80
CA THR E 136 13.22 12.87 -46.24
C THR E 136 13.64 13.77 -45.08
N SER E 137 12.74 14.63 -44.62
CA SER E 137 13.06 15.58 -43.56
C SER E 137 13.12 14.91 -42.18
N GLU E 138 13.68 15.62 -41.21
CA GLU E 138 13.60 15.22 -39.80
C GLU E 138 12.15 15.16 -39.35
N GLN E 139 11.32 16.06 -39.89
CA GLN E 139 9.87 16.02 -39.67
C GLN E 139 9.23 14.73 -40.16
N GLU E 140 9.60 14.32 -41.38
CA GLU E 140 9.15 13.03 -41.91
C GLU E 140 9.67 11.84 -41.10
N TRP E 141 10.87 11.94 -40.55
CA TRP E 141 11.41 10.93 -39.64
C TRP E 141 10.55 10.73 -38.39
N ASP E 142 10.18 11.83 -37.73
CA ASP E 142 9.22 11.77 -36.62
C ASP E 142 7.88 11.18 -37.02
N LYS E 143 7.41 11.52 -38.22
CA LYS E 143 6.09 11.08 -38.68
C LYS E 143 6.13 9.57 -38.95
N TYR E 144 7.15 9.10 -39.66
CA TYR E 144 7.33 7.67 -39.84
C TYR E 144 7.40 6.94 -38.48
N CYS E 145 8.24 7.43 -37.57
CA CYS E 145 8.39 6.82 -36.25
C CYS E 145 7.11 6.87 -35.41
N HIS E 146 6.35 7.95 -35.55
CA HIS E 146 5.03 8.05 -34.93
C HIS E 146 4.14 6.89 -35.38
N TYR E 147 4.18 6.59 -36.68
CA TYR E 147 3.26 5.61 -37.25
C TYR E 147 3.57 4.17 -36.84
N VAL E 148 4.86 3.84 -36.72
CA VAL E 148 5.27 2.46 -36.44
C VAL E 148 5.70 2.20 -34.99
N ALA E 149 5.82 3.24 -34.19
CA ALA E 149 6.34 3.11 -32.82
C ALA E 149 5.70 4.09 -31.83
N GLY E 150 5.62 5.37 -32.19
CA GLY E 150 4.91 6.32 -31.32
C GLY E 150 3.50 5.89 -30.98
N LEU E 151 2.76 5.46 -31.99
CA LEU E 151 1.38 5.00 -31.80
C LEU E 151 1.31 3.76 -30.91
N VAL E 152 2.36 2.93 -30.96
CA VAL E 152 2.48 1.80 -30.04
C VAL E 152 2.54 2.30 -28.59
N GLY E 153 3.40 3.29 -28.34
CA GLY E 153 3.50 3.87 -27.00
C GLY E 153 2.21 4.50 -26.53
N ILE E 154 1.52 5.18 -27.44
CA ILE E 154 0.21 5.77 -27.15
C ILE E 154 -0.83 4.70 -26.83
N GLY E 155 -0.89 3.66 -27.64
CA GLY E 155 -1.89 2.62 -27.39
C GLY E 155 -1.63 1.96 -26.05
N LEU E 156 -0.36 1.65 -25.76
CA LEU E 156 0.01 0.95 -24.54
C LEU E 156 -0.39 1.80 -23.34
N SER E 157 -0.10 3.10 -23.42
CA SER E 157 -0.41 4.02 -22.35
C SER E 157 -1.91 4.13 -22.13
N ARG E 158 -2.67 4.11 -23.22
CA ARG E 158 -4.14 4.11 -23.11
C ARG E 158 -4.63 2.82 -22.46
N LEU E 159 -3.96 1.69 -22.73
CA LEU E 159 -4.37 0.44 -22.09
C LEU E 159 -4.03 0.46 -20.60
N PHE E 160 -2.84 0.97 -20.25
CA PHE E 160 -2.46 1.10 -18.83
C PHE E 160 -3.48 1.95 -18.08
N SER E 161 -3.86 3.09 -18.63
CA SER E 161 -4.80 3.96 -17.92
C SER E 161 -6.19 3.34 -17.89
N ALA E 162 -6.61 2.68 -18.98
CA ALA E 162 -7.93 2.04 -19.03
C ALA E 162 -8.02 0.94 -17.97
N SER E 163 -6.93 0.22 -17.72
CA SER E 163 -6.91 -0.83 -16.70
C SER E 163 -7.00 -0.32 -15.26
N GLU E 164 -6.78 1.00 -15.08
CA GLU E 164 -6.62 1.64 -13.78
C GLU E 164 -5.42 1.19 -12.94
N PHE E 165 -4.51 0.42 -13.51
CA PHE E 165 -3.23 0.14 -12.82
C PHE E 165 -2.32 1.37 -12.84
N GLU E 166 -2.53 2.28 -13.80
CA GLU E 166 -1.81 3.55 -13.83
C GLU E 166 -2.79 4.71 -13.87
N ASP E 167 -2.27 5.91 -13.57
CA ASP E 167 -3.00 7.14 -13.54
C ASP E 167 -3.66 7.49 -14.87
N PRO E 168 -4.83 8.15 -14.85
CA PRO E 168 -5.38 8.64 -16.11
C PRO E 168 -4.41 9.48 -16.94
N LEU E 169 -3.48 10.19 -16.30
CA LEU E 169 -2.57 11.07 -17.03
C LEU E 169 -1.69 10.28 -18.00
N VAL E 170 -1.35 9.04 -17.65
CA VAL E 170 -0.49 8.22 -18.51
C VAL E 170 -1.03 8.11 -19.94
N GLY E 171 -2.31 7.73 -20.07
CA GLY E 171 -2.94 7.62 -21.39
C GLY E 171 -3.25 8.97 -22.04
N GLU E 172 -3.45 9.99 -21.21
CA GLU E 172 -3.84 11.31 -21.71
C GLU E 172 -2.67 12.04 -22.35
N ASP E 173 -1.47 11.86 -21.81
CA ASP E 173 -0.32 12.63 -22.28
C ASP E 173 0.30 11.89 -23.47
N THR E 174 -0.37 12.00 -24.62
CA THR E 174 0.05 11.24 -25.79
C THR E 174 1.42 11.71 -26.31
N GLU E 175 1.80 12.95 -26.03
CA GLU E 175 3.13 13.40 -26.47
C GLU E 175 4.25 12.64 -25.78
N ARG E 176 4.11 12.44 -24.48
CA ARG E 176 5.14 11.74 -23.72
C ARG E 176 5.18 10.28 -24.15
N ALA E 177 3.99 9.70 -24.34
CA ALA E 177 3.85 8.32 -24.79
C ALA E 177 4.46 8.16 -26.20
N ASN E 178 4.19 9.13 -27.07
CA ASN E 178 4.81 9.15 -28.41
C ASN E 178 6.34 9.11 -28.38
N SER E 179 6.91 9.96 -27.52
CA SER E 179 8.35 10.00 -27.28
C SER E 179 8.98 8.67 -26.87
N MET E 180 8.29 7.91 -26.05
CA MET E 180 8.77 6.59 -25.66
C MET E 180 9.00 5.71 -26.90
N GLY E 181 8.04 5.74 -27.83
CA GLY E 181 8.14 4.95 -29.06
C GLY E 181 9.16 5.53 -30.01
N LEU E 182 9.16 6.84 -30.18
CA LEU E 182 10.16 7.47 -31.07
C LEU E 182 11.59 7.15 -30.61
N PHE E 183 11.81 7.13 -29.30
CA PHE E 183 13.17 6.90 -28.82
C PHE E 183 13.67 5.51 -29.15
N LEU E 184 12.82 4.49 -28.99
CA LEU E 184 13.16 3.12 -29.32
C LEU E 184 13.36 2.94 -30.82
N GLN E 185 12.45 3.51 -31.61
CA GLN E 185 12.49 3.35 -33.06
C GLN E 185 13.72 4.02 -33.70
N LYS E 186 14.01 5.25 -33.30
CA LYS E 186 15.19 5.97 -33.76
C LYS E 186 16.48 5.24 -33.43
N THR E 187 16.55 4.69 -32.23
CA THR E 187 17.70 3.89 -31.82
C THR E 187 17.90 2.65 -32.71
N ASN E 188 16.81 1.92 -32.97
CA ASN E 188 16.85 0.77 -33.86
C ASN E 188 17.35 1.14 -35.26
N ILE E 189 16.78 2.21 -35.80
CA ILE E 189 17.11 2.68 -37.14
C ILE E 189 18.58 3.11 -37.23
N ILE E 190 19.05 3.83 -36.23
CA ILE E 190 20.45 4.27 -36.14
C ILE E 190 21.40 3.07 -36.11
N ARG E 191 21.16 2.20 -35.14
CA ARG E 191 21.94 0.98 -34.95
C ARG E 191 21.86 0.06 -36.16
N ASP E 192 20.69 -0.04 -36.79
CA ASP E 192 20.49 -1.04 -37.85
C ASP E 192 20.87 -0.55 -39.25
N TYR E 193 21.65 0.52 -39.36
CA TYR E 193 22.07 1.03 -40.68
C TYR E 193 22.48 -0.03 -41.68
N LEU E 194 23.42 -0.90 -41.30
CA LEU E 194 24.03 -1.82 -42.26
C LEU E 194 23.10 -2.96 -42.66
N GLU E 195 22.37 -3.47 -41.67
CA GLU E 195 21.35 -4.49 -41.89
C GLU E 195 20.30 -3.98 -42.89
N ASP E 196 19.87 -2.75 -42.69
CA ASP E 196 18.93 -2.10 -43.60
C ASP E 196 19.52 -1.95 -45.01
N GLN E 197 20.80 -1.61 -45.09
CA GLN E 197 21.51 -1.54 -46.38
C GLN E 197 21.47 -2.84 -47.16
N GLN E 198 21.92 -3.93 -46.52
CA GLN E 198 21.93 -5.26 -47.12
C GLN E 198 20.56 -5.69 -47.66
N GLY E 199 19.52 -5.42 -46.90
CA GLY E 199 18.15 -5.70 -47.31
C GLY E 199 17.56 -4.67 -48.25
N GLY E 200 18.30 -3.62 -48.56
CA GLY E 200 17.84 -2.58 -49.48
C GLY E 200 16.85 -1.58 -48.92
N ARG E 201 16.72 -1.56 -47.60
CA ARG E 201 15.85 -0.62 -46.88
C ARG E 201 16.61 0.64 -46.46
N GLU E 202 15.99 1.81 -46.66
CA GLU E 202 16.60 3.08 -46.29
C GLU E 202 15.66 3.85 -45.36
N PHE E 203 16.11 4.10 -44.15
CA PHE E 203 15.32 4.78 -43.12
C PHE E 203 15.98 6.04 -42.55
N TRP E 204 17.29 6.17 -42.70
CA TRP E 204 17.97 7.38 -42.28
C TRP E 204 17.41 8.55 -43.10
N PRO E 205 17.10 9.68 -42.44
CA PRO E 205 16.46 10.78 -43.15
C PRO E 205 17.37 11.42 -44.20
N GLN E 206 16.87 11.53 -45.43
CA GLN E 206 17.64 12.03 -46.56
C GLN E 206 18.18 13.46 -46.33
N GLU E 207 17.36 14.31 -45.73
CA GLU E 207 17.73 15.71 -45.51
C GLU E 207 18.87 15.91 -44.52
N VAL E 208 19.22 14.84 -43.80
CA VAL E 208 20.41 14.81 -42.96
C VAL E 208 21.59 14.16 -43.70
N TRP E 209 21.40 12.96 -44.23
CA TRP E 209 22.51 12.21 -44.82
C TRP E 209 23.03 12.81 -46.13
N SER E 210 22.18 13.58 -46.82
CA SER E 210 22.55 14.20 -48.09
C SER E 210 23.53 15.35 -47.91
N ARG E 211 23.67 15.81 -46.67
CA ARG E 211 24.66 16.84 -46.33
C ARG E 211 26.06 16.25 -46.13
N TYR E 212 26.18 14.94 -46.26
CA TYR E 212 27.45 14.24 -46.06
C TYR E 212 27.89 13.47 -47.30
N VAL E 213 26.95 12.75 -47.90
CA VAL E 213 27.22 11.90 -49.06
C VAL E 213 26.15 12.06 -50.13
N LYS E 214 26.46 11.58 -51.33
CA LYS E 214 25.52 11.65 -52.44
C LYS E 214 24.41 10.60 -52.32
N LYS E 215 24.79 9.40 -51.88
CA LYS E 215 23.84 8.30 -51.67
C LYS E 215 24.00 7.72 -50.26
N LEU E 216 22.89 7.27 -49.67
CA LEU E 216 22.91 6.74 -48.31
C LEU E 216 23.87 5.55 -48.18
N GLY E 217 23.85 4.67 -49.16
CA GLY E 217 24.76 3.53 -49.22
C GLY E 217 26.24 3.86 -49.19
N ASP E 218 26.58 5.13 -49.37
CA ASP E 218 27.98 5.58 -49.37
C ASP E 218 28.67 5.52 -48.01
N PHE E 219 27.90 5.47 -46.93
CA PHE E 219 28.46 5.34 -45.58
C PHE E 219 29.09 3.97 -45.34
N ALA E 220 28.67 2.97 -46.09
CA ALA E 220 29.23 1.63 -46.02
C ALA E 220 30.59 1.54 -46.71
N LYS E 221 30.83 2.48 -47.63
CA LYS E 221 32.11 2.55 -48.33
C LYS E 221 33.17 3.13 -47.40
N PRO E 222 34.19 2.32 -47.08
CA PRO E 222 35.21 2.58 -46.05
C PRO E 222 35.93 3.93 -46.14
N GLU E 223 35.97 4.54 -47.31
CA GLU E 223 36.60 5.84 -47.46
C GLU E 223 35.77 6.98 -46.85
N ASN E 224 34.46 6.79 -46.79
CA ASN E 224 33.54 7.78 -46.22
C ASN E 224 33.27 7.58 -44.72
N ILE E 225 34.16 6.87 -44.03
CA ILE E 225 33.94 6.51 -42.64
C ILE E 225 33.83 7.72 -41.72
N ASP E 226 34.64 8.74 -41.97
CA ASP E 226 34.64 9.97 -41.17
C ASP E 226 33.31 10.73 -41.27
N LEU E 227 32.86 10.95 -42.50
CA LEU E 227 31.58 11.61 -42.75
C LEU E 227 30.42 10.81 -42.17
N ALA E 228 30.53 9.48 -42.23
CA ALA E 228 29.52 8.57 -41.72
C ALA E 228 29.31 8.73 -40.23
N VAL E 229 30.42 8.83 -39.49
CA VAL E 229 30.39 9.03 -38.04
C VAL E 229 29.78 10.38 -37.68
N GLN E 230 30.14 11.42 -38.42
CA GLN E 230 29.55 12.74 -38.26
C GLN E 230 28.02 12.74 -38.40
N CYS E 231 27.52 12.02 -39.40
CA CYS E 231 26.08 11.89 -39.61
C CYS E 231 25.43 11.08 -38.49
N LEU E 232 26.08 9.97 -38.15
CA LEU E 232 25.69 9.12 -37.03
C LEU E 232 25.54 9.94 -35.74
N ASN E 233 26.52 10.78 -35.44
CA ASN E 233 26.48 11.62 -34.24
C ASN E 233 25.36 12.66 -34.28
N GLU E 234 25.08 13.23 -35.45
CA GLU E 234 23.98 14.17 -35.58
C GLU E 234 22.62 13.50 -35.33
N LEU E 235 22.46 12.29 -35.84
CA LEU E 235 21.23 11.52 -35.61
C LEU E 235 21.04 11.07 -34.16
N ILE E 236 22.14 10.69 -33.52
CA ILE E 236 22.11 10.33 -32.10
C ILE E 236 21.70 11.56 -31.28
N THR E 237 22.26 12.72 -31.61
CA THR E 237 21.90 13.97 -30.94
C THR E 237 20.41 14.30 -31.09
N ASN E 238 19.87 14.07 -32.29
CA ASN E 238 18.43 14.08 -32.54
C ASN E 238 17.66 13.15 -31.58
N ALA E 239 18.05 11.88 -31.54
CA ALA E 239 17.34 10.89 -30.72
C ALA E 239 17.34 11.27 -29.23
N LEU E 240 18.47 11.80 -28.77
CA LEU E 240 18.65 12.20 -27.37
C LEU E 240 17.59 13.18 -26.90
N HIS E 241 17.04 13.97 -27.82
CA HIS E 241 15.98 14.92 -27.49
C HIS E 241 14.75 14.33 -26.80
N HIS E 242 14.53 13.03 -27.02
CA HIS E 242 13.39 12.34 -26.39
C HIS E 242 13.58 11.92 -24.95
N ILE E 243 14.81 11.99 -24.43
CA ILE E 243 15.10 11.49 -23.09
C ILE E 243 14.35 12.22 -21.97
N PRO E 244 14.27 13.57 -22.05
CA PRO E 244 13.49 14.23 -21.01
C PRO E 244 12.06 13.71 -20.91
N ASP E 245 11.40 13.48 -22.05
CA ASP E 245 10.06 12.92 -22.05
C ASP E 245 10.02 11.50 -21.49
N VAL E 246 11.07 10.73 -21.79
CA VAL E 246 11.17 9.35 -21.31
C VAL E 246 11.25 9.37 -19.77
N ILE E 247 12.04 10.28 -19.23
CA ILE E 247 12.19 10.41 -17.78
C ILE E 247 10.85 10.81 -17.20
N THR E 248 10.20 11.81 -17.78
CA THR E 248 8.87 12.22 -17.33
C THR E 248 7.89 11.06 -17.35
N TYR E 249 7.83 10.35 -18.48
CA TYR E 249 6.89 9.26 -18.63
C TYR E 249 7.14 8.21 -17.54
N LEU E 250 8.39 7.76 -17.41
CA LEU E 250 8.71 6.71 -16.44
C LEU E 250 8.42 7.11 -14.99
N SER E 251 8.66 8.38 -14.69
CA SER E 251 8.48 8.93 -13.35
C SER E 251 7.03 9.00 -12.88
N ARG E 252 6.07 8.88 -13.79
CA ARG E 252 4.65 8.86 -13.42
C ARG E 252 4.10 7.45 -13.17
N LEU E 253 4.85 6.41 -13.51
CA LEU E 253 4.35 5.04 -13.35
C LEU E 253 4.38 4.63 -11.88
N ARG E 254 3.35 3.88 -11.48
CA ARG E 254 3.18 3.46 -10.09
C ARG E 254 3.00 1.95 -9.97
N ASN E 255 2.91 1.25 -11.10
CA ASN E 255 2.79 -0.21 -11.07
C ASN E 255 4.12 -0.87 -11.42
N GLN E 256 4.61 -1.75 -10.55
CA GLN E 256 5.89 -2.44 -10.77
C GLN E 256 5.92 -3.21 -12.09
N SER E 257 4.88 -3.98 -12.40
CA SER E 257 4.89 -4.75 -13.64
C SER E 257 4.95 -3.85 -14.89
N VAL E 258 4.22 -2.72 -14.87
CA VAL E 258 4.26 -1.74 -15.94
C VAL E 258 5.61 -1.04 -15.98
N PHE E 259 6.15 -0.71 -14.81
CA PHE E 259 7.46 -0.05 -14.77
C PHE E 259 8.52 -0.93 -15.42
N ASN E 260 8.55 -2.22 -15.08
CA ASN E 260 9.56 -3.12 -15.68
C ASN E 260 9.40 -3.21 -17.19
N PHE E 261 8.16 -3.40 -17.65
CA PHE E 261 7.85 -3.46 -19.08
C PHE E 261 8.30 -2.18 -19.79
N CYS E 262 8.11 -1.00 -19.18
CA CYS E 262 8.45 0.25 -19.86
C CYS E 262 9.92 0.67 -19.75
N ALA E 263 10.52 0.48 -18.58
CA ALA E 263 11.83 1.05 -18.27
C ALA E 263 12.93 0.24 -18.94
N ILE E 264 12.80 -1.09 -18.92
CA ILE E 264 13.89 -1.92 -19.43
C ILE E 264 14.23 -1.60 -20.89
N PRO E 265 13.23 -1.57 -21.80
CA PRO E 265 13.51 -1.20 -23.20
C PRO E 265 14.17 0.16 -23.37
N GLN E 266 13.75 1.16 -22.58
CA GLN E 266 14.34 2.49 -22.66
C GLN E 266 15.80 2.50 -22.21
N VAL E 267 16.09 1.81 -21.11
CA VAL E 267 17.47 1.64 -20.66
C VAL E 267 18.33 0.94 -21.73
N MET E 268 17.80 -0.13 -22.32
CA MET E 268 18.54 -0.83 -23.38
C MET E 268 18.84 0.04 -24.60
N ALA E 269 17.85 0.85 -25.00
CA ALA E 269 18.00 1.79 -26.11
C ALA E 269 19.03 2.86 -25.76
N ILE E 270 18.98 3.37 -24.53
CA ILE E 270 19.96 4.35 -24.07
C ILE E 270 21.36 3.75 -24.08
N ALA E 271 21.52 2.55 -23.52
CA ALA E 271 22.81 1.86 -23.59
C ALA E 271 23.29 1.62 -25.03
N THR E 272 22.35 1.43 -25.95
CA THR E 272 22.66 1.17 -27.35
C THR E 272 23.13 2.44 -28.05
N LEU E 273 22.44 3.55 -27.82
CA LEU E 273 22.90 4.83 -28.35
C LEU E 273 24.30 5.14 -27.83
N ALA E 274 24.52 4.92 -26.54
CA ALA E 274 25.85 5.15 -25.95
C ALA E 274 26.94 4.31 -26.59
N ALA E 275 26.64 3.03 -26.85
CA ALA E 275 27.58 2.15 -27.55
C ALA E 275 27.79 2.62 -28.99
N CYS E 276 26.75 3.19 -29.59
CA CYS E 276 26.82 3.62 -30.99
C CYS E 276 27.53 4.96 -31.19
N TYR E 277 27.53 5.80 -30.16
CA TYR E 277 28.04 7.16 -30.30
C TYR E 277 29.51 7.19 -30.72
N ASN E 278 29.81 7.94 -31.78
CA ASN E 278 31.16 8.10 -32.31
C ASN E 278 31.84 6.77 -32.63
N ASN E 279 31.05 5.83 -33.14
CA ASN E 279 31.52 4.47 -33.28
C ASN E 279 31.50 4.04 -34.74
N GLN E 280 32.68 3.96 -35.35
CA GLN E 280 32.78 3.53 -36.74
C GLN E 280 32.26 2.11 -36.96
N GLN E 281 32.25 1.29 -35.92
CA GLN E 281 31.71 -0.07 -36.00
C GLN E 281 30.24 -0.17 -36.42
N VAL E 282 29.47 0.92 -36.27
CA VAL E 282 28.10 0.95 -36.77
C VAL E 282 28.06 0.68 -38.27
N PHE E 283 29.09 1.13 -38.98
CA PHE E 283 29.13 1.01 -40.44
C PHE E 283 29.79 -0.28 -40.93
N LYS E 284 30.02 -1.21 -40.02
CA LYS E 284 30.68 -2.47 -40.32
C LYS E 284 29.95 -3.72 -39.82
N GLY E 285 29.02 -3.53 -38.89
CA GLY E 285 28.21 -4.63 -38.36
C GLY E 285 27.33 -4.21 -37.21
N ALA E 286 26.91 -5.17 -36.39
CA ALA E 286 26.13 -4.91 -35.19
C ALA E 286 27.07 -4.47 -34.07
N VAL E 287 26.64 -3.51 -33.27
CA VAL E 287 27.45 -2.95 -32.19
C VAL E 287 27.23 -3.67 -30.86
N LYS E 288 28.33 -4.09 -30.25
CA LYS E 288 28.30 -4.81 -28.97
C LYS E 288 27.97 -3.88 -27.80
N ILE E 289 26.78 -4.06 -27.24
CA ILE E 289 26.41 -3.37 -26.00
C ILE E 289 27.12 -3.99 -24.81
N ARG E 290 28.02 -3.24 -24.18
CA ARG E 290 28.86 -3.79 -23.13
C ARG E 290 28.50 -3.32 -21.71
N LYS E 291 29.25 -3.81 -20.73
CA LYS E 291 29.04 -3.49 -19.31
C LYS E 291 29.14 -2.01 -19.00
N GLY E 292 28.15 -1.48 -18.27
CA GLY E 292 28.18 -0.10 -17.80
C GLY E 292 29.31 0.17 -16.84
N GLN E 293 29.47 1.42 -16.43
CA GLN E 293 30.52 1.81 -15.49
C GLN E 293 30.19 1.30 -14.08
N ALA E 294 31.22 1.20 -13.24
CA ALA E 294 31.14 0.54 -11.94
C ALA E 294 29.84 0.73 -11.15
N VAL E 295 29.37 1.97 -11.03
CA VAL E 295 28.18 2.28 -10.22
C VAL E 295 26.86 1.80 -10.83
N THR E 296 26.75 1.88 -12.16
CA THR E 296 25.62 1.37 -12.94
C THR E 296 25.28 -0.09 -12.63
N LEU E 297 26.29 -0.96 -12.74
CA LEU E 297 26.21 -2.41 -12.55
C LEU E 297 25.50 -2.85 -11.27
N MET E 298 25.57 -2.01 -10.25
CA MET E 298 25.04 -2.29 -8.92
C MET E 298 23.52 -2.27 -8.82
N MET E 299 22.88 -1.58 -9.77
CA MET E 299 21.42 -1.43 -9.75
C MET E 299 20.82 -1.95 -11.05
N ASP E 300 19.61 -2.49 -10.97
CA ASP E 300 18.89 -2.76 -12.20
C ASP E 300 17.77 -1.75 -12.37
N ALA E 301 17.05 -1.86 -13.48
CA ALA E 301 16.13 -0.80 -13.89
C ALA E 301 14.71 -1.02 -13.38
N THR E 302 14.58 -1.33 -12.10
CA THR E 302 13.26 -1.62 -11.51
C THR E 302 12.75 -0.59 -10.50
N ASN E 303 13.51 0.46 -10.25
CA ASN E 303 12.97 1.61 -9.53
C ASN E 303 13.44 2.89 -10.21
N MET E 304 12.66 3.96 -10.06
CA MET E 304 12.93 5.19 -10.80
C MET E 304 14.28 5.83 -10.44
N PRO E 305 14.61 5.94 -9.14
CA PRO E 305 15.93 6.48 -8.86
C PRO E 305 17.10 5.72 -9.52
N ALA E 306 17.04 4.39 -9.56
CA ALA E 306 18.07 3.59 -10.22
C ALA E 306 18.07 3.85 -11.73
N VAL E 307 16.90 3.94 -12.34
CA VAL E 307 16.78 4.21 -13.77
C VAL E 307 17.40 5.55 -14.13
N LYS E 308 17.12 6.56 -13.31
CA LYS E 308 17.74 7.88 -13.49
C LYS E 308 19.25 7.78 -13.42
N ALA E 309 19.76 7.10 -12.39
CA ALA E 309 21.21 6.96 -12.24
C ALA E 309 21.82 6.29 -13.46
N ILE E 310 21.19 5.23 -13.95
CA ILE E 310 21.67 4.54 -15.14
C ILE E 310 21.72 5.46 -16.36
N ILE E 311 20.66 6.25 -16.53
CA ILE E 311 20.58 7.21 -17.63
C ILE E 311 21.68 8.27 -17.55
N TYR E 312 21.85 8.88 -16.38
CA TYR E 312 22.86 9.90 -16.20
C TYR E 312 24.26 9.39 -16.48
N GLN E 313 24.52 8.14 -16.08
CA GLN E 313 25.80 7.47 -16.38
C GLN E 313 26.05 7.32 -17.88
N TYR E 314 25.04 6.86 -18.61
CA TYR E 314 25.19 6.71 -20.04
C TYR E 314 25.36 8.08 -20.70
N MET E 315 24.68 9.10 -20.17
CA MET E 315 24.83 10.45 -20.67
C MET E 315 26.27 10.95 -20.49
N GLU E 316 26.87 10.65 -19.35
CA GLU E 316 28.26 11.04 -19.14
C GLU E 316 29.24 10.23 -20.00
N GLU E 317 28.93 8.96 -20.24
CA GLU E 317 29.70 8.16 -21.18
C GLU E 317 29.75 8.80 -22.57
N ILE E 318 28.63 9.36 -23.01
CA ILE E 318 28.59 10.06 -24.29
C ILE E 318 29.32 11.39 -24.18
N TYR E 319 29.03 12.16 -23.14
CA TYR E 319 29.59 13.51 -22.99
C TYR E 319 31.11 13.49 -23.09
N HIS E 320 31.71 12.56 -22.35
CA HIS E 320 33.16 12.40 -22.30
C HIS E 320 33.72 12.14 -23.70
N ARG E 321 32.98 11.39 -24.52
CA ARG E 321 33.49 10.95 -25.82
C ARG E 321 33.19 11.91 -26.97
N ILE E 322 32.61 13.08 -26.68
CA ILE E 322 32.29 14.06 -27.72
C ILE E 322 33.56 14.70 -28.30
N PRO E 323 33.90 14.38 -29.55
CA PRO E 323 35.09 15.01 -30.11
C PRO E 323 34.80 16.46 -30.49
N ASP E 324 35.77 17.35 -30.24
CA ASP E 324 35.62 18.74 -30.63
C ASP E 324 35.52 18.93 -32.15
N SER E 325 36.10 17.99 -32.91
CA SER E 325 36.02 17.98 -34.37
C SER E 325 34.59 17.84 -34.92
N ASP E 326 33.71 17.22 -34.14
CA ASP E 326 32.36 16.89 -34.61
C ASP E 326 31.46 18.12 -34.76
N PRO E 327 30.79 18.26 -35.93
CA PRO E 327 29.95 19.41 -36.23
C PRO E 327 28.65 19.49 -35.43
N SER E 328 28.29 18.42 -34.74
CA SER E 328 27.17 18.46 -33.80
C SER E 328 27.63 18.64 -32.37
N SER E 329 28.95 18.70 -32.18
CA SER E 329 29.56 18.65 -30.85
C SER E 329 28.83 19.52 -29.84
N SER E 330 28.54 20.76 -30.23
CA SER E 330 27.87 21.71 -29.36
C SER E 330 26.43 21.33 -29.01
N LYS E 331 25.67 20.91 -30.02
CA LYS E 331 24.27 20.48 -29.83
C LYS E 331 24.16 19.27 -28.92
N THR E 332 25.12 18.36 -29.02
CA THR E 332 25.14 17.15 -28.21
C THR E 332 25.36 17.48 -26.74
N ARG E 333 26.24 18.44 -26.48
CA ARG E 333 26.47 18.92 -25.11
C ARG E 333 25.20 19.58 -24.58
N GLN E 334 24.59 20.43 -25.39
CA GLN E 334 23.38 21.15 -24.97
C GLN E 334 22.24 20.23 -24.55
N ILE E 335 21.97 19.18 -25.32
CA ILE E 335 20.89 18.26 -24.99
C ILE E 335 21.21 17.46 -23.74
N ILE E 336 22.46 17.00 -23.60
CA ILE E 336 22.85 16.32 -22.37
C ILE E 336 22.70 17.23 -21.14
N SER E 337 23.16 18.47 -21.24
CA SER E 337 22.99 19.43 -20.15
C SER E 337 21.52 19.61 -19.81
N THR E 338 20.65 19.67 -20.81
CA THR E 338 19.21 19.80 -20.60
C THR E 338 18.63 18.57 -19.90
N ILE E 339 19.13 17.40 -20.28
CA ILE E 339 18.70 16.15 -19.65
C ILE E 339 19.00 16.18 -18.15
N ARG E 340 20.12 16.81 -17.81
CA ARG E 340 20.61 16.91 -16.43
C ARG E 340 19.91 17.97 -15.59
N THR E 341 19.03 18.76 -16.21
CA THR E 341 18.33 19.84 -15.52
C THR E 341 17.03 19.44 -14.83
N GLN E 342 16.49 18.27 -15.17
CA GLN E 342 15.52 17.60 -14.31
C GLN E 342 16.29 16.64 -13.40
N SER F 11 27.56 -16.53 23.23
CA SER F 11 28.56 -17.14 22.32
C SER F 11 28.05 -18.43 21.70
N SER F 12 27.02 -19.00 22.30
CA SER F 12 26.33 -20.14 21.71
C SER F 12 25.57 -19.72 20.44
N LEU F 13 24.97 -18.53 20.46
CA LEU F 13 24.36 -17.99 19.26
C LEU F 13 25.40 -17.70 18.18
N LYS F 14 26.55 -17.16 18.59
CA LYS F 14 27.70 -16.95 17.72
C LYS F 14 28.16 -18.23 17.04
N THR F 15 28.26 -19.30 17.83
CA THR F 15 28.63 -20.62 17.32
C THR F 15 27.62 -21.15 16.31
N CYS F 16 26.33 -20.94 16.59
CA CYS F 16 25.27 -21.33 15.66
C CYS F 16 25.43 -20.68 14.29
N TYR F 17 25.63 -19.36 14.27
CA TYR F 17 25.84 -18.68 12.99
C TYR F 17 27.15 -19.11 12.35
N LYS F 18 28.14 -19.44 13.18
CA LYS F 18 29.38 -19.99 12.65
C LYS F 18 29.01 -21.22 11.83
N TYR F 19 28.35 -22.18 12.45
CA TYR F 19 27.96 -23.41 11.76
C TYR F 19 27.10 -23.17 10.53
N LEU F 20 26.13 -22.25 10.62
CA LEU F 20 25.31 -21.89 9.46
C LEU F 20 26.14 -21.51 8.24
N ASN F 21 27.11 -20.61 8.44
CA ASN F 21 27.96 -20.12 7.35
C ASN F 21 28.97 -21.12 6.82
N GLN F 22 29.39 -22.07 7.67
CA GLN F 22 30.40 -23.04 7.26
C GLN F 22 29.76 -24.18 6.48
N THR F 23 28.48 -24.43 6.73
CA THR F 23 27.79 -25.53 6.06
C THR F 23 26.97 -25.06 4.86
N SER F 24 26.22 -23.97 5.04
CA SER F 24 25.27 -23.51 4.04
C SER F 24 25.88 -22.44 3.14
N ARG F 25 26.41 -22.87 2.01
CA ARG F 25 26.90 -21.95 1.01
C ARG F 25 25.79 -21.06 0.45
N SER F 26 24.60 -21.64 0.26
CA SER F 26 23.53 -20.99 -0.49
C SER F 26 22.42 -20.32 0.31
N PHE F 27 22.24 -20.70 1.56
CA PHE F 27 21.19 -20.10 2.38
C PHE F 27 21.70 -19.15 3.45
N ALA F 28 22.96 -19.30 3.87
CA ALA F 28 23.43 -18.56 5.04
C ALA F 28 23.15 -17.07 4.93
N ALA F 29 23.45 -16.49 3.77
CA ALA F 29 23.35 -15.05 3.62
C ALA F 29 21.90 -14.55 3.59
N VAL F 30 21.02 -15.24 2.86
CA VAL F 30 19.61 -14.87 2.83
C VAL F 30 18.90 -15.11 4.17
N ILE F 31 19.33 -16.12 4.93
CA ILE F 31 18.78 -16.34 6.28
C ILE F 31 19.17 -15.20 7.21
N GLN F 32 20.44 -14.79 7.17
CA GLN F 32 20.95 -13.74 8.03
C GLN F 32 20.35 -12.39 7.65
N ALA F 33 19.85 -12.30 6.41
CA ALA F 33 19.17 -11.10 5.93
C ALA F 33 17.69 -10.99 6.36
N LEU F 34 17.16 -12.03 7.01
CA LEU F 34 15.77 -11.99 7.41
C LEU F 34 15.50 -11.00 8.55
N ASP F 35 14.35 -10.34 8.51
CA ASP F 35 13.98 -9.34 9.51
C ASP F 35 13.73 -9.93 10.90
N GLY F 36 14.14 -9.19 11.92
CA GLY F 36 13.68 -9.42 13.28
C GLY F 36 13.81 -10.85 13.76
N GLU F 37 12.75 -11.36 14.39
CA GLU F 37 12.83 -12.66 15.05
C GLU F 37 12.92 -13.85 14.09
N MET F 38 12.65 -13.59 12.82
CA MET F 38 12.74 -14.63 11.80
C MET F 38 14.18 -15.10 11.62
N ARG F 39 15.12 -14.17 11.75
CA ARG F 39 16.55 -14.44 11.61
C ARG F 39 17.02 -15.65 12.43
N ASN F 40 17.01 -15.52 13.76
CA ASN F 40 17.35 -16.63 14.65
C ASN F 40 16.48 -17.87 14.48
N ALA F 41 15.17 -17.67 14.33
CA ALA F 41 14.24 -18.79 14.18
C ALA F 41 14.59 -19.67 12.98
N VAL F 42 14.83 -19.06 11.83
CA VAL F 42 15.14 -19.83 10.63
C VAL F 42 16.56 -20.42 10.67
N CYS F 43 17.52 -19.67 11.21
CA CYS F 43 18.87 -20.17 11.40
C CYS F 43 18.88 -21.44 12.23
N ILE F 44 18.20 -21.41 13.37
CA ILE F 44 18.12 -22.58 14.25
C ILE F 44 17.39 -23.71 13.54
N PHE F 45 16.32 -23.35 12.82
CA PHE F 45 15.58 -24.32 12.02
C PHE F 45 16.50 -25.04 11.03
N TYR F 46 17.27 -24.27 10.26
CA TYR F 46 18.20 -24.84 9.30
C TYR F 46 19.13 -25.83 9.99
N LEU F 47 19.74 -25.40 11.08
CA LEU F 47 20.70 -26.22 11.80
C LEU F 47 20.09 -27.51 12.36
N VAL F 48 18.90 -27.43 12.94
CA VAL F 48 18.28 -28.64 13.48
C VAL F 48 17.89 -29.61 12.37
N LEU F 49 17.52 -29.09 11.21
CA LEU F 49 17.16 -29.92 10.08
C LEU F 49 18.40 -30.52 9.44
N ARG F 50 19.51 -29.77 9.49
CA ARG F 50 20.79 -30.24 8.98
C ARG F 50 21.31 -31.42 9.81
N ALA F 51 21.16 -31.34 11.12
CA ALA F 51 21.54 -32.42 12.04
C ALA F 51 20.74 -33.68 11.72
N LEU F 52 19.43 -33.51 11.60
CA LEU F 52 18.50 -34.60 11.33
C LEU F 52 18.77 -35.23 9.97
N ASP F 53 19.12 -34.40 8.98
CA ASP F 53 19.44 -34.87 7.65
C ASP F 53 20.77 -35.63 7.62
N THR F 54 21.73 -35.17 8.43
CA THR F 54 23.04 -35.82 8.51
C THR F 54 22.89 -37.23 9.07
N LEU F 55 21.89 -37.41 9.94
CA LEU F 55 21.51 -38.74 10.42
C LEU F 55 21.00 -39.60 9.26
N GLU F 56 20.01 -39.11 8.52
CA GLU F 56 19.39 -39.86 7.43
C GLU F 56 20.37 -40.23 6.31
N ASP F 57 21.47 -39.49 6.20
CA ASP F 57 22.42 -39.72 5.10
C ASP F 57 23.56 -40.66 5.47
N ASP F 58 23.88 -40.71 6.76
CA ASP F 58 25.02 -41.50 7.25
C ASP F 58 24.76 -42.99 7.07
N MET F 59 25.52 -43.59 6.16
CA MET F 59 25.37 -44.99 5.79
C MET F 59 26.06 -45.94 6.76
N THR F 60 26.90 -45.39 7.63
CA THR F 60 27.61 -46.17 8.63
C THR F 60 26.71 -46.58 9.80
N ILE F 61 25.60 -45.88 9.97
CA ILE F 61 24.59 -46.22 10.97
C ILE F 61 23.62 -47.25 10.38
N SER F 62 23.49 -48.38 11.08
CA SER F 62 22.60 -49.46 10.66
C SER F 62 21.13 -49.06 10.79
N VAL F 63 20.29 -49.74 10.01
CA VAL F 63 18.87 -49.40 9.89
C VAL F 63 18.11 -49.49 11.21
N GLU F 64 18.44 -50.49 12.03
CA GLU F 64 17.73 -50.68 13.29
C GLU F 64 18.13 -49.68 14.38
N LYS F 65 19.34 -49.15 14.29
CA LYS F 65 19.82 -48.15 15.24
C LYS F 65 19.48 -46.73 14.80
N LYS F 66 19.13 -46.58 13.53
CA LYS F 66 18.78 -45.28 12.94
C LYS F 66 17.34 -44.85 13.21
N VAL F 67 16.41 -45.79 13.11
CA VAL F 67 14.98 -45.53 13.26
C VAL F 67 14.57 -44.85 14.58
N PRO F 68 15.17 -45.25 15.72
CA PRO F 68 14.88 -44.49 16.93
C PRO F 68 15.38 -43.05 16.88
N LEU F 69 16.55 -42.83 16.28
CA LEU F 69 17.15 -41.50 16.20
C LEU F 69 16.28 -40.52 15.41
N LEU F 70 15.67 -40.99 14.33
CA LEU F 70 14.79 -40.18 13.49
C LEU F 70 13.45 -39.89 14.15
N HIS F 71 12.84 -40.92 14.74
CA HIS F 71 11.57 -40.80 15.44
C HIS F 71 11.62 -39.83 16.61
N ASN F 72 12.75 -39.83 17.31
CA ASN F 72 12.89 -39.14 18.59
C ASN F 72 13.59 -37.80 18.50
N PHE F 73 14.01 -37.42 17.30
CA PHE F 73 14.76 -36.19 17.10
C PHE F 73 14.11 -34.98 17.76
N HIS F 74 12.81 -34.83 17.56
CA HIS F 74 12.04 -33.70 18.06
C HIS F 74 12.15 -33.48 19.57
N SER F 75 12.30 -34.56 20.34
CA SER F 75 12.42 -34.44 21.79
C SER F 75 13.84 -34.09 22.22
N PHE F 76 14.83 -34.53 21.44
CA PHE F 76 16.24 -34.18 21.69
C PHE F 76 16.44 -32.68 21.81
N LEU F 77 15.54 -31.91 21.19
CA LEU F 77 15.52 -30.45 21.31
C LEU F 77 15.34 -29.98 22.75
N TYR F 78 14.69 -30.82 23.56
CA TYR F 78 14.38 -30.47 24.95
C TYR F 78 15.24 -31.22 25.97
N GLN F 79 16.20 -32.00 25.46
CA GLN F 79 17.18 -32.69 26.30
C GLN F 79 18.52 -31.97 26.18
N PRO F 80 18.81 -31.04 27.10
CA PRO F 80 19.94 -30.12 27.01
C PRO F 80 21.29 -30.81 26.83
N ASP F 81 21.33 -32.11 27.17
CA ASP F 81 22.54 -32.91 27.26
C ASP F 81 22.85 -33.71 26.00
N TRP F 82 21.83 -33.92 25.16
CA TRP F 82 21.91 -34.83 24.03
C TRP F 82 22.89 -34.44 22.93
N ARG F 83 23.68 -35.41 22.48
CA ARG F 83 24.59 -35.25 21.35
C ARG F 83 24.68 -36.56 20.56
N PHE F 84 25.45 -36.54 19.47
CA PHE F 84 25.75 -37.75 18.73
C PHE F 84 27.21 -37.70 18.28
N MET F 85 27.99 -38.69 18.72
CA MET F 85 29.43 -38.62 18.59
C MET F 85 30.04 -39.61 17.60
N GLU F 86 29.20 -40.43 16.97
CA GLU F 86 29.68 -41.50 16.11
C GLU F 86 29.50 -41.29 14.61
N SER F 87 29.14 -40.08 14.19
CA SER F 87 28.94 -39.78 12.78
C SER F 87 30.24 -39.80 11.99
N LYS F 88 30.19 -40.38 10.79
CA LYS F 88 31.34 -40.43 9.89
C LYS F 88 31.13 -39.54 8.67
N GLU F 89 30.39 -38.44 8.86
CA GLU F 89 30.08 -37.50 7.80
C GLU F 89 31.02 -36.30 7.82
N LYS F 90 30.78 -35.35 6.92
CA LYS F 90 31.57 -34.12 6.88
C LYS F 90 31.00 -33.04 7.80
N ASP F 91 29.66 -32.93 7.83
CA ASP F 91 28.99 -31.92 8.63
C ASP F 91 28.66 -32.45 10.03
N ARG F 92 29.49 -33.36 10.53
CA ARG F 92 29.25 -34.05 11.79
C ARG F 92 29.25 -33.14 13.03
N GLN F 93 29.68 -31.90 12.85
CA GLN F 93 29.83 -30.94 13.93
C GLN F 93 28.52 -30.54 14.60
N VAL F 94 27.44 -30.50 13.82
CA VAL F 94 26.12 -30.10 14.31
C VAL F 94 25.50 -31.12 15.26
N LEU F 95 25.87 -32.39 15.09
CA LEU F 95 25.42 -33.44 15.99
C LEU F 95 26.32 -33.51 17.22
N GLU F 96 27.62 -33.33 17.01
CA GLU F 96 28.60 -33.37 18.09
C GLU F 96 28.49 -32.18 19.04
N ASP F 97 28.05 -31.03 18.51
CA ASP F 97 27.85 -29.83 19.31
C ASP F 97 26.38 -29.45 19.35
N PHE F 98 25.54 -30.48 19.31
CA PHE F 98 24.09 -30.29 19.30
C PHE F 98 23.51 -29.56 20.53
N PRO F 99 24.13 -29.73 21.71
CA PRO F 99 23.57 -29.03 22.87
C PRO F 99 23.61 -27.51 22.74
N THR F 100 24.61 -26.98 22.02
CA THR F 100 24.69 -25.56 21.72
C THR F 100 23.53 -25.13 20.82
N ILE F 101 23.26 -25.92 19.80
CA ILE F 101 22.12 -25.71 18.90
C ILE F 101 20.79 -25.76 19.66
N SER F 102 20.57 -26.83 20.43
CA SER F 102 19.32 -27.00 21.17
C SER F 102 19.11 -25.92 22.24
N LEU F 103 20.22 -25.43 22.79
CA LEU F 103 20.18 -24.33 23.77
C LEU F 103 19.54 -23.10 23.13
N GLU F 104 20.03 -22.72 21.95
CA GLU F 104 19.48 -21.56 21.26
C GLU F 104 18.05 -21.80 20.77
N PHE F 105 17.72 -23.05 20.45
CA PHE F 105 16.33 -23.40 20.15
C PHE F 105 15.42 -23.09 21.33
N ARG F 106 15.83 -23.47 22.54
CA ARG F 106 15.04 -23.23 23.74
C ARG F 106 15.01 -21.75 24.13
N ASN F 107 15.85 -20.95 23.49
CA ASN F 107 15.81 -19.50 23.67
C ASN F 107 14.84 -18.82 22.71
N LEU F 108 14.36 -19.55 21.71
CA LEU F 108 13.34 -19.04 20.79
C LEU F 108 12.01 -18.90 21.49
N ALA F 109 11.20 -17.92 21.06
CA ALA F 109 9.83 -17.78 21.53
C ALA F 109 9.07 -19.08 21.30
N GLU F 110 8.21 -19.46 22.24
CA GLU F 110 7.46 -20.71 22.17
C GLU F 110 6.70 -20.93 20.85
N LYS F 111 6.19 -19.84 20.27
CA LYS F 111 5.48 -19.93 19.00
C LYS F 111 6.33 -20.47 17.85
N TYR F 112 7.64 -20.22 17.90
CA TYR F 112 8.56 -20.72 16.88
C TYR F 112 9.03 -22.13 17.24
N GLN F 113 9.29 -22.35 18.53
CA GLN F 113 9.59 -23.68 19.06
C GLN F 113 8.53 -24.70 18.64
N THR F 114 7.26 -24.34 18.82
CA THR F 114 6.14 -25.21 18.50
C THR F 114 6.17 -25.62 17.03
N VAL F 115 6.43 -24.65 16.15
CA VAL F 115 6.47 -24.89 14.71
C VAL F 115 7.61 -25.84 14.37
N ILE F 116 8.82 -25.50 14.83
CA ILE F 116 10.01 -26.30 14.56
C ILE F 116 9.89 -27.71 15.14
N ALA F 117 9.44 -27.82 16.38
CA ALA F 117 9.32 -29.13 17.03
C ALA F 117 8.35 -30.00 16.23
N ASP F 118 7.18 -29.44 15.94
CA ASP F 118 6.14 -30.11 15.16
C ASP F 118 6.72 -30.63 13.85
N ILE F 119 7.48 -29.78 13.14
CA ILE F 119 8.05 -30.18 11.85
C ILE F 119 9.10 -31.28 11.97
N CYS F 120 10.02 -31.14 12.92
CA CYS F 120 11.04 -32.15 13.18
C CYS F 120 10.46 -33.54 13.48
N ARG F 121 9.31 -33.56 14.16
CA ARG F 121 8.65 -34.82 14.49
C ARG F 121 8.07 -35.46 13.22
N ARG F 122 7.19 -34.74 12.54
CA ARG F 122 6.54 -35.22 11.33
C ARG F 122 7.58 -35.65 10.30
N MET F 123 8.64 -34.85 10.15
CA MET F 123 9.76 -35.21 9.28
C MET F 123 10.33 -36.55 9.72
N GLY F 124 10.58 -36.69 11.02
CA GLY F 124 11.09 -37.94 11.60
C GLY F 124 10.29 -39.17 11.24
N ILE F 125 8.99 -39.12 11.49
CA ILE F 125 8.06 -40.20 11.17
C ILE F 125 8.14 -40.62 9.70
N GLY F 126 8.39 -39.65 8.81
CA GLY F 126 8.43 -39.90 7.38
C GLY F 126 9.75 -40.38 6.81
N MET F 127 10.86 -39.83 7.32
CA MET F 127 12.20 -40.19 6.84
C MET F 127 12.50 -41.64 7.15
N ALA F 128 12.04 -42.09 8.32
CA ALA F 128 12.22 -43.46 8.79
C ALA F 128 11.49 -44.45 7.90
N GLU F 129 10.32 -44.05 7.42
CA GLU F 129 9.48 -44.87 6.55
C GLU F 129 10.13 -45.18 5.20
N PHE F 130 11.00 -44.29 4.74
CA PHE F 130 11.65 -44.44 3.44
C PHE F 130 13.07 -45.01 3.49
N LEU F 131 13.58 -45.20 4.70
CA LEU F 131 14.85 -45.90 4.89
C LEU F 131 14.68 -47.36 4.48
N ASP F 132 13.42 -47.83 4.59
CA ASP F 132 13.05 -49.21 4.32
C ASP F 132 12.94 -49.52 2.83
N LYS F 133 12.51 -48.54 2.04
CA LYS F 133 12.12 -48.79 0.66
C LYS F 133 12.65 -47.75 -0.33
N HIS F 134 12.64 -48.09 -1.61
CA HIS F 134 12.91 -47.14 -2.67
C HIS F 134 11.57 -46.52 -3.09
N VAL F 135 11.62 -45.29 -3.62
CA VAL F 135 10.42 -44.64 -4.13
C VAL F 135 9.99 -45.32 -5.44
N THR F 136 8.70 -45.62 -5.53
CA THR F 136 8.15 -46.39 -6.66
C THR F 136 7.26 -45.56 -7.59
N SER F 137 6.07 -45.20 -7.11
CA SER F 137 5.13 -44.43 -7.93
C SER F 137 5.47 -42.94 -7.91
N GLU F 138 4.70 -42.16 -8.66
CA GLU F 138 4.82 -40.71 -8.61
C GLU F 138 4.16 -40.13 -7.36
N GLN F 139 3.10 -40.78 -6.88
CA GLN F 139 2.46 -40.42 -5.62
C GLN F 139 3.48 -40.56 -4.50
N GLU F 140 4.23 -41.66 -4.55
CA GLU F 140 5.24 -41.99 -3.54
C GLU F 140 6.39 -40.99 -3.55
N TRP F 141 6.80 -40.57 -4.74
CA TRP F 141 7.80 -39.53 -4.93
C TRP F 141 7.39 -38.25 -4.22
N ASP F 142 6.12 -37.90 -4.35
CA ASP F 142 5.54 -36.73 -3.70
C ASP F 142 5.59 -36.86 -2.18
N LYS F 143 5.24 -38.04 -1.68
CA LYS F 143 5.24 -38.31 -0.24
C LYS F 143 6.65 -38.21 0.34
N TYR F 144 7.64 -38.77 -0.35
CA TYR F 144 9.03 -38.69 0.09
C TYR F 144 9.56 -37.25 0.09
N CYS F 145 9.33 -36.55 -1.01
CA CYS F 145 9.64 -35.13 -1.13
C CYS F 145 8.93 -34.29 -0.07
N HIS F 146 7.68 -34.66 0.24
CA HIS F 146 6.93 -34.02 1.31
C HIS F 146 7.65 -34.19 2.65
N TYR F 147 8.25 -35.36 2.86
CA TYR F 147 8.95 -35.64 4.11
C TYR F 147 10.28 -34.90 4.22
N VAL F 148 11.02 -34.84 3.12
CA VAL F 148 12.37 -34.28 3.16
C VAL F 148 12.44 -32.81 2.73
N ALA F 149 11.40 -32.32 2.07
CA ALA F 149 11.41 -30.97 1.50
C ALA F 149 10.13 -30.18 1.75
N GLY F 150 8.97 -30.78 1.48
CA GLY F 150 7.70 -30.07 1.60
C GLY F 150 7.42 -29.56 3.01
N LEU F 151 7.69 -30.39 4.00
CA LEU F 151 7.53 -30.00 5.39
C LEU F 151 8.45 -28.84 5.80
N VAL F 152 9.61 -28.75 5.14
CA VAL F 152 10.50 -27.61 5.37
C VAL F 152 9.83 -26.32 4.90
N GLY F 153 9.21 -26.36 3.71
CA GLY F 153 8.48 -25.22 3.18
C GLY F 153 7.33 -24.81 4.09
N ILE F 154 6.58 -25.81 4.56
CA ILE F 154 5.49 -25.60 5.50
C ILE F 154 5.96 -24.96 6.81
N GLY F 155 7.04 -25.49 7.39
CA GLY F 155 7.63 -24.94 8.61
C GLY F 155 8.03 -23.48 8.46
N LEU F 156 8.77 -23.19 7.40
CA LEU F 156 9.18 -21.82 7.09
C LEU F 156 7.97 -20.88 6.99
N SER F 157 6.97 -21.32 6.22
CA SER F 157 5.74 -20.56 6.03
C SER F 157 5.09 -20.14 7.35
N ARG F 158 4.98 -21.09 8.27
CA ARG F 158 4.38 -20.83 9.57
C ARG F 158 5.19 -19.89 10.45
N LEU F 159 6.51 -19.88 10.24
CA LEU F 159 7.39 -18.99 10.99
C LEU F 159 7.24 -17.56 10.49
N PHE F 160 7.13 -17.40 9.17
CA PHE F 160 6.85 -16.10 8.58
C PHE F 160 5.60 -15.49 9.21
N SER F 161 4.51 -16.27 9.25
CA SER F 161 3.25 -15.79 9.82
C SER F 161 3.30 -15.66 11.34
N ALA F 162 3.98 -16.59 12.00
CA ALA F 162 4.13 -16.53 13.46
C ALA F 162 4.80 -15.24 13.89
N SER F 163 5.80 -14.83 13.12
CA SER F 163 6.59 -13.63 13.39
C SER F 163 5.79 -12.38 13.07
N GLU F 164 4.80 -12.55 12.22
CA GLU F 164 3.87 -11.51 11.79
C GLU F 164 4.48 -10.52 10.80
N PHE F 165 5.62 -10.90 10.21
CA PHE F 165 6.15 -10.14 9.09
C PHE F 165 5.38 -10.43 7.81
N GLU F 166 4.76 -11.61 7.76
CA GLU F 166 3.81 -11.98 6.71
C GLU F 166 2.40 -12.09 7.30
N ASP F 167 1.41 -11.75 6.47
CA ASP F 167 -0.01 -11.95 6.75
C ASP F 167 -0.24 -13.38 7.22
N PRO F 168 -1.23 -13.62 8.12
CA PRO F 168 -1.66 -14.96 8.49
C PRO F 168 -2.03 -15.85 7.30
N LEU F 169 -2.50 -15.23 6.21
CA LEU F 169 -2.82 -15.95 4.97
C LEU F 169 -1.62 -16.65 4.34
N VAL F 170 -0.40 -16.21 4.64
CA VAL F 170 0.79 -16.92 4.18
C VAL F 170 0.96 -18.30 4.84
N GLY F 171 0.95 -18.34 6.18
CA GLY F 171 1.12 -19.61 6.90
C GLY F 171 -0.08 -20.52 6.74
N GLU F 172 -1.23 -19.95 6.37
CA GLU F 172 -2.42 -20.76 6.19
C GLU F 172 -2.36 -21.63 4.94
N ASP F 173 -1.57 -21.21 3.96
CA ASP F 173 -1.49 -21.91 2.68
C ASP F 173 -0.43 -23.01 2.71
N THR F 174 -0.80 -24.15 3.31
CA THR F 174 0.13 -25.27 3.49
C THR F 174 0.35 -26.11 2.23
N GLU F 175 -0.66 -26.15 1.37
CA GLU F 175 -0.56 -26.89 0.12
C GLU F 175 0.48 -26.29 -0.81
N ARG F 176 0.46 -24.97 -0.96
CA ARG F 176 1.43 -24.28 -1.81
C ARG F 176 2.80 -24.20 -1.16
N ALA F 177 2.85 -24.16 0.17
CA ALA F 177 4.13 -24.23 0.87
C ALA F 177 4.82 -25.56 0.59
N ASN F 178 4.03 -26.62 0.63
CA ASN F 178 4.49 -27.96 0.30
C ASN F 178 5.01 -28.06 -1.13
N SER F 179 4.28 -27.48 -2.08
CA SER F 179 4.75 -27.41 -3.47
C SER F 179 6.08 -26.73 -3.66
N MET F 180 6.30 -25.66 -2.89
CA MET F 180 7.57 -24.91 -2.93
C MET F 180 8.72 -25.86 -2.63
N GLY F 181 8.57 -26.64 -1.57
CA GLY F 181 9.57 -27.62 -1.17
C GLY F 181 9.70 -28.76 -2.17
N LEU F 182 8.56 -29.28 -2.62
CA LEU F 182 8.57 -30.34 -3.62
C LEU F 182 9.30 -29.92 -4.88
N PHE F 183 9.00 -28.71 -5.35
CA PHE F 183 9.63 -28.24 -6.58
C PHE F 183 11.15 -28.24 -6.46
N LEU F 184 11.66 -27.77 -5.31
CA LEU F 184 13.11 -27.70 -5.12
C LEU F 184 13.73 -29.09 -5.03
N GLN F 185 13.05 -29.99 -4.33
CA GLN F 185 13.57 -31.34 -4.11
C GLN F 185 13.64 -32.16 -5.40
N LYS F 186 12.56 -32.11 -6.19
CA LYS F 186 12.53 -32.78 -7.49
C LYS F 186 13.60 -32.29 -8.45
N THR F 187 13.89 -30.98 -8.41
CA THR F 187 14.94 -30.39 -9.23
C THR F 187 16.31 -30.92 -8.81
N ASN F 188 16.58 -30.92 -7.50
CA ASN F 188 17.82 -31.48 -7.00
C ASN F 188 17.96 -32.95 -7.39
N ILE F 189 16.90 -33.71 -7.16
CA ILE F 189 16.85 -35.14 -7.47
C ILE F 189 17.17 -35.39 -8.94
N ILE F 190 16.61 -34.54 -9.80
CA ILE F 190 16.80 -34.66 -11.24
C ILE F 190 18.26 -34.43 -11.65
N ARG F 191 18.82 -33.27 -11.36
CA ARG F 191 20.19 -33.00 -11.78
C ARG F 191 21.23 -33.88 -11.09
N ASP F 192 20.89 -34.39 -9.90
CA ASP F 192 21.82 -35.15 -9.09
C ASP F 192 21.83 -36.65 -9.39
N TYR F 193 21.27 -37.05 -10.52
CA TYR F 193 21.18 -38.48 -10.86
C TYR F 193 22.53 -39.18 -10.72
N LEU F 194 23.54 -38.67 -11.41
CA LEU F 194 24.85 -39.31 -11.50
C LEU F 194 25.54 -39.40 -10.14
N GLU F 195 25.55 -38.30 -9.42
CA GLU F 195 26.13 -38.23 -8.08
C GLU F 195 25.43 -39.14 -7.09
N ASP F 196 24.11 -39.31 -7.24
CA ASP F 196 23.34 -40.21 -6.40
C ASP F 196 23.60 -41.67 -6.73
N GLN F 197 23.90 -41.95 -7.99
CA GLN F 197 24.23 -43.30 -8.46
C GLN F 197 25.55 -43.78 -7.89
N GLN F 198 26.55 -42.89 -7.92
CA GLN F 198 27.90 -43.18 -7.47
C GLN F 198 28.00 -43.36 -5.96
N GLY F 199 27.03 -42.81 -5.24
CA GLY F 199 26.90 -43.03 -3.80
C GLY F 199 25.88 -44.12 -3.50
N GLY F 200 25.37 -44.77 -4.54
CA GLY F 200 24.44 -45.88 -4.41
C GLY F 200 23.08 -45.55 -3.81
N ARG F 201 22.49 -44.45 -4.26
CA ARG F 201 21.14 -44.06 -3.86
C ARG F 201 20.23 -43.93 -5.08
N GLU F 202 19.00 -44.43 -4.94
CA GLU F 202 18.01 -44.38 -6.00
C GLU F 202 16.81 -43.53 -5.56
N PHE F 203 16.65 -42.38 -6.20
CA PHE F 203 15.57 -41.46 -5.86
C PHE F 203 14.54 -41.22 -6.96
N TRP F 204 14.92 -41.51 -8.20
CA TRP F 204 13.99 -41.42 -9.34
C TRP F 204 12.90 -42.48 -9.22
N PRO F 205 11.62 -42.08 -9.36
CA PRO F 205 10.52 -43.01 -9.14
C PRO F 205 10.49 -44.22 -10.07
N GLN F 206 10.37 -45.40 -9.47
CA GLN F 206 10.44 -46.70 -10.14
C GLN F 206 9.45 -46.86 -11.30
N GLU F 207 8.19 -46.52 -11.06
CA GLU F 207 7.13 -46.63 -12.06
C GLU F 207 7.41 -45.86 -13.35
N VAL F 208 8.31 -44.88 -13.27
CA VAL F 208 8.66 -44.05 -14.41
C VAL F 208 9.87 -44.61 -15.15
N TRP F 209 10.96 -44.89 -14.44
CA TRP F 209 12.18 -45.39 -15.07
C TRP F 209 12.10 -46.83 -15.56
N SER F 210 11.30 -47.67 -14.90
CA SER F 210 11.15 -49.06 -15.30
C SER F 210 10.39 -49.15 -16.63
N ARG F 211 9.72 -48.06 -16.99
CA ARG F 211 9.11 -47.96 -18.31
C ARG F 211 10.16 -47.68 -19.39
N TYR F 212 11.40 -47.44 -18.96
CA TYR F 212 12.49 -47.16 -19.90
C TYR F 212 13.58 -48.22 -19.91
N VAL F 213 14.09 -48.58 -18.73
CA VAL F 213 15.21 -49.51 -18.62
C VAL F 213 14.98 -50.59 -17.56
N LYS F 214 15.86 -51.58 -17.52
CA LYS F 214 15.80 -52.68 -16.55
C LYS F 214 16.14 -52.17 -15.14
N LYS F 215 17.37 -51.68 -14.98
CA LYS F 215 17.85 -51.11 -13.72
C LYS F 215 18.05 -49.61 -13.91
N LEU F 216 17.79 -48.83 -12.86
CA LEU F 216 17.94 -47.38 -12.93
C LEU F 216 19.36 -46.98 -13.33
N GLY F 217 20.34 -47.75 -12.88
CA GLY F 217 21.74 -47.49 -13.20
C GLY F 217 22.09 -47.54 -14.67
N ASP F 218 21.18 -48.08 -15.48
CA ASP F 218 21.40 -48.24 -16.91
C ASP F 218 21.57 -46.91 -17.64
N PHE F 219 20.99 -45.84 -17.09
CA PHE F 219 21.12 -44.51 -17.67
C PHE F 219 22.58 -44.04 -17.70
N ALA F 220 23.38 -44.48 -16.74
CA ALA F 220 24.79 -44.14 -16.68
C ALA F 220 25.58 -44.63 -17.90
N LYS F 221 25.20 -45.80 -18.42
CA LYS F 221 25.85 -46.38 -19.59
C LYS F 221 25.49 -45.64 -20.86
N PRO F 222 26.51 -45.22 -21.64
CA PRO F 222 26.36 -44.35 -22.79
C PRO F 222 25.49 -44.85 -23.95
N GLU F 223 25.21 -46.15 -24.00
CA GLU F 223 24.38 -46.69 -25.08
C GLU F 223 22.88 -46.46 -24.85
N ASN F 224 22.51 -46.11 -23.61
CA ASN F 224 21.12 -45.85 -23.25
C ASN F 224 20.77 -44.36 -23.24
N ILE F 225 21.65 -43.53 -23.80
CA ILE F 225 21.52 -42.08 -23.74
C ILE F 225 20.19 -41.53 -24.25
N ASP F 226 19.65 -42.11 -25.32
CA ASP F 226 18.37 -41.67 -25.89
C ASP F 226 17.19 -41.91 -24.95
N LEU F 227 17.17 -43.08 -24.31
CA LEU F 227 16.11 -43.45 -23.40
C LEU F 227 16.27 -42.78 -22.04
N ALA F 228 17.52 -42.41 -21.72
CA ALA F 228 17.83 -41.67 -20.51
C ALA F 228 17.32 -40.23 -20.59
N VAL F 229 17.70 -39.55 -21.67
CA VAL F 229 17.29 -38.19 -21.97
C VAL F 229 15.76 -38.08 -22.07
N GLN F 230 15.10 -39.21 -22.32
CA GLN F 230 13.65 -39.23 -22.41
C GLN F 230 12.97 -39.31 -21.04
N CYS F 231 13.51 -40.14 -20.16
CA CYS F 231 13.01 -40.25 -18.78
C CYS F 231 13.20 -38.94 -18.02
N LEU F 232 14.36 -38.32 -18.24
CA LEU F 232 14.66 -37.00 -17.70
C LEU F 232 13.52 -36.05 -18.04
N ASN F 233 13.22 -35.90 -19.33
CA ASN F 233 12.15 -35.02 -19.79
C ASN F 233 10.80 -35.32 -19.16
N GLU F 234 10.48 -36.60 -19.02
CA GLU F 234 9.27 -36.99 -18.31
C GLU F 234 9.25 -36.48 -16.88
N LEU F 235 10.36 -36.63 -16.16
CA LEU F 235 10.46 -36.18 -14.77
C LEU F 235 10.41 -34.66 -14.62
N ILE F 236 11.08 -33.97 -15.53
CA ILE F 236 11.05 -32.50 -15.57
C ILE F 236 9.61 -32.02 -15.74
N THR F 237 8.88 -32.66 -16.65
CA THR F 237 7.48 -32.33 -16.91
C THR F 237 6.65 -32.47 -15.63
N ASN F 238 6.89 -33.52 -14.85
CA ASN F 238 6.26 -33.67 -13.54
C ASN F 238 6.56 -32.44 -12.66
N ALA F 239 7.83 -32.10 -12.52
CA ALA F 239 8.26 -31.01 -11.64
C ALA F 239 7.68 -29.65 -12.03
N LEU F 240 7.55 -29.39 -13.33
CA LEU F 240 6.93 -28.17 -13.83
C LEU F 240 5.51 -27.92 -13.32
N HIS F 241 4.82 -29.00 -12.95
CA HIS F 241 3.45 -28.90 -12.45
C HIS F 241 3.31 -28.10 -11.16
N HIS F 242 4.42 -27.91 -10.45
CA HIS F 242 4.43 -27.11 -9.22
C HIS F 242 4.54 -25.60 -9.44
N ILE F 243 4.88 -25.19 -10.65
CA ILE F 243 5.14 -23.76 -10.90
C ILE F 243 3.96 -22.82 -10.63
N PRO F 244 2.73 -23.18 -11.05
CA PRO F 244 1.65 -22.25 -10.70
C PRO F 244 1.50 -22.04 -9.20
N ASP F 245 1.57 -23.11 -8.40
CA ASP F 245 1.64 -22.98 -6.94
C ASP F 245 2.77 -22.09 -6.48
N VAL F 246 3.96 -22.25 -7.07
CA VAL F 246 5.11 -21.43 -6.69
C VAL F 246 4.84 -19.94 -6.96
N ILE F 247 4.31 -19.64 -8.14
CA ILE F 247 3.91 -18.27 -8.48
C ILE F 247 2.89 -17.69 -7.51
N THR F 248 1.82 -18.44 -7.22
CA THR F 248 0.79 -17.96 -6.30
C THR F 248 1.37 -17.78 -4.90
N TYR F 249 2.18 -18.72 -4.42
CA TYR F 249 2.78 -18.57 -3.10
C TYR F 249 3.58 -17.28 -2.99
N LEU F 250 4.48 -17.06 -3.94
CA LEU F 250 5.37 -15.90 -3.90
C LEU F 250 4.59 -14.58 -4.04
N SER F 251 3.51 -14.59 -4.82
CA SER F 251 2.72 -13.39 -5.11
C SER F 251 2.01 -12.88 -3.85
N ARG F 252 1.85 -13.77 -2.89
CA ARG F 252 1.21 -13.37 -1.64
C ARG F 252 2.15 -12.61 -0.69
N LEU F 253 3.45 -12.87 -0.77
CA LEU F 253 4.42 -12.31 0.18
C LEU F 253 4.45 -10.77 0.14
N ARG F 254 4.56 -10.15 1.31
CA ARG F 254 4.62 -8.69 1.43
C ARG F 254 5.92 -8.20 2.09
N ASN F 255 6.66 -9.10 2.72
CA ASN F 255 7.95 -8.75 3.31
C ASN F 255 9.14 -8.99 2.37
N GLN F 256 9.95 -7.95 2.13
CA GLN F 256 11.09 -8.05 1.20
C GLN F 256 12.08 -9.13 1.61
N SER F 257 12.38 -9.20 2.90
CA SER F 257 13.40 -10.16 3.35
C SER F 257 12.93 -11.59 3.13
N VAL F 258 11.67 -11.85 3.46
CA VAL F 258 11.06 -13.15 3.18
C VAL F 258 10.97 -13.41 1.67
N PHE F 259 10.52 -12.44 0.89
CA PHE F 259 10.47 -12.61 -0.55
C PHE F 259 11.80 -13.06 -1.15
N ASN F 260 12.91 -12.39 -0.79
CA ASN F 260 14.22 -12.76 -1.32
C ASN F 260 14.58 -14.20 -0.95
N PHE F 261 14.31 -14.57 0.29
CA PHE F 261 14.66 -15.90 0.78
C PHE F 261 13.87 -16.98 0.05
N CYS F 262 12.60 -16.72 -0.23
CA CYS F 262 11.75 -17.70 -0.90
C CYS F 262 11.96 -17.70 -2.42
N ALA F 263 12.13 -16.52 -3.00
CA ALA F 263 12.05 -16.39 -4.45
C ALA F 263 13.34 -16.86 -5.14
N ILE F 264 14.47 -16.48 -4.56
CA ILE F 264 15.75 -16.78 -5.20
C ILE F 264 15.95 -18.29 -5.43
N PRO F 265 15.72 -19.12 -4.40
CA PRO F 265 15.89 -20.56 -4.62
C PRO F 265 14.98 -21.11 -5.72
N GLN F 266 13.72 -20.66 -5.76
CA GLN F 266 12.79 -21.08 -6.80
C GLN F 266 13.29 -20.75 -8.21
N VAL F 267 13.79 -19.53 -8.39
CA VAL F 267 14.31 -19.10 -9.69
C VAL F 267 15.54 -19.93 -10.07
N MET F 268 16.41 -20.21 -9.11
CA MET F 268 17.56 -21.05 -9.38
C MET F 268 17.09 -22.46 -9.77
N ALA F 269 16.01 -22.93 -9.16
CA ALA F 269 15.51 -24.26 -9.49
C ALA F 269 15.00 -24.32 -10.93
N ILE F 270 14.27 -23.28 -11.32
CA ILE F 270 13.78 -23.15 -12.69
C ILE F 270 14.91 -23.03 -13.70
N ALA F 271 15.90 -22.19 -13.42
CA ALA F 271 17.13 -22.14 -14.23
C ALA F 271 17.76 -23.53 -14.41
N THR F 272 17.80 -24.31 -13.34
CA THR F 272 18.42 -25.63 -13.36
C THR F 272 17.66 -26.63 -14.24
N LEU F 273 16.36 -26.71 -14.05
CA LEU F 273 15.49 -27.52 -14.91
C LEU F 273 15.58 -27.13 -16.38
N ALA F 274 15.64 -25.83 -16.66
CA ALA F 274 15.84 -25.37 -18.04
C ALA F 274 17.20 -25.79 -18.59
N ALA F 275 18.23 -25.78 -17.76
CA ALA F 275 19.55 -26.27 -18.19
C ALA F 275 19.54 -27.78 -18.41
N CYS F 276 18.84 -28.50 -17.54
CA CYS F 276 18.81 -29.95 -17.59
C CYS F 276 17.90 -30.51 -18.68
N TYR F 277 16.90 -29.73 -19.13
CA TYR F 277 15.92 -30.24 -20.08
C TYR F 277 16.56 -30.71 -21.39
N ASN F 278 16.19 -31.92 -21.83
CA ASN F 278 16.70 -32.54 -23.04
C ASN F 278 18.22 -32.63 -23.12
N ASN F 279 18.88 -32.71 -21.97
CA ASN F 279 20.32 -32.52 -21.90
C ASN F 279 21.09 -33.79 -21.51
N GLN F 280 21.81 -34.34 -22.48
CA GLN F 280 22.62 -35.55 -22.27
C GLN F 280 23.63 -35.38 -21.15
N GLN F 281 24.17 -34.18 -21.04
CA GLN F 281 25.20 -33.84 -20.07
C GLN F 281 24.82 -34.12 -18.61
N VAL F 282 23.53 -34.31 -18.35
CA VAL F 282 23.05 -34.71 -17.03
C VAL F 282 23.65 -36.06 -16.62
N PHE F 283 23.90 -36.90 -17.60
CA PHE F 283 24.37 -38.26 -17.37
C PHE F 283 25.89 -38.39 -17.46
N LYS F 284 26.56 -37.34 -17.93
CA LYS F 284 28.01 -37.30 -17.98
C LYS F 284 28.61 -36.63 -16.75
N GLY F 285 27.91 -35.64 -16.18
CA GLY F 285 28.36 -34.95 -14.99
C GLY F 285 27.37 -33.92 -14.46
N ALA F 286 27.85 -33.00 -13.64
CA ALA F 286 27.04 -31.91 -13.12
C ALA F 286 26.80 -30.84 -14.18
N VAL F 287 25.54 -30.48 -14.38
CA VAL F 287 25.17 -29.47 -15.37
C VAL F 287 25.09 -28.09 -14.71
N LYS F 288 25.65 -27.09 -15.37
CA LYS F 288 25.66 -25.73 -14.86
C LYS F 288 24.67 -24.81 -15.58
N ILE F 289 24.04 -23.93 -14.82
CA ILE F 289 23.04 -22.99 -15.33
C ILE F 289 23.63 -21.93 -16.28
N ARG F 290 23.19 -21.94 -17.54
CA ARG F 290 23.71 -21.00 -18.53
C ARG F 290 22.88 -19.72 -18.59
N LYS F 291 23.43 -18.71 -19.26
CA LYS F 291 22.91 -17.33 -19.26
C LYS F 291 21.46 -17.15 -19.72
N GLY F 292 20.87 -16.02 -19.33
CA GLY F 292 19.55 -15.62 -19.79
C GLY F 292 19.61 -14.58 -20.89
N GLN F 293 18.44 -14.29 -21.47
CA GLN F 293 18.30 -13.28 -22.51
C GLN F 293 18.30 -11.87 -21.94
N ALA F 294 18.93 -10.95 -22.66
CA ALA F 294 19.22 -9.57 -22.24
C ALA F 294 18.17 -8.89 -21.35
N VAL F 295 16.91 -9.06 -21.72
CA VAL F 295 15.79 -8.45 -20.99
C VAL F 295 15.71 -8.93 -19.54
N THR F 296 15.78 -10.24 -19.33
CA THR F 296 15.71 -10.79 -17.99
C THR F 296 17.04 -10.70 -17.23
N LEU F 297 18.13 -10.49 -17.96
CA LEU F 297 19.41 -10.15 -17.35
C LEU F 297 19.38 -8.74 -16.75
N MET F 298 18.45 -7.92 -17.23
CA MET F 298 18.23 -6.56 -16.73
C MET F 298 17.45 -6.48 -15.43
N MET F 299 17.06 -7.63 -14.90
CA MET F 299 16.27 -7.70 -13.67
C MET F 299 16.81 -8.77 -12.72
N ASP F 300 16.41 -8.63 -11.47
CA ASP F 300 16.87 -9.53 -10.42
C ASP F 300 15.61 -10.16 -9.85
N ALA F 301 15.77 -11.18 -9.01
CA ALA F 301 14.61 -11.91 -8.52
C ALA F 301 14.07 -11.35 -7.21
N THR F 302 13.92 -10.03 -7.10
CA THR F 302 13.53 -9.40 -5.83
C THR F 302 12.23 -8.61 -5.89
N ASN F 303 11.55 -8.62 -7.03
CA ASN F 303 10.15 -8.20 -7.08
C ASN F 303 9.39 -9.21 -7.92
N MET F 304 8.11 -9.36 -7.64
CA MET F 304 7.28 -10.39 -8.25
C MET F 304 7.13 -10.31 -9.78
N PRO F 305 6.93 -9.12 -10.36
CA PRO F 305 6.89 -9.11 -11.82
C PRO F 305 8.21 -9.50 -12.48
N ALA F 306 9.34 -9.14 -11.89
CA ALA F 306 10.63 -9.60 -12.42
C ALA F 306 10.78 -11.12 -12.28
N VAL F 307 10.40 -11.68 -11.14
CA VAL F 307 10.41 -13.14 -10.95
C VAL F 307 9.58 -13.85 -12.01
N LYS F 308 8.38 -13.34 -12.26
CA LYS F 308 7.52 -13.91 -13.30
C LYS F 308 8.17 -13.88 -14.67
N ALA F 309 8.77 -12.74 -15.00
CA ALA F 309 9.41 -12.57 -16.31
C ALA F 309 10.57 -13.55 -16.47
N ILE F 310 11.40 -13.71 -15.45
CA ILE F 310 12.44 -14.74 -15.45
C ILE F 310 11.89 -16.15 -15.67
N ILE F 311 10.84 -16.50 -14.93
CA ILE F 311 10.19 -17.81 -15.08
C ILE F 311 9.69 -18.03 -16.51
N TYR F 312 9.01 -17.03 -17.09
CA TYR F 312 8.49 -17.16 -18.45
C TYR F 312 9.59 -17.30 -19.49
N GLN F 313 10.71 -16.61 -19.28
CA GLN F 313 11.89 -16.74 -20.14
C GLN F 313 12.39 -18.19 -20.14
N TYR F 314 12.59 -18.75 -18.96
CA TYR F 314 12.98 -20.15 -18.85
C TYR F 314 11.93 -21.12 -19.40
N MET F 315 10.64 -20.85 -19.25
CA MET F 315 9.60 -21.71 -19.83
C MET F 315 9.73 -21.79 -21.35
N GLU F 316 10.02 -20.66 -21.97
CA GLU F 316 10.24 -20.64 -23.41
C GLU F 316 11.53 -21.32 -23.83
N GLU F 317 12.59 -21.22 -23.03
CA GLU F 317 13.83 -21.93 -23.32
C GLU F 317 13.61 -23.43 -23.36
N ILE F 318 12.71 -23.91 -22.51
CA ILE F 318 12.31 -25.32 -22.53
C ILE F 318 11.39 -25.59 -23.70
N TYR F 319 10.36 -24.77 -23.86
CA TYR F 319 9.36 -24.96 -24.90
C TYR F 319 10.00 -25.08 -26.27
N HIS F 320 10.91 -24.18 -26.59
CA HIS F 320 11.55 -24.13 -27.90
C HIS F 320 12.37 -25.39 -28.21
N ARG F 321 12.78 -26.10 -27.15
CA ARG F 321 13.65 -27.26 -27.33
C ARG F 321 12.98 -28.62 -27.21
N ILE F 322 11.67 -28.64 -26.95
CA ILE F 322 10.93 -29.90 -26.84
C ILE F 322 10.97 -30.60 -28.20
N PRO F 323 11.53 -31.82 -28.25
CA PRO F 323 11.55 -32.52 -29.54
C PRO F 323 10.23 -33.22 -29.82
N ASP F 324 9.80 -33.20 -31.08
CA ASP F 324 8.60 -33.90 -31.52
C ASP F 324 8.59 -35.39 -31.22
N SER F 325 9.77 -36.00 -31.25
CA SER F 325 9.90 -37.43 -31.00
C SER F 325 9.82 -37.79 -29.52
N ASP F 326 10.09 -36.85 -28.63
CA ASP F 326 10.02 -37.10 -27.19
C ASP F 326 8.63 -37.59 -26.78
N PRO F 327 8.57 -38.66 -25.96
CA PRO F 327 7.29 -39.22 -25.56
C PRO F 327 6.40 -38.29 -24.74
N SER F 328 6.99 -37.39 -23.97
CA SER F 328 6.26 -36.47 -23.10
C SER F 328 5.92 -35.12 -23.75
N SER F 329 6.27 -34.96 -25.02
CA SER F 329 6.17 -33.66 -25.70
C SER F 329 4.82 -32.96 -25.55
N SER F 330 3.73 -33.71 -25.62
CA SER F 330 2.41 -33.14 -25.45
C SER F 330 2.22 -32.61 -24.03
N LYS F 331 2.58 -33.41 -23.04
CA LYS F 331 2.38 -33.06 -21.64
C LYS F 331 3.26 -31.90 -21.18
N THR F 332 4.44 -31.78 -21.78
CA THR F 332 5.34 -30.66 -21.51
C THR F 332 4.77 -29.36 -22.08
N ARG F 333 4.34 -29.39 -23.33
CA ARG F 333 3.70 -28.23 -23.95
C ARG F 333 2.44 -27.83 -23.19
N GLN F 334 1.64 -28.81 -22.77
CA GLN F 334 0.44 -28.54 -22.00
C GLN F 334 0.72 -27.81 -20.70
N ILE F 335 1.67 -28.33 -19.91
CA ILE F 335 1.93 -27.74 -18.61
C ILE F 335 2.47 -26.32 -18.77
N ILE F 336 3.31 -26.12 -19.78
CA ILE F 336 3.83 -24.78 -20.07
C ILE F 336 2.73 -23.81 -20.50
N SER F 337 1.81 -24.26 -21.33
CA SER F 337 0.68 -23.40 -21.72
C SER F 337 -0.20 -23.00 -20.55
N THR F 338 -0.37 -23.92 -19.60
CA THR F 338 -1.13 -23.69 -18.39
C THR F 338 -0.42 -22.66 -17.51
N ILE F 339 0.91 -22.75 -17.44
CA ILE F 339 1.69 -21.78 -16.68
C ILE F 339 1.50 -20.40 -17.30
N ARG F 340 1.44 -20.37 -18.64
CA ARG F 340 1.28 -19.12 -19.37
C ARG F 340 -0.12 -18.49 -19.32
N THR F 341 -1.12 -19.25 -18.92
CA THR F 341 -2.49 -18.74 -18.80
C THR F 341 -3.06 -18.95 -17.41
N GLN F 342 -2.33 -18.49 -16.39
CA GLN F 342 -2.73 -18.57 -14.99
C GLN F 342 -3.82 -17.54 -14.72
CAA ZGA G . -14.99 32.59 0.46
CAB ZGA G . -23.12 22.23 -0.61
CAC ZGA G . -13.13 32.47 -3.54
CAD ZGA G . -18.76 21.40 3.98
CAE ZGA G . -20.04 22.53 -0.32
CAF ZGA G . -12.11 30.74 1.34
OAG ZGA G . -14.99 31.19 -2.69
OAH ZGA G . -20.48 26.06 3.89
OAI ZGA G . -20.20 33.14 4.55
OAJ ZGA G . -20.88 28.52 5.83
OAK ZGA G . -17.94 27.32 6.13
OAL ZGA G . -21.28 31.76 5.88
OAM ZGA G . -19.73 29.46 7.42
OAN ZGA G . -16.05 28.01 5.29
OAO ZGA G . -20.03 29.52 1.52
OAP ZGA G . -18.12 30.71 5.96
CAQ ZGA G . -18.92 24.56 2.89
CAR ZGA G . -19.66 23.49 3.17
CAS ZGA G . -9.91 25.87 1.86
CAT ZGA G . -9.29 27.02 1.37
CAU ZGA G . -11.27 25.69 1.63
CAV ZGA G . -10.03 27.98 0.69
CAW ZGA G . -12.03 26.64 0.96
CAX ZGA G . -22.22 21.43 0.32
CAY ZGA G . -16.16 30.38 0.97
CAZ ZGA G . -17.19 31.21 1.69
CBA ZGA G . -12.15 28.87 -0.28
CBB ZGA G . -20.31 21.42 1.96
OBC ZGA G . -13.24 31.31 -1.25
OBD ZGA G . -18.49 26.97 3.04
OBE ZGA G . -18.93 31.35 3.27
OBF ZGA G . -17.28 29.79 3.66
CBG ZGA G . -13.87 31.64 -2.52
CBH ZGA G . -19.39 25.88 3.33
CBI ZGA G . -15.04 31.24 0.37
CBJ ZGA G . -20.47 31.98 4.94
CBK ZGA G . -19.94 29.24 6.21
CBL ZGA G . -17.31 28.04 5.32
CBM ZGA G . -11.40 27.79 0.50
CBN ZGA G . -19.19 22.13 2.71
CBO ZGA G . -20.99 22.19 0.83
CBP ZGA G . -13.01 29.77 0.58
CBQ ZGA G . -18.77 29.17 2.09
CBR ZGA G . -13.98 30.47 -0.36
CBS ZGA G . -19.81 30.81 4.25
CBT ZGA G . -18.97 28.28 3.33
CBU ZGA G . -19.03 29.91 5.21
CBV ZGA G . -18.06 30.41 2.64
CBW ZGA G . -18.12 28.95 4.42
P PO4 H . -6.66 31.00 -15.59
O1 PO4 H . -7.70 31.78 -14.82
O2 PO4 H . -5.28 31.58 -15.31
O3 PO4 H . -6.76 29.53 -15.27
O4 PO4 H . -6.89 31.16 -17.07
CAA ZGA I . -15.67 0.44 37.48
CAB ZGA I . -19.12 10.78 29.15
CAC ZGA I . -12.01 2.03 38.87
CAD ZGA I . -17.63 5.11 26.76
CAE ZGA I . -17.01 8.68 29.48
CAF ZGA I . -13.70 -1.17 35.10
OAG ZGA I . -13.73 3.13 37.59
OAH ZGA I . -20.55 4.37 30.75
OAI ZGA I . -22.58 0.21 36.41
OAJ ZGA I . -22.66 2.08 32.12
OAK ZGA I . -20.16 0.76 30.48
OAL ZGA I . -23.74 0.93 34.70
OAM ZGA I . -22.81 -0.08 31.79
OAN ZGA I . -18.44 -0.22 31.43
OAO ZGA I . -19.60 3.98 34.93
OAP ZGA I . -21.00 -0.75 33.52
CAQ ZGA I . -18.34 4.70 29.94
CAR ZGA I . -18.74 5.41 28.90
CAS ZGA I . -11.09 -1.10 30.42
CAT ZGA I . -10.55 -1.56 31.63
CAU ZGA I . -12.00 -0.04 30.43
CAV ZGA I . -10.96 -0.98 32.83
CAW ZGA I . -12.40 0.54 31.65
CAX ZGA I . -18.90 9.66 28.14
CAY ZGA I . -16.56 1.31 35.27
CAZ ZGA I . -17.93 1.44 35.94
CBA ZGA I . -12.29 0.71 34.14
CBB ZGA I . -18.11 7.43 27.60
OBC ZGA I . -13.07 1.09 36.79
OBD ZGA I . -18.82 3.12 31.78
OBE ZGA I . -20.29 1.35 35.48
OBF ZGA I . -18.80 0.81 33.74
CBG ZGA I . -12.99 2.18 37.74
CBH ZGA I . -19.34 4.09 30.84
CBI ZGA I . -15.44 0.96 36.25
CBJ ZGA I . -22.66 0.79 35.31
CBK ZGA I . -22.28 0.91 32.35
CBL ZGA I . -19.44 0.52 31.47
CBM ZGA I . -11.89 0.05 32.85
CBN ZGA I . -17.70 6.01 27.99
CBO ZGA I . -18.33 8.39 28.76
CBP ZGA I . -13.68 0.29 34.62
CBQ ZGA I . -18.98 2.96 34.16
CBR ZGA I . -14.05 1.23 35.76
CBS ZGA I . -21.44 1.37 34.65
CBT ZGA I . -19.67 2.69 32.83
CBU ZGA I . -21.14 0.67 33.32
CBV ZGA I . -19.01 1.63 34.90
CBW ZGA I . -19.80 1.16 32.79
P PO4 J . 0.46 6.65 42.33
O1 PO4 J . -0.98 6.37 42.70
O2 PO4 J . 1.24 5.38 42.58
O3 PO4 J . 0.56 7.04 40.86
O4 PO4 J . 0.95 7.76 43.21
MG MG K . 4.44 -4.98 16.57
CAA ZGA L . -32.93 -12.72 -6.15
CAB ZGA L . -31.06 -10.72 5.88
CAC ZGA L . -31.12 -16.58 -5.87
CAD ZGA L . -28.77 -8.27 2.99
CAE ZGA L . -32.25 -7.13 6.37
CAF ZGA L . -29.70 -11.77 -7.02
OAG ZGA L . -31.76 -15.12 -4.05
OAH ZGA L . -33.27 -9.21 0.97
OAI ZGA L . -37.59 -7.78 -4.72
OAJ ZGA L . -35.21 -5.69 -1.25
OAK ZGA L . -32.14 -5.44 -2.27
OAL ZGA L . -37.52 -6.13 -3.28
OAM ZGA L . -34.98 -4.37 -3.02
OAN ZGA L . -31.17 -6.74 -3.75
OAO ZGA L . -34.90 -10.19 -1.30
OAP ZGA L . -34.53 -6.29 -4.64
CAQ ZGA L . -31.03 -8.52 1.38
CAR ZGA L . -31.14 -8.87 2.66
CAS ZGA L . -24.76 -10.04 -5.47
CAT ZGA L . -25.03 -10.99 -6.47
CAU ZGA L . -25.63 -9.98 -4.39
CAV ZGA L . -26.15 -11.82 -6.39
CAW ZGA L . -26.75 -10.81 -4.31
CAX ZGA L . -32.01 -9.55 5.89
CAY ZGA L . -32.44 -11.19 -4.22
CAZ ZGA L . -33.90 -10.75 -4.32
CBA ZGA L . -28.22 -12.67 -5.21
CBB ZGA L . -30.43 -7.80 4.79
OBC ZGA L . -30.60 -14.12 -5.73
OBD ZGA L . -32.20 -8.23 -0.86
OBE ZGA L . -35.42 -8.97 -3.75
OBF ZGA L . -33.16 -8.45 -3.83
CBG ZGA L . -31.21 -15.28 -5.13
CBH ZGA L . -32.24 -8.68 0.52
CBI ZGA L . -32.07 -12.30 -5.18
CBJ ZGA L . -37.04 -7.18 -3.78
CBK ZGA L . -34.96 -5.49 -2.46
CBL ZGA L . -32.12 -6.48 -2.96
CBM ZGA L . -27.02 -11.74 -5.31
CBN ZGA L . -30.03 -8.78 3.68
CBO ZGA L . -31.27 -8.23 6.00
CBP ZGA L . -29.58 -12.02 -5.51
CBQ ZGA L . -33.79 -9.64 -2.03
CBR ZGA L . -30.70 -12.90 -5.00
CBS ZGA L . -35.78 -7.72 -3.16
CBT ZGA L . -33.43 -8.22 -1.58
CBU ZGA L . -34.63 -6.71 -3.28
CBV ZGA L . -34.10 -9.47 -3.50
CBW ZGA L . -33.31 -7.40 -2.88
P PO4 M . -24.15 -28.46 -5.09
O1 PO4 M . -25.50 -27.78 -5.16
O2 PO4 M . -23.63 -28.66 -6.48
O3 PO4 M . -23.20 -27.70 -4.20
O4 PO4 M . -24.39 -29.81 -4.44
CAA ZGA N . 36.80 15.18 -2.53
CAB ZGA N . 36.35 1.74 -2.07
CAC ZGA N . 36.67 16.05 1.75
CAD ZGA N . 33.98 5.19 -1.32
CAE ZGA N . 33.00 2.80 -3.70
CAF ZGA N . 33.43 15.65 -2.28
OAG ZGA N . 36.95 13.82 0.92
OAH ZGA N . 36.53 7.29 -4.13
OAI ZGA N . 39.55 12.77 -8.40
OAJ ZGA N . 37.08 8.69 -8.40
OAK ZGA N . 34.06 9.57 -7.73
OAL ZGA N . 39.18 10.90 -9.47
OAM ZGA N . 36.33 10.01 -9.99
OAN ZGA N . 33.48 11.31 -6.54
OAO ZGA N . 38.57 9.92 -4.55
OAP ZGA N . 36.23 12.12 -8.50
CAQ ZGA N . 34.15 7.02 -4.43
CAR ZGA N . 33.79 6.01 -3.65
CAS ZGA N . 28.55 13.52 -1.68
CAT ZGA N . 28.93 14.73 -1.11
CAU ZGA N . 29.49 12.51 -1.85
CAV ZGA N . 30.25 14.93 -0.71
CAW ZGA N . 30.81 12.72 -1.44
CAX ZGA N . 35.14 1.62 -2.97
CAY ZGA N . 36.14 12.84 -3.15
CAZ ZGA N . 37.33 12.90 -4.10
CBA ZGA N . 32.63 14.15 -0.44
CBB ZGA N . 35.15 4.06 -3.28
OBC ZGA N . 35.39 15.12 -0.20
OBD ZGA N . 35.27 9.09 -4.96
OBE ZGA N . 38.19 12.06 -6.22
OBF ZGA N . 35.93 11.89 -5.81
CBG ZGA N . 36.39 14.90 0.84
CBH ZGA N . 35.44 7.74 -4.47
CBI ZGA N . 36.03 14.09 -2.28
CBJ ZGA N . 39.03 11.64 -8.48
CBK ZGA N . 36.70 9.81 -8.81
CBL ZGA N . 34.35 10.52 -6.98
CBM ZGA N . 31.21 13.93 -0.88
CBN ZGA N . 34.72 5.37 -2.64
CBO ZGA N . 34.28 2.88 -2.86
CBP ZGA N . 33.63 14.30 -1.60
CBQ ZGA N . 37.23 10.42 -4.67
CBR ZGA N . 35.07 14.08 -1.13
CBS ZGA N . 38.15 11.17 -7.35
CBT ZGA N . 36.36 9.66 -5.67
CBU ZGA N . 36.71 10.95 -7.82
CBV ZGA N . 37.21 11.86 -5.20
CBW ZGA N . 35.81 10.72 -6.61
P PO4 O . 34.45 18.07 15.11
O1 PO4 O . 35.40 18.13 13.93
O2 PO4 O . 33.64 19.34 15.17
O3 PO4 O . 33.54 16.88 14.99
O4 PO4 O . 35.27 17.91 16.36
MG MG P . 8.28 12.78 4.92
CAA ZGA Q . 6.40 -5.74 -35.06
CAB ZGA Q . 17.66 -0.83 -29.05
CAC ZGA Q . 4.47 -1.83 -35.71
CAD ZGA Q . 13.69 -4.35 -25.71
CAE ZGA Q . 14.47 -0.99 -28.44
CAF ZGA Q . 4.51 -5.72 -32.24
OAG ZGA Q . 6.69 -2.42 -35.08
OAH ZGA Q . 14.01 -6.36 -30.20
OAI ZGA Q . 11.33 -10.43 -35.58
OAJ ZGA Q . 13.77 -9.46 -31.67
OAK ZGA Q . 11.45 -9.03 -29.40
OAL ZGA Q . 13.15 -10.81 -34.41
OAM ZGA Q . 12.61 -11.32 -31.45
OAN ZGA Q . 9.34 -8.49 -29.77
OAO ZGA Q . 12.23 -6.01 -33.91
OAP ZGA Q . 10.46 -10.43 -32.44
CAQ ZGA Q . 12.91 -4.78 -28.87
CAR ZGA Q . 14.00 -4.58 -28.12
CAS ZGA Q . 4.03 -4.43 -27.03
CAT ZGA Q . 2.98 -4.31 -27.95
CAU ZGA Q . 5.35 -4.23 -27.43
CAV ZGA Q . 3.25 -4.01 -29.28
CAW ZGA Q . 5.61 -3.94 -28.76
CAX ZGA Q . 16.90 -1.21 -27.80
CAY ZGA Q . 8.17 -5.74 -33.28
CAZ ZGA Q . 9.01 -6.60 -34.23
CBA ZGA Q . 4.88 -3.49 -31.13
CBB ZGA Q . 15.28 -2.79 -26.88
OBC ZGA Q . 5.10 -3.55 -33.91
OBD ZGA Q . 11.71 -6.16 -30.58
OBE ZGA Q . 10.79 -8.18 -34.37
OBF ZGA Q . 9.76 -7.87 -32.29
CBG ZGA Q . 5.49 -2.58 -34.91
CBH ZGA Q . 12.96 -5.80 -29.93
CBI ZGA Q . 6.88 -5.22 -33.91
CBJ ZGA Q . 12.13 -10.15 -34.66
CBK ZGA Q . 12.71 -10.11 -31.77
CBL ZGA Q . 10.55 -8.61 -30.15
CBM ZGA Q . 4.58 -3.82 -29.69
CBN ZGA Q . 13.97 -3.57 -26.99
CBO ZGA Q . 15.61 -1.95 -28.11
CBP ZGA Q . 5.54 -4.64 -31.88
CBQ ZGA Q . 11.22 -6.26 -32.92
CBR ZGA Q . 6.18 -4.12 -33.17
CBS ZGA Q . 11.83 -8.97 -33.77
CBT ZGA Q . 11.80 -7.01 -31.72
CBU ZGA Q . 11.49 -9.44 -32.36
CBV ZGA Q . 10.18 -7.23 -33.49
CBW ZGA Q . 10.93 -8.26 -31.57
P PO4 R . -2.31 9.85 -36.28
O1 PO4 R . -1.47 8.83 -37.00
O2 PO4 R . -3.77 9.46 -36.42
O3 PO4 R . -1.83 9.92 -34.85
O4 PO4 R . -2.09 11.16 -36.99
CAA ZGA S . 20.09 -30.32 4.83
CAB ZGA S . 16.78 -26.58 -5.86
CAC ZGA S . 15.85 -31.75 5.44
CAD ZGA S . 19.38 -22.03 -3.83
CAE ZGA S . 19.08 -25.32 -7.61
CAF ZGA S . 18.52 -27.50 6.27
OAG ZGA S . 17.00 -31.20 3.41
OAH ZGA S . 22.57 -25.55 -2.42
OAI ZGA S . 26.20 -30.14 1.79
OAJ ZGA S . 25.49 -26.31 -1.09
OAK ZGA S . 23.65 -24.31 0.60
OAL ZGA S . 27.06 -28.98 0.15
OAM ZGA S . 26.61 -25.76 0.69
OAN ZGA S . 22.48 -24.84 2.37
OAO ZGA S . 22.18 -29.45 -0.78
OAP ZGA S . 25.24 -26.94 2.37
CAQ ZGA S . 20.35 -24.82 -2.34
CAR ZGA S . 20.43 -24.23 -3.52
CAS ZGA S . 16.11 -22.88 5.78
CAT ZGA S . 15.82 -23.90 6.69
CAU ZGA S . 16.56 -23.18 4.50
CAV ZGA S . 15.99 -25.22 6.32
CAW ZGA S . 16.72 -24.52 4.13
CAX ZGA S . 18.08 -25.93 -5.41
CAY ZGA S . 20.25 -28.88 2.77
CAZ ZGA S . 21.57 -29.59 2.45
CBA ZGA S . 16.64 -26.98 4.63
CBB ZGA S . 19.36 -23.74 -5.68
OBC ZGA S . 17.44 -29.79 5.19
OBD ZGA S . 21.44 -26.14 -0.47
OBE ZGA S . 23.76 -29.37 1.42
OBF ZGA S . 22.67 -27.43 2.04
CBG ZGA S . 16.78 -30.93 4.59
CBH ZGA S . 21.54 -25.51 -1.78
CBI ZGA S . 19.53 -29.41 4.01
CBJ ZGA S . 26.10 -29.29 0.89
CBK ZGA S . 25.67 -26.35 0.15
CBL ZGA S . 23.13 -25.16 1.35
CBM ZGA S . 16.45 -25.54 5.04
CBN ZGA S . 19.27 -23.51 -4.17
CBO ZGA S . 18.46 -24.78 -6.33
CBP ZGA S . 18.06 -27.52 4.82
CBQ ZGA S . 21.86 -28.43 0.17
CBR ZGA S . 18.12 -28.93 4.26
CBS ZGA S . 24.76 -28.63 0.70
CBT ZGA S . 22.48 -27.09 -0.19
CBU ZGA S . 24.74 -27.14 1.04
CBV ZGA S . 22.47 -28.75 1.55
CBW ZGA S . 23.29 -26.64 1.04
P PO4 T . 2.37 -35.33 7.50
O1 PO4 T . 3.67 -35.99 7.12
O2 PO4 T . 2.40 -34.95 8.96
O3 PO4 T . 2.14 -34.09 6.66
O4 PO4 T . 1.21 -36.28 7.26
#